data_9AWJ
#
_entry.id   9AWJ
#
_cell.length_a   1.00
_cell.length_b   1.00
_cell.length_c   1.00
_cell.angle_alpha   90.00
_cell.angle_beta   90.00
_cell.angle_gamma   90.00
#
_symmetry.space_group_name_H-M   'P 1'
#
loop_
_entity.id
_entity.type
_entity.pdbx_description
1 polymer 'Acetylcholine receptor subunit alpha'
2 polymer 'Acetylcholine receptor subunit beta'
3 polymer 'Acetylcholine receptor subunit delta'
4 polymer 'Acetylcholine receptor subunit epsilon'
5 branched alpha-D-mannopyranose-(1-2)-alpha-D-mannopyranose-(1-3)-[alpha-D-mannopyranose-(1-2)-alpha-D-mannopyranose-(1-6)]alpha-D-mannopyranose-(1-6)-[alpha-D-mannopyranose-(1-2)-alpha-D-mannopyranose-(1-3)]beta-D-mannopyranose-(1-4)-2-acetamido-2-deoxy-beta-D-glucopyranose-(1-4)-2-acetamido-2-deoxy-beta-D-glucopyranose
6 branched alpha-D-mannopyranose-(1-6)-beta-D-mannopyranose-(1-4)-2-acetamido-2-deoxy-beta-D-glucopyranose-(1-4)-2-acetamido-2-deoxy-beta-D-glucopyranose
7 branched alpha-D-mannopyranose-(1-2)-alpha-D-mannopyranose-(1-6)-[alpha-D-mannopyranose-(1-3)]alpha-D-mannopyranose-(1-6)-[alpha-D-mannopyranose-(1-2)-alpha-D-mannopyranose-(1-3)]beta-D-mannopyranose-(1-4)-2-acetamido-2-deoxy-beta-D-glucopyranose-(1-4)-2-acetamido-2-deoxy-beta-D-glucopyranose
8 branched alpha-D-mannopyranose-(1-2)-alpha-D-mannopyranose-(1-3)-[alpha-D-mannopyranose-(1-3)-alpha-D-mannopyranose-(1-6)]beta-D-mannopyranose-(1-4)-2-acetamido-2-deoxy-beta-D-glucopyranose-(1-4)-2-acetamido-2-deoxy-beta-D-glucopyranose
9 branched 2-acetamido-2-deoxy-beta-D-glucopyranose-(1-4)-2-acetamido-2-deoxy-beta-D-glucopyranose
10 branched alpha-D-mannopyranose-(1-3)-[alpha-D-mannopyranose-(1-6)]beta-D-mannopyranose-(1-4)-2-acetamido-2-deoxy-beta-D-glucopyranose-(1-4)-2-acetamido-2-deoxy-beta-D-glucopyranose
11 non-polymer ACETYLCHOLINE
12 non-polymer '(2S)-3-(hexadecanoyloxy)-2-[(9Z)-octadec-9-enoyloxy]propyl 2-(trimethylammonio)ethyl phosphate'
13 water water
#
loop_
_entity_poly.entity_id
_entity_poly.type
_entity_poly.pdbx_seq_one_letter_code
_entity_poly.pdbx_strand_id
1 'polypeptide(L)'
;SEHETRLVAKLFEDYNSVVRPVEDHRQAVEVTVGLQLIQLINVDEVNQIVTTNVRLKQQWVDYNLKWNPDDYGGVKKIHI
PSEKIWRPDLVLYNNADGDFAIVKFTKVLLDYTGHITWTPPAIFKSYCEIIVTHFPFDEQNCSMKLGTWTYDGSVVVINP
ESDQPDLSNFMESGEWVIKESRGWKHWVFYACCPSTPYLDITYHFVMQRLPLYFIVNVIIPCLLFSFLTGLVFYLPTDSG
EKMTLSISVLLSLTVFLLVIVELIPSTSSAVPLIGKYMLFTMVFVIASIIITVIVINTHHRSPSTHVMPEWVRKVFIDTI
PNIMFFSTMKRPSREKQDKKIFTEDIDISDISGKPGPPPMGFHSPLIKHPEVKSAIEGIKYIAETMKSDQESNNAAEEWK
YVAMVMDHILLAVFMLVCIIGTLAVFAGRLIELNQQG
;
A,C
2 'polypeptide(L)'
;SEAEGRLREKLFSGYDSTVRPAREVGDRVWVSIGLTLAQLISLNEKDEEMSTKVYLDLEWTDYRLSWDPEEHEGIDSLRI
SAESVWLPDVVLLNNNDGNFDVALDINVVVSSDGSMRWQPPGIYRSSCSIQVTYFPFDWQNCTMVFSSYSYDSSEVSLQT
GLSPEGQERQEVYIHEGTFIENGQWEIIHKPSRLIQPSVDPRGGGEGRREEVTFYLIIRRKPLFYLVNVIAPCILITLLA
IFVFYLPPDAGEKMGLSIFALLTLTVFLLLLADKVPETSLSVPIIIKYLMFTMVLVTFSVILSVVVLNLHHRSPHTHQMP
LWVRQIFIHKLPLYLGLKRPKPERDQMQEPPSIAPRDSPGSGWGRGTDEYFIRKPPNDFLFPKPNRFQPELSAPDLRRFI
DGPNRAVGLPPELREVVSSISYIARQLQEQEDHDVLKEDWQFVAMVVDRLFLWTFIIFTSVGTLVIFLDATYHLPPADPF
P
;
E
3 'polypeptide(L)'
;LNEEERLIRHLFEEKAYNKELRPAAHKESVEISLALTLSNLISLKEVEETLTTNVWIEQGWTDSRLQWDAEDFGNISVLR
LPADMVWLPEIVLENNNDGSFQISYSCNVLIYPSGSVYWLPPAIFRSSCPISVTYFPFDWQNCSLKFSSLKYTTKEITLS
LKQAEEDGRSYPVEWIIIDPEGFTENGEWEIVHRPARVNVDPSVPLDSPNRQDVTFYLIIRRKPLFYVINILVPCVLISF
MINLVFYLPADCGEKTSMAISVLLAQSVFLLLISKRLPATSMAIPLIGKFLLFGMVLVTMVVVICVIVLNIHFRTPSTHV
LSEPVKKLFLETLPEILHMSRPAEDGPSPGTLIRRSSSLGYISKAEEYFSLKSRSDLMFEKQSERHGLARRLTTARRPPA
GSEQAQQELFSELKPAVDGANFIVNHMKDQNNYNEEKDCWNRVARTVDRLCLFVVTPIMVVGTAWIFLQGAYNQPPPQPF
PGDPFSYLEKDKRFI
;
D
4 'polypeptide(L)'
;KNEELRLYHYLFDTYDPGRRPVQEPEDTVTISLKVTLTNLISLNEKEETLTTSVWIGIDWQDYRLNYSKGDFGGVETLRV
PSELVWLPEIVLENNIDGQFGVAYEANVLVSEGGYLSWLPPAIYRSTCAVEVTYFPFDWQNCSLVFRSQTYNAEEVEFVF
AVDDEGKTISKIDIDTEAYTENGEWAIDFCPGVIRRHDGDSAGGPGETDVIYSLIIRRKPLFYVINIIVPCVLISGLVLL
AYFLPAQAGGQKCTVSINVLLAQTVFLFLIAQKTPETSLSVPLLGRYLIFVMVVATLIVMNCVIVLNVSLRTPTTHAMSP
RLRYVLLELLPQLLGSGAPPEIPRAASPPRRASSLGLLLRAEELILKKPRSELVFEQQRHRHGTWTATLCQNLGAAAPEI
RCCVDAVNFVASSTRDQEATGEEVSDWVRMGKALDSICFWAALVLFLVGSSLIFLGAYFNRVPQLPYPPCM
;
B
#
loop_
_chem_comp.id
_chem_comp.type
_chem_comp.name
_chem_comp.formula
ACH non-polymer ACETYLCHOLINE 'C7 H16 N O2 1'
BMA D-saccharide, beta linking beta-D-mannopyranose 'C6 H12 O6'
MAN D-saccharide, alpha linking alpha-D-mannopyranose 'C6 H12 O6'
NAG D-saccharide, beta linking 2-acetamido-2-deoxy-beta-D-glucopyranose 'C8 H15 N O6'
POV non-polymer '(2S)-3-(hexadecanoyloxy)-2-[(9Z)-octadec-9-enoyloxy]propyl 2-(trimethylammonio)ethyl phosphate' 'C42 H82 N O8 P'
#
# COMPACT_ATOMS: atom_id res chain seq x y z
N SER A 1 36.29 -33.36 -25.44
CA SER A 1 37.12 -34.55 -25.10
C SER A 1 36.55 -35.81 -25.75
N GLU A 2 37.37 -36.45 -26.59
CA GLU A 2 36.94 -37.69 -27.22
C GLU A 2 36.79 -38.81 -26.20
N HIS A 3 37.72 -38.87 -25.23
CA HIS A 3 37.64 -39.88 -24.18
C HIS A 3 36.36 -39.73 -23.37
N GLU A 4 36.09 -38.50 -22.93
CA GLU A 4 34.89 -38.27 -22.12
C GLU A 4 33.63 -38.45 -22.95
N THR A 5 33.65 -38.08 -24.22
CA THR A 5 32.49 -38.30 -25.08
C THR A 5 32.20 -39.79 -25.22
N ARG A 6 33.23 -40.59 -25.45
CA ARG A 6 33.06 -42.03 -25.55
C ARG A 6 32.54 -42.61 -24.23
N LEU A 7 33.08 -42.11 -23.11
CA LEU A 7 32.62 -42.58 -21.80
C LEU A 7 31.15 -42.28 -21.58
N VAL A 8 30.73 -41.05 -21.91
CA VAL A 8 29.34 -40.66 -21.71
C VAL A 8 28.42 -41.45 -22.64
N ALA A 9 28.88 -41.73 -23.86
CA ALA A 9 28.09 -42.58 -24.75
C ALA A 9 27.96 -43.99 -24.20
N LYS A 10 29.02 -44.53 -23.63
CA LYS A 10 28.98 -45.88 -23.09
C LYS A 10 28.06 -45.98 -21.88
N LEU A 11 28.21 -45.03 -20.93
CA LEU A 11 27.55 -45.17 -19.63
C LEU A 11 26.03 -45.17 -19.76
N PHE A 12 25.49 -44.38 -20.69
CA PHE A 12 24.05 -44.24 -20.87
C PHE A 12 23.53 -45.01 -22.08
N GLU A 13 24.31 -45.97 -22.58
CA GLU A 13 23.82 -46.82 -23.67
C GLU A 13 22.60 -47.62 -23.22
N ASP A 14 22.67 -48.21 -22.03
CA ASP A 14 21.55 -48.94 -21.43
C ASP A 14 21.50 -48.54 -19.95
N TYR A 15 20.75 -47.49 -19.66
CA TYR A 15 20.63 -46.95 -18.31
C TYR A 15 19.16 -46.65 -18.05
N ASN A 16 18.65 -47.16 -16.93
CA ASN A 16 17.28 -46.93 -16.50
C ASN A 16 17.31 -46.06 -15.25
N SER A 17 16.81 -44.84 -15.35
CA SER A 17 16.76 -43.91 -14.24
C SER A 17 15.54 -44.12 -13.34
N VAL A 18 14.68 -45.08 -13.65
CA VAL A 18 13.48 -45.30 -12.86
C VAL A 18 13.78 -46.15 -11.63
N VAL A 19 14.67 -47.13 -11.77
CA VAL A 19 14.96 -48.08 -10.69
C VAL A 19 16.05 -47.52 -9.80
N ARG A 20 16.05 -47.93 -8.54
CA ARG A 20 17.06 -47.47 -7.61
C ARG A 20 18.43 -48.01 -7.99
N PRO A 21 19.53 -47.24 -7.77
CA PRO A 21 20.82 -47.60 -8.36
C PRO A 21 21.65 -48.58 -7.52
N VAL A 22 21.02 -49.68 -7.10
CA VAL A 22 21.65 -50.69 -6.27
C VAL A 22 21.80 -51.98 -7.06
N GLU A 23 22.83 -52.75 -6.72
CA GLU A 23 23.04 -54.03 -7.37
C GLU A 23 21.91 -55.01 -7.05
N ASP A 24 21.46 -55.01 -5.79
CA ASP A 24 20.39 -55.89 -5.32
C ASP A 24 19.25 -55.04 -4.80
N HIS A 25 18.01 -55.40 -5.17
CA HIS A 25 16.85 -54.63 -4.74
C HIS A 25 16.62 -54.71 -3.24
N ARG A 26 17.22 -55.68 -2.55
CA ARG A 26 16.97 -55.86 -1.12
C ARG A 26 17.78 -54.91 -0.25
N GLN A 27 18.75 -54.19 -0.80
CA GLN A 27 19.52 -53.20 -0.08
C GLN A 27 19.04 -51.79 -0.44
N ALA A 28 19.29 -50.85 0.47
CA ALA A 28 18.81 -49.48 0.35
C ALA A 28 19.91 -48.57 -0.18
N VAL A 29 19.48 -47.46 -0.76
CA VAL A 29 20.40 -46.43 -1.23
C VAL A 29 20.81 -45.57 -0.04
N GLU A 30 22.11 -45.50 0.23
CA GLU A 30 22.64 -44.65 1.28
C GLU A 30 22.89 -43.26 0.69
N VAL A 31 22.14 -42.28 1.19
CA VAL A 31 22.21 -40.90 0.73
C VAL A 31 22.68 -40.03 1.88
N THR A 32 23.64 -39.17 1.61
CA THR A 32 24.12 -38.17 2.56
C THR A 32 23.57 -36.82 2.15
N VAL A 33 22.78 -36.21 3.04
CA VAL A 33 22.10 -34.94 2.76
C VAL A 33 22.72 -33.87 3.64
N GLY A 34 22.96 -32.69 3.05
CA GLY A 34 23.49 -31.55 3.77
C GLY A 34 22.93 -30.25 3.27
N LEU A 35 22.36 -29.45 4.17
CA LEU A 35 21.82 -28.15 3.82
C LEU A 35 22.86 -27.08 4.02
N GLN A 36 22.96 -26.16 3.06
CA GLN A 36 23.83 -25.00 3.13
C GLN A 36 22.95 -23.76 2.99
N LEU A 37 22.84 -22.98 4.06
CA LEU A 37 22.03 -21.76 4.04
C LEU A 37 22.87 -20.63 3.49
N ILE A 38 22.58 -20.21 2.25
CA ILE A 38 23.35 -19.13 1.65
C ILE A 38 22.84 -17.78 2.11
N GLN A 39 21.52 -17.65 2.28
CA GLN A 39 20.92 -16.37 2.63
C GLN A 39 19.56 -16.61 3.25
N LEU A 40 19.22 -15.76 4.21
CA LEU A 40 17.89 -15.75 4.83
C LEU A 40 17.14 -14.58 4.20
N ILE A 41 16.38 -14.89 3.15
CA ILE A 41 15.79 -13.83 2.32
C ILE A 41 14.76 -13.03 3.12
N ASN A 42 13.84 -13.72 3.80
CA ASN A 42 12.75 -13.00 4.44
C ASN A 42 12.14 -13.84 5.55
N VAL A 43 11.60 -13.15 6.55
CA VAL A 43 10.82 -13.78 7.61
C VAL A 43 9.51 -13.00 7.68
N ASP A 44 8.50 -13.45 6.92
CA ASP A 44 7.20 -12.79 6.89
C ASP A 44 6.42 -13.23 8.13
N GLU A 45 6.28 -12.30 9.07
CA GLU A 45 5.59 -12.60 10.33
C GLU A 45 4.09 -12.68 10.14
N VAL A 46 3.52 -11.78 9.33
CA VAL A 46 2.07 -11.75 9.14
C VAL A 46 1.58 -13.05 8.52
N ASN A 47 2.26 -13.50 7.47
CA ASN A 47 1.91 -14.75 6.81
C ASN A 47 2.65 -15.96 7.39
N GLN A 48 3.62 -15.73 8.29
CA GLN A 48 4.30 -16.82 9.01
C GLN A 48 5.04 -17.76 8.05
N ILE A 49 5.81 -17.16 7.14
CA ILE A 49 6.57 -17.92 6.16
C ILE A 49 8.00 -17.37 6.08
N VAL A 50 8.97 -18.27 6.04
CA VAL A 50 10.38 -17.89 5.94
C VAL A 50 10.89 -18.30 4.57
N THR A 51 11.43 -17.32 3.84
CA THR A 51 12.07 -17.53 2.55
C THR A 51 13.58 -17.58 2.74
N THR A 52 14.18 -18.69 2.33
CA THR A 52 15.61 -18.93 2.49
C THR A 52 16.20 -19.45 1.18
N ASN A 53 17.34 -18.90 0.80
CA ASN A 53 18.13 -19.42 -0.32
C ASN A 53 19.09 -20.46 0.21
N VAL A 54 19.01 -21.68 -0.34
CA VAL A 54 19.74 -22.83 0.17
C VAL A 54 20.36 -23.61 -0.97
N ARG A 55 21.36 -24.41 -0.62
CA ARG A 55 21.94 -25.42 -1.50
C ARG A 55 21.77 -26.76 -0.81
N LEU A 56 21.19 -27.73 -1.52
CA LEU A 56 20.83 -29.01 -0.92
C LEU A 56 21.77 -30.09 -1.44
N LYS A 57 22.94 -30.18 -0.80
CA LYS A 57 23.96 -31.13 -1.24
C LYS A 57 23.50 -32.55 -0.95
N GLN A 58 23.59 -33.42 -1.96
CA GLN A 58 23.19 -34.81 -1.85
C GLN A 58 24.28 -35.67 -2.45
N GLN A 59 24.70 -36.70 -1.71
CA GLN A 59 25.76 -37.60 -2.13
C GLN A 59 25.29 -39.04 -2.07
N TRP A 60 25.50 -39.77 -3.16
CA TRP A 60 25.14 -41.18 -3.17
C TRP A 60 25.89 -41.90 -4.28
N VAL A 61 26.07 -43.20 -4.13
CA VAL A 61 26.81 -44.02 -5.08
C VAL A 61 25.84 -44.70 -6.03
N ASP A 62 26.12 -44.59 -7.33
CA ASP A 62 25.35 -45.26 -8.36
C ASP A 62 26.11 -46.49 -8.83
N TYR A 63 25.45 -47.65 -8.78
CA TYR A 63 26.14 -48.90 -9.09
C TYR A 63 26.52 -49.00 -10.56
N ASN A 64 25.67 -48.49 -11.46
CA ASN A 64 25.83 -48.70 -12.89
C ASN A 64 26.59 -47.58 -13.58
N LEU A 65 27.13 -46.61 -12.84
CA LEU A 65 27.85 -45.48 -13.41
C LEU A 65 29.32 -45.48 -12.97
N LYS A 66 29.94 -46.67 -12.95
CA LYS A 66 31.36 -46.81 -12.68
C LYS A 66 32.12 -47.09 -13.97
N TRP A 67 33.40 -46.75 -13.97
CA TRP A 67 34.26 -47.03 -15.11
C TRP A 67 35.70 -47.11 -14.64
N ASN A 68 36.55 -47.70 -15.48
CA ASN A 68 37.98 -47.72 -15.25
C ASN A 68 38.62 -46.53 -15.96
N PRO A 69 39.30 -45.61 -15.25
CA PRO A 69 39.90 -44.47 -15.96
C PRO A 69 40.94 -44.86 -16.99
N ASP A 70 41.65 -45.98 -16.79
CA ASP A 70 42.67 -46.39 -17.74
C ASP A 70 42.08 -46.68 -19.11
N ASP A 71 40.83 -47.13 -19.16
CA ASP A 71 40.15 -47.39 -20.43
C ASP A 71 39.70 -46.11 -21.14
N TYR A 72 39.79 -44.96 -20.49
CA TYR A 72 39.29 -43.70 -21.03
C TYR A 72 40.30 -42.58 -20.84
N GLY A 73 41.57 -42.89 -21.03
CA GLY A 73 42.60 -41.87 -21.01
C GLY A 73 42.84 -41.21 -19.67
N GLY A 74 42.41 -41.84 -18.58
CA GLY A 74 42.63 -41.31 -17.25
C GLY A 74 41.56 -40.36 -16.74
N VAL A 75 40.40 -40.32 -17.37
CA VAL A 75 39.30 -39.50 -16.89
C VAL A 75 38.78 -40.10 -15.59
N LYS A 76 38.75 -39.29 -14.53
CA LYS A 76 38.35 -39.75 -13.20
C LYS A 76 37.10 -39.08 -12.66
N LYS A 77 36.77 -37.88 -13.14
CA LYS A 77 35.58 -37.17 -12.72
C LYS A 77 34.96 -36.49 -13.93
N ILE A 78 33.64 -36.44 -13.99
CA ILE A 78 32.92 -35.76 -15.06
C ILE A 78 31.73 -35.02 -14.47
N HIS A 79 31.16 -34.12 -15.27
CA HIS A 79 29.95 -33.39 -14.92
C HIS A 79 28.90 -33.76 -15.96
N ILE A 80 27.74 -34.23 -15.49
CA ILE A 80 26.69 -34.69 -16.41
C ILE A 80 25.36 -34.09 -15.97
N PRO A 81 24.39 -33.98 -16.89
CA PRO A 81 23.07 -33.49 -16.48
C PRO A 81 22.43 -34.40 -15.45
N SER A 82 21.73 -33.79 -14.50
CA SER A 82 21.07 -34.55 -13.44
C SER A 82 19.75 -35.15 -13.88
N GLU A 83 19.10 -34.59 -14.91
CA GLU A 83 17.79 -35.07 -15.31
C GLU A 83 17.83 -36.47 -15.89
N LYS A 84 18.98 -36.93 -16.36
CA LYS A 84 19.10 -38.22 -17.05
C LYS A 84 19.42 -39.38 -16.13
N ILE A 85 19.61 -39.14 -14.83
CA ILE A 85 19.99 -40.18 -13.88
C ILE A 85 18.97 -40.25 -12.76
N TRP A 86 18.98 -41.37 -12.04
CA TRP A 86 18.15 -41.51 -10.86
C TRP A 86 18.63 -40.56 -9.77
N ARG A 87 17.68 -39.93 -9.09
CA ARG A 87 17.95 -38.99 -8.01
C ARG A 87 17.05 -39.29 -6.83
N PRO A 88 17.46 -38.95 -5.60
CA PRO A 88 16.51 -38.98 -4.49
C PRO A 88 15.44 -37.93 -4.66
N ASP A 89 14.23 -38.26 -4.21
CA ASP A 89 13.07 -37.38 -4.33
C ASP A 89 12.88 -36.66 -2.99
N LEU A 90 13.78 -35.74 -2.69
CA LEU A 90 13.72 -35.00 -1.44
C LEU A 90 12.66 -33.91 -1.55
N VAL A 91 11.74 -33.91 -0.59
CA VAL A 91 10.61 -32.98 -0.55
C VAL A 91 10.67 -32.26 0.78
N LEU A 92 10.35 -30.96 0.75
CA LEU A 92 10.20 -30.14 1.95
C LEU A 92 8.78 -30.31 2.45
N TYR A 93 8.63 -30.98 3.60
CA TYR A 93 7.29 -31.30 4.10
C TYR A 93 6.50 -30.04 4.42
N ASN A 94 7.13 -29.06 5.06
CA ASN A 94 6.46 -27.87 5.57
C ASN A 94 6.51 -26.70 4.58
N ASN A 95 6.50 -26.99 3.29
CA ASN A 95 6.39 -25.93 2.29
C ASN A 95 5.09 -25.19 2.44
N ALA A 96 5.13 -23.87 2.24
CA ALA A 96 3.99 -22.99 2.43
C ALA A 96 3.56 -22.27 1.16
N ASP A 97 4.51 -21.67 0.42
CA ASP A 97 4.19 -20.83 -0.71
C ASP A 97 5.17 -21.03 -1.87
N GLY A 98 5.78 -22.21 -1.96
CA GLY A 98 6.77 -22.49 -2.99
C GLY A 98 6.72 -23.90 -3.52
N ASP A 99 7.84 -24.35 -4.09
CA ASP A 99 7.93 -25.70 -4.63
C ASP A 99 8.24 -26.70 -3.53
N PHE A 100 7.70 -27.91 -3.69
CA PHE A 100 7.93 -28.96 -2.70
C PHE A 100 9.31 -29.59 -2.83
N ALA A 101 9.82 -29.69 -4.05
CA ALA A 101 11.08 -30.36 -4.35
C ALA A 101 11.97 -29.44 -5.17
N ILE A 102 13.15 -29.94 -5.51
CA ILE A 102 14.07 -29.19 -6.35
C ILE A 102 13.47 -29.02 -7.75
N VAL A 103 13.67 -27.84 -8.32
CA VAL A 103 13.25 -27.54 -9.68
C VAL A 103 14.40 -27.08 -10.56
N LYS A 104 15.51 -26.62 -9.98
CA LYS A 104 16.71 -26.27 -10.74
C LYS A 104 17.59 -27.51 -10.81
N PHE A 105 17.69 -28.11 -11.99
CA PHE A 105 18.42 -29.36 -12.19
C PHE A 105 19.81 -29.03 -12.72
N THR A 106 20.73 -28.73 -11.80
CA THR A 106 22.11 -28.46 -12.14
C THR A 106 22.87 -29.77 -12.35
N LYS A 107 24.07 -29.65 -12.89
CA LYS A 107 24.87 -30.82 -13.20
C LYS A 107 25.30 -31.57 -11.94
N VAL A 108 25.46 -32.88 -12.07
CA VAL A 108 26.00 -33.73 -11.01
C VAL A 108 27.46 -34.01 -11.33
N LEU A 109 28.29 -34.01 -10.29
CA LEU A 109 29.67 -34.45 -10.38
C LEU A 109 29.73 -35.95 -10.15
N LEU A 110 30.11 -36.70 -11.19
CA LEU A 110 30.18 -38.16 -11.15
C LEU A 110 31.63 -38.60 -11.11
N ASP A 111 31.96 -39.44 -10.13
CA ASP A 111 33.28 -40.02 -9.98
C ASP A 111 33.34 -41.39 -10.66
N TYR A 112 34.57 -41.85 -10.92
CA TYR A 112 34.73 -43.14 -11.58
C TYR A 112 34.30 -44.31 -10.70
N THR A 113 34.22 -44.11 -9.39
CA THR A 113 33.72 -45.13 -8.47
C THR A 113 32.20 -45.12 -8.35
N GLY A 114 31.51 -44.31 -9.15
CA GLY A 114 30.06 -44.22 -9.09
C GLY A 114 29.53 -43.18 -8.13
N HIS A 115 30.40 -42.52 -7.37
CA HIS A 115 29.93 -41.51 -6.42
C HIS A 115 29.38 -40.29 -7.18
N ILE A 116 28.20 -39.85 -6.76
CA ILE A 116 27.52 -38.70 -7.35
C ILE A 116 27.36 -37.67 -6.25
N THR A 117 27.74 -36.43 -6.56
CA THR A 117 27.47 -35.26 -5.74
C THR A 117 26.59 -34.31 -6.54
N TRP A 118 25.43 -33.97 -5.99
CA TRP A 118 24.47 -33.08 -6.64
C TRP A 118 24.09 -32.00 -5.65
N THR A 119 24.36 -30.74 -5.99
CA THR A 119 24.21 -29.61 -5.07
C THR A 119 23.32 -28.56 -5.71
N PRO A 120 22.04 -28.84 -5.90
CA PRO A 120 21.16 -27.89 -6.54
C PRO A 120 20.83 -26.73 -5.61
N PRO A 121 20.47 -25.56 -6.15
CA PRO A 121 19.97 -24.47 -5.31
C PRO A 121 18.46 -24.53 -5.19
N ALA A 122 17.96 -23.82 -4.19
CA ALA A 122 16.52 -23.75 -3.98
C ALA A 122 16.18 -22.48 -3.20
N ILE A 123 14.95 -22.03 -3.38
CA ILE A 123 14.39 -20.92 -2.61
C ILE A 123 13.21 -21.52 -1.84
N PHE A 124 13.47 -21.96 -0.61
CA PHE A 124 12.45 -22.61 0.20
C PHE A 124 11.63 -21.55 0.91
N LYS A 125 10.31 -21.59 0.69
CA LYS A 125 9.35 -20.76 1.41
C LYS A 125 8.61 -21.70 2.37
N SER A 126 9.13 -21.81 3.59
CA SER A 126 8.69 -22.80 4.55
C SER A 126 7.80 -22.17 5.60
N TYR A 127 6.75 -22.88 6.01
CA TYR A 127 5.89 -22.42 7.09
C TYR A 127 6.70 -22.31 8.38
N CYS A 128 6.40 -21.28 9.16
CA CYS A 128 7.18 -20.99 10.36
C CYS A 128 6.26 -20.32 11.38
N GLU A 129 5.89 -21.05 12.43
CA GLU A 129 5.01 -20.48 13.45
C GLU A 129 5.74 -19.37 14.17
N ILE A 130 5.10 -18.20 14.26
CA ILE A 130 5.72 -16.99 14.78
C ILE A 130 5.19 -16.76 16.19
N ILE A 131 6.08 -16.83 17.17
CA ILE A 131 5.74 -16.51 18.55
C ILE A 131 5.93 -15.01 18.74
N VAL A 132 4.82 -14.29 18.98
CA VAL A 132 4.86 -12.84 19.06
C VAL A 132 5.04 -12.32 20.48
N THR A 133 5.22 -13.21 21.46
CA THR A 133 5.12 -12.82 22.87
C THR A 133 6.11 -11.74 23.24
N HIS A 134 7.31 -11.75 22.67
CA HIS A 134 8.36 -10.79 23.01
C HIS A 134 8.72 -9.87 21.85
N PHE A 135 7.84 -9.75 20.85
CA PHE A 135 8.10 -8.87 19.73
C PHE A 135 8.19 -7.42 20.22
N PRO A 136 9.17 -6.62 19.74
CA PRO A 136 10.20 -6.86 18.71
C PRO A 136 11.52 -7.41 19.27
N PHE A 137 11.52 -7.94 20.49
CA PHE A 137 12.69 -8.59 21.08
C PHE A 137 12.54 -10.11 21.06
N ASP A 138 11.89 -10.63 20.03
CA ASP A 138 11.48 -12.02 20.00
C ASP A 138 12.53 -12.91 19.36
N GLU A 139 12.46 -14.20 19.70
CA GLU A 139 13.35 -15.23 19.16
C GLU A 139 12.48 -16.28 18.46
N GLN A 140 12.83 -16.61 17.23
CA GLN A 140 12.05 -17.53 16.41
C GLN A 140 12.87 -18.77 16.11
N ASN A 141 12.34 -19.94 16.48
CA ASN A 141 12.94 -21.22 16.14
C ASN A 141 12.21 -21.78 14.93
N CYS A 142 12.81 -21.64 13.76
CA CYS A 142 12.23 -22.09 12.51
C CYS A 142 12.81 -23.46 12.16
N SER A 143 12.17 -24.15 11.21
CA SER A 143 12.58 -25.51 10.86
C SER A 143 12.32 -25.76 9.38
N MET A 144 13.04 -26.74 8.85
CA MET A 144 12.93 -27.17 7.45
C MET A 144 13.01 -28.70 7.48
N LYS A 145 11.87 -29.35 7.30
CA LYS A 145 11.81 -30.81 7.26
C LYS A 145 11.98 -31.31 5.83
N LEU A 146 13.05 -32.06 5.57
CA LEU A 146 13.35 -32.60 4.25
C LEU A 146 13.36 -34.12 4.32
N GLY A 147 12.64 -34.77 3.41
CA GLY A 147 12.60 -36.22 3.41
C GLY A 147 12.30 -36.77 2.04
N THR A 148 12.75 -38.00 1.80
CA THR A 148 12.40 -38.69 0.57
C THR A 148 10.91 -39.01 0.59
N TRP A 149 10.20 -38.63 -0.47
CA TRP A 149 8.74 -38.68 -0.43
C TRP A 149 8.23 -40.11 -0.58
N THR A 150 8.49 -40.73 -1.73
CA THR A 150 7.90 -42.02 -2.05
C THR A 150 8.76 -43.21 -1.64
N TYR A 151 9.99 -42.98 -1.17
CA TYR A 151 10.90 -44.04 -0.76
C TYR A 151 10.92 -44.10 0.76
N ASP A 152 10.62 -45.27 1.31
CA ASP A 152 10.67 -45.47 2.76
C ASP A 152 12.09 -45.79 3.20
N GLY A 153 12.28 -45.92 4.51
CA GLY A 153 13.61 -46.14 5.05
C GLY A 153 14.24 -47.46 4.65
N SER A 154 13.44 -48.42 4.18
CA SER A 154 13.97 -49.72 3.80
C SER A 154 14.54 -49.75 2.38
N VAL A 155 14.26 -48.74 1.56
CA VAL A 155 14.69 -48.72 0.16
C VAL A 155 15.65 -47.56 -0.09
N VAL A 156 15.50 -46.47 0.65
CA VAL A 156 16.40 -45.33 0.59
C VAL A 156 16.64 -44.83 2.00
N VAL A 157 17.90 -44.65 2.37
CA VAL A 157 18.31 -44.19 3.70
C VAL A 157 19.03 -42.87 3.53
N ILE A 158 18.52 -41.83 4.19
CA ILE A 158 19.13 -40.50 4.19
C ILE A 158 19.85 -40.30 5.51
N ASN A 159 21.08 -39.77 5.44
CA ASN A 159 21.90 -39.48 6.60
C ASN A 159 22.31 -38.01 6.58
N PRO A 160 22.33 -37.32 7.73
CA PRO A 160 22.87 -35.96 7.72
C PRO A 160 24.37 -35.97 7.45
N GLU A 161 24.82 -35.00 6.64
CA GLU A 161 26.24 -34.86 6.40
C GLU A 161 26.97 -34.36 7.64
N SER A 162 26.32 -33.47 8.40
CA SER A 162 26.90 -32.93 9.62
C SER A 162 25.78 -32.66 10.61
N ASP A 163 26.16 -32.54 11.89
CA ASP A 163 25.17 -32.26 12.92
C ASP A 163 24.53 -30.88 12.77
N GLN A 164 25.17 -29.97 12.03
CA GLN A 164 24.73 -28.58 11.91
C GLN A 164 24.62 -28.23 10.43
N PRO A 165 23.76 -27.29 10.06
CA PRO A 165 23.76 -26.79 8.68
C PRO A 165 25.06 -26.06 8.36
N ASP A 166 25.44 -26.09 7.09
CA ASP A 166 26.65 -25.44 6.63
C ASP A 166 26.38 -23.95 6.47
N LEU A 167 27.02 -23.13 7.31
CA LEU A 167 26.86 -21.68 7.30
C LEU A 167 28.12 -20.95 6.87
N SER A 168 29.06 -21.66 6.23
CA SER A 168 30.32 -21.03 5.83
C SER A 168 30.14 -19.99 4.73
N ASN A 169 29.07 -20.08 3.94
CA ASN A 169 28.77 -19.14 2.87
C ASN A 169 27.53 -18.31 3.16
N PHE A 170 27.15 -18.19 4.42
CA PHE A 170 25.92 -17.49 4.79
C PHE A 170 26.15 -15.99 4.74
N MET A 171 25.33 -15.29 3.94
CA MET A 171 25.37 -13.83 3.91
C MET A 171 24.70 -13.29 5.17
N GLU A 172 25.41 -12.44 5.89
CA GLU A 172 24.89 -11.93 7.15
C GLU A 172 23.65 -11.07 6.92
N SER A 173 22.61 -11.33 7.71
CA SER A 173 21.35 -10.63 7.57
C SER A 173 21.34 -9.35 8.39
N GLY A 174 20.65 -8.34 7.87
CA GLY A 174 20.50 -7.08 8.57
C GLY A 174 19.33 -7.01 9.53
N GLU A 175 18.63 -8.12 9.74
CA GLU A 175 17.46 -8.17 10.62
C GLU A 175 17.47 -9.32 11.62
N TRP A 176 18.22 -10.38 11.37
CA TRP A 176 18.21 -11.57 12.21
C TRP A 176 19.64 -12.05 12.44
N VAL A 177 19.86 -12.63 13.62
CA VAL A 177 21.12 -13.27 13.97
C VAL A 177 20.80 -14.71 14.35
N ILE A 178 21.46 -15.66 13.69
CA ILE A 178 21.22 -17.07 13.96
C ILE A 178 22.02 -17.45 15.20
N LYS A 179 21.30 -17.76 16.29
CA LYS A 179 21.96 -18.10 17.54
C LYS A 179 22.50 -19.52 17.50
N GLU A 180 21.66 -20.48 17.13
CA GLU A 180 22.07 -21.87 17.00
C GLU A 180 21.34 -22.49 15.81
N SER A 181 21.87 -23.61 15.34
CA SER A 181 21.29 -24.33 14.22
C SER A 181 21.64 -25.80 14.38
N ARG A 182 20.70 -26.71 14.10
CA ARG A 182 20.98 -28.16 14.34
C ARG A 182 20.06 -29.04 13.49
N GLY A 183 20.60 -30.05 12.83
CA GLY A 183 19.86 -31.01 12.03
C GLY A 183 19.62 -32.31 12.77
N TRP A 184 18.36 -32.73 12.85
CA TRP A 184 17.97 -33.95 13.54
C TRP A 184 17.31 -34.92 12.58
N LYS A 185 17.76 -36.17 12.60
CA LYS A 185 17.16 -37.24 11.82
C LYS A 185 16.06 -37.91 12.62
N HIS A 186 14.92 -38.16 11.97
CA HIS A 186 13.75 -38.74 12.60
C HIS A 186 13.22 -39.90 11.78
N TRP A 187 12.82 -40.96 12.48
CA TRP A 187 12.10 -42.09 11.92
C TRP A 187 10.64 -41.93 12.30
N VAL A 188 9.75 -41.84 11.31
CA VAL A 188 8.36 -41.45 11.53
C VAL A 188 7.45 -42.47 10.88
N PHE A 189 6.40 -42.88 11.61
CA PHE A 189 5.38 -43.78 11.08
C PHE A 189 4.14 -42.97 10.75
N TYR A 190 3.68 -43.08 9.51
CA TYR A 190 2.50 -42.36 9.02
C TYR A 190 1.34 -43.32 8.84
N ALA A 191 0.12 -42.80 9.00
CA ALA A 191 -1.07 -43.62 8.86
C ALA A 191 -1.21 -44.15 7.44
N CYS A 192 -0.72 -43.42 6.44
CA CYS A 192 -0.80 -43.88 5.06
C CYS A 192 0.03 -45.14 4.84
N CYS A 193 1.21 -45.20 5.47
CA CYS A 193 2.15 -46.31 5.31
C CYS A 193 2.55 -46.82 6.69
N PRO A 194 1.64 -47.53 7.37
CA PRO A 194 1.94 -47.96 8.75
C PRO A 194 2.97 -49.08 8.83
N SER A 195 3.27 -49.77 7.74
CA SER A 195 4.15 -50.94 7.81
C SER A 195 5.60 -50.53 8.07
N THR A 196 6.07 -49.51 7.35
CA THR A 196 7.47 -49.13 7.32
C THR A 196 7.66 -47.69 7.80
N PRO A 197 8.80 -47.35 8.40
CA PRO A 197 9.04 -45.94 8.76
C PRO A 197 9.66 -45.14 7.63
N TYR A 198 9.28 -43.88 7.57
CA TYR A 198 9.85 -42.90 6.65
C TYR A 198 10.82 -42.00 7.39
N LEU A 199 11.95 -41.73 6.75
CA LEU A 199 13.00 -40.92 7.36
C LEU A 199 12.87 -39.46 6.95
N ASP A 200 13.28 -38.59 7.85
CA ASP A 200 13.36 -37.16 7.54
C ASP A 200 14.51 -36.55 8.31
N ILE A 201 14.99 -35.43 7.80
CA ILE A 201 15.99 -34.61 8.48
C ILE A 201 15.39 -33.22 8.62
N THR A 202 15.26 -32.75 9.85
CA THR A 202 14.72 -31.44 10.16
C THR A 202 15.89 -30.55 10.58
N TYR A 203 16.16 -29.53 9.76
CA TYR A 203 17.17 -28.52 10.08
C TYR A 203 16.45 -27.33 10.72
N HIS A 204 16.76 -27.07 11.98
CA HIS A 204 16.17 -25.96 12.72
C HIS A 204 17.20 -24.84 12.90
N PHE A 205 16.70 -23.60 12.91
CA PHE A 205 17.50 -22.40 13.04
C PHE A 205 16.84 -21.51 14.08
N VAL A 206 17.58 -21.11 15.10
CA VAL A 206 17.09 -20.19 16.11
C VAL A 206 17.62 -18.80 15.77
N MET A 207 16.71 -17.87 15.47
CA MET A 207 17.04 -16.54 15.00
C MET A 207 16.62 -15.52 16.05
N GLN A 208 17.53 -14.61 16.39
CA GLN A 208 17.27 -13.49 17.26
C GLN A 208 17.09 -12.23 16.41
N ARG A 209 15.95 -11.56 16.57
CA ARG A 209 15.71 -10.35 15.82
C ARG A 209 16.59 -9.21 16.33
N LEU A 210 17.09 -8.41 15.40
CA LEU A 210 17.78 -7.17 15.75
C LEU A 210 16.71 -6.10 15.93
N PRO A 211 16.50 -5.55 17.12
CA PRO A 211 15.32 -4.71 17.35
C PRO A 211 15.51 -3.21 17.10
N LEU A 212 16.64 -2.78 16.54
CA LEU A 212 16.93 -1.36 16.44
C LEU A 212 15.91 -0.63 15.56
N TYR A 213 15.53 -1.23 14.44
CA TYR A 213 14.59 -0.58 13.54
C TYR A 213 13.25 -0.33 14.21
N PHE A 214 12.71 -1.36 14.89
CA PHE A 214 11.43 -1.20 15.54
C PHE A 214 11.53 -0.32 16.78
N ILE A 215 12.69 -0.32 17.45
CA ILE A 215 12.88 0.59 18.58
C ILE A 215 12.82 2.03 18.10
N VAL A 216 13.54 2.34 17.03
CA VAL A 216 13.62 3.72 16.56
C VAL A 216 12.31 4.17 15.95
N ASN A 217 11.72 3.33 15.10
CA ASN A 217 10.58 3.75 14.29
C ASN A 217 9.24 3.59 14.99
N VAL A 218 9.18 2.85 16.10
CA VAL A 218 7.90 2.56 16.77
C VAL A 218 7.97 2.92 18.24
N ILE A 219 8.91 2.32 18.97
CA ILE A 219 8.87 2.40 20.44
C ILE A 219 9.19 3.81 20.93
N ILE A 220 10.17 4.47 20.33
CA ILE A 220 10.57 5.79 20.82
C ILE A 220 9.47 6.82 20.66
N PRO A 221 8.80 6.94 19.50
CA PRO A 221 7.65 7.85 19.43
C PRO A 221 6.57 7.55 20.46
N CYS A 222 6.32 6.27 20.72
CA CYS A 222 5.30 5.90 21.70
C CYS A 222 5.74 6.31 23.11
N LEU A 223 7.03 6.16 23.41
CA LEU A 223 7.55 6.64 24.69
C LEU A 223 7.37 8.14 24.81
N LEU A 224 7.68 8.88 23.73
CA LEU A 224 7.55 10.32 23.75
C LEU A 224 6.11 10.75 23.98
N PHE A 225 5.16 10.06 23.34
CA PHE A 225 3.76 10.43 23.48
C PHE A 225 3.18 10.00 24.82
N SER A 226 3.64 8.88 25.37
CA SER A 226 3.17 8.47 26.69
C SER A 226 3.74 9.36 27.78
N PHE A 227 4.94 9.91 27.57
CA PHE A 227 5.49 10.83 28.55
C PHE A 227 4.68 12.11 28.65
N LEU A 228 4.05 12.54 27.56
CA LEU A 228 3.22 13.73 27.58
C LEU A 228 1.86 13.50 28.23
N THR A 229 1.51 12.26 28.57
CA THR A 229 0.20 11.97 29.13
C THR A 229 0.04 12.61 30.50
N GLY A 230 1.01 12.41 31.40
CA GLY A 230 0.91 12.97 32.73
C GLY A 230 1.03 14.48 32.76
N LEU A 231 1.66 15.08 31.75
CA LEU A 231 1.86 16.52 31.74
C LEU A 231 0.56 17.31 31.64
N VAL A 232 -0.55 16.65 31.31
CA VAL A 232 -1.85 17.32 31.35
C VAL A 232 -2.14 17.81 32.76
N PHE A 233 -1.64 17.13 33.78
CA PHE A 233 -1.92 17.50 35.16
C PHE A 233 -1.09 18.68 35.65
N TYR A 234 0.00 19.03 34.95
CA TYR A 234 0.73 20.25 35.24
C TYR A 234 0.19 21.46 34.49
N LEU A 235 -0.68 21.26 33.50
CA LEU A 235 -1.28 22.39 32.80
C LEU A 235 -2.33 23.04 33.71
N PRO A 236 -2.41 24.38 33.74
CA PRO A 236 -3.53 25.00 34.45
C PRO A 236 -4.86 24.73 33.76
N THR A 237 -5.91 24.72 34.56
CA THR A 237 -7.26 24.64 34.01
C THR A 237 -7.68 25.94 33.33
N ASP A 238 -7.05 27.06 33.66
CA ASP A 238 -7.41 28.33 33.05
C ASP A 238 -6.84 28.50 31.66
N SER A 239 -5.88 27.68 31.25
CA SER A 239 -5.37 27.74 29.88
C SER A 239 -6.41 27.26 28.88
N GLY A 240 -7.31 26.37 29.28
CA GLY A 240 -8.29 25.83 28.36
C GLY A 240 -7.67 25.03 27.24
N GLU A 241 -6.63 24.26 27.55
CA GLU A 241 -5.88 23.51 26.55
C GLU A 241 -5.48 22.12 27.03
N LYS A 242 -6.07 21.62 28.11
CA LYS A 242 -5.73 20.29 28.60
C LYS A 242 -6.25 19.21 27.66
N MET A 243 -7.50 19.35 27.23
CA MET A 243 -8.10 18.38 26.32
C MET A 243 -7.35 18.33 25.00
N THR A 244 -6.82 19.45 24.53
CA THR A 244 -6.03 19.44 23.31
C THR A 244 -4.86 18.47 23.43
N LEU A 245 -4.08 18.60 24.50
CA LEU A 245 -2.93 17.74 24.71
C LEU A 245 -3.36 16.27 24.82
N SER A 246 -4.33 15.99 25.69
CA SER A 246 -4.71 14.60 25.93
C SER A 246 -5.28 13.95 24.67
N ILE A 247 -6.14 14.67 23.94
CA ILE A 247 -6.80 14.10 22.78
C ILE A 247 -5.80 13.92 21.64
N SER A 248 -4.87 14.86 21.47
CA SER A 248 -3.84 14.70 20.44
C SER A 248 -2.97 13.48 20.73
N VAL A 249 -2.61 13.29 22.00
CA VAL A 249 -1.86 12.09 22.37
C VAL A 249 -2.65 10.84 22.04
N LEU A 250 -3.95 10.85 22.35
CA LEU A 250 -4.78 9.67 22.08
C LEU A 250 -4.84 9.38 20.58
N LEU A 251 -5.01 10.41 19.75
CA LEU A 251 -5.09 10.19 18.31
C LEU A 251 -3.77 9.64 17.77
N SER A 252 -2.64 10.17 18.27
CA SER A 252 -1.35 9.67 17.82
C SER A 252 -1.16 8.20 18.20
N LEU A 253 -1.50 7.84 19.43
CA LEU A 253 -1.42 6.44 19.80
C LEU A 253 -2.41 5.58 19.03
N THR A 254 -3.52 6.14 18.56
CA THR A 254 -4.44 5.37 17.72
C THR A 254 -3.82 5.03 16.37
N VAL A 255 -3.23 6.03 15.70
CA VAL A 255 -2.60 5.73 14.41
C VAL A 255 -1.41 4.78 14.60
N PHE A 256 -0.69 4.93 15.72
CA PHE A 256 0.36 3.96 16.00
C PHE A 256 -0.20 2.56 16.17
N LEU A 257 -1.30 2.41 16.92
CA LEU A 257 -1.94 1.12 17.08
C LEU A 257 -2.32 0.53 15.73
N LEU A 258 -2.77 1.37 14.80
CA LEU A 258 -3.01 0.89 13.43
C LEU A 258 -1.75 0.28 12.84
N VAL A 259 -0.62 0.97 12.99
CA VAL A 259 0.65 0.46 12.44
C VAL A 259 1.03 -0.86 13.09
N ILE A 260 1.01 -0.92 14.43
CA ILE A 260 1.41 -2.14 15.14
C ILE A 260 0.48 -3.30 14.78
N VAL A 261 -0.82 -3.02 14.61
CA VAL A 261 -1.74 -4.08 14.22
C VAL A 261 -1.37 -4.62 12.86
N GLU A 262 -1.03 -3.74 11.92
CA GLU A 262 -0.63 -4.22 10.60
C GLU A 262 0.79 -4.80 10.58
N LEU A 263 1.54 -4.75 11.68
CA LEU A 263 2.90 -5.27 11.73
C LEU A 263 3.03 -6.66 12.36
N ILE A 264 1.93 -7.34 12.68
CA ILE A 264 2.00 -8.62 13.40
C ILE A 264 0.99 -9.60 12.80
N PRO A 265 1.19 -10.90 13.03
CA PRO A 265 0.19 -11.87 12.61
C PRO A 265 -1.09 -11.79 13.44
N SER A 266 -2.17 -12.26 12.85
CA SER A 266 -3.49 -12.24 13.49
C SER A 266 -3.75 -13.50 14.33
N THR A 267 -2.72 -14.29 14.61
CA THR A 267 -2.90 -15.49 15.41
C THR A 267 -3.29 -15.12 16.85
N SER A 268 -4.08 -16.00 17.47
CA SER A 268 -4.58 -15.80 18.82
C SER A 268 -3.81 -16.59 19.87
N SER A 269 -2.61 -17.06 19.54
CA SER A 269 -1.85 -17.88 20.48
C SER A 269 -1.27 -17.06 21.63
N ALA A 270 -0.96 -15.78 21.39
CA ALA A 270 -0.37 -14.95 22.43
C ALA A 270 -0.60 -13.49 22.08
N VAL A 271 -0.51 -12.64 23.11
CA VAL A 271 -0.60 -11.19 22.94
C VAL A 271 0.81 -10.65 22.80
N PRO A 272 1.12 -9.80 21.82
CA PRO A 272 2.50 -9.30 21.71
C PRO A 272 2.87 -8.37 22.86
N LEU A 273 4.18 -8.26 23.09
CA LEU A 273 4.68 -7.34 24.10
C LEU A 273 4.36 -5.90 23.72
N ILE A 274 4.61 -5.54 22.45
CA ILE A 274 4.35 -4.18 22.01
C ILE A 274 2.85 -3.88 22.01
N GLY A 275 2.02 -4.87 21.67
CA GLY A 275 0.59 -4.68 21.77
C GLY A 275 0.12 -4.49 23.19
N LYS A 276 0.72 -5.24 24.13
CA LYS A 276 0.41 -5.04 25.54
C LYS A 276 0.79 -3.63 25.99
N TYR A 277 1.96 -3.16 25.56
CA TYR A 277 2.35 -1.79 25.89
C TYR A 277 1.40 -0.78 25.28
N MET A 278 0.96 -1.02 24.05
CA MET A 278 0.04 -0.11 23.39
C MET A 278 -1.26 0.00 24.17
N LEU A 279 -1.84 -1.15 24.53
CA LEU A 279 -3.08 -1.13 25.29
C LEU A 279 -2.89 -0.50 26.66
N PHE A 280 -1.72 -0.74 27.30
CA PHE A 280 -1.44 -0.09 28.58
C PHE A 280 -1.45 1.42 28.44
N THR A 281 -0.73 1.94 27.45
CA THR A 281 -0.65 3.39 27.29
C THR A 281 -2.00 3.97 26.87
N MET A 282 -2.81 3.22 26.13
CA MET A 282 -4.13 3.72 25.75
C MET A 282 -5.05 3.80 26.95
N VAL A 283 -5.05 2.77 27.81
CA VAL A 283 -5.82 2.84 29.04
C VAL A 283 -5.29 3.96 29.94
N PHE A 284 -3.98 4.16 29.93
CA PHE A 284 -3.36 5.24 30.70
C PHE A 284 -3.89 6.59 30.25
N VAL A 285 -3.94 6.83 28.94
CA VAL A 285 -4.41 8.10 28.42
C VAL A 285 -5.90 8.27 28.68
N ILE A 286 -6.67 7.18 28.57
CA ILE A 286 -8.10 7.26 28.84
C ILE A 286 -8.37 7.60 30.29
N ALA A 287 -7.64 6.98 31.23
CA ALA A 287 -7.79 7.31 32.63
C ALA A 287 -7.37 8.76 32.89
N SER A 288 -6.30 9.21 32.24
CA SER A 288 -5.88 10.60 32.37
C SER A 288 -6.97 11.55 31.89
N ILE A 289 -7.62 11.21 30.76
CA ILE A 289 -8.70 12.05 30.25
C ILE A 289 -9.87 12.09 31.22
N ILE A 290 -10.23 10.94 31.79
CA ILE A 290 -11.36 10.89 32.71
C ILE A 290 -11.08 11.74 33.94
N ILE A 291 -9.90 11.55 34.54
CA ILE A 291 -9.59 12.31 35.75
C ILE A 291 -9.39 13.78 35.41
N THR A 292 -8.93 14.11 34.21
CA THR A 292 -8.81 15.51 33.82
C THR A 292 -10.17 16.16 33.67
N VAL A 293 -11.15 15.42 33.14
CA VAL A 293 -12.52 15.93 33.08
C VAL A 293 -13.04 16.16 34.49
N ILE A 294 -12.74 15.24 35.41
CA ILE A 294 -13.16 15.42 36.80
C ILE A 294 -12.51 16.67 37.39
N VAL A 295 -11.23 16.87 37.12
CA VAL A 295 -10.52 18.05 37.65
C VAL A 295 -11.11 19.33 37.08
N ILE A 296 -11.40 19.34 35.79
CA ILE A 296 -11.96 20.54 35.17
C ILE A 296 -13.36 20.81 35.72
N ASN A 297 -14.13 19.77 35.99
CA ASN A 297 -15.44 19.96 36.63
C ASN A 297 -15.26 20.53 38.04
N THR A 298 -14.27 20.04 38.77
CA THR A 298 -14.02 20.55 40.11
C THR A 298 -13.61 22.03 40.08
N HIS A 299 -12.80 22.40 39.09
CA HIS A 299 -12.30 23.76 39.00
C HIS A 299 -13.42 24.76 38.73
N HIS A 300 -14.37 24.41 37.85
CA HIS A 300 -15.43 25.30 37.42
C HIS A 300 -16.74 25.05 38.17
N ARG A 301 -16.67 24.63 39.43
CA ARG A 301 -17.86 24.44 40.24
C ARG A 301 -18.32 25.80 40.76
N SER A 302 -19.44 26.29 40.25
CA SER A 302 -19.96 27.57 40.68
C SER A 302 -20.36 27.47 42.16
N PRO A 303 -19.83 28.33 43.04
CA PRO A 303 -20.18 28.18 44.47
C PRO A 303 -21.65 28.40 44.76
N SER A 304 -22.33 29.24 43.97
CA SER A 304 -23.76 29.45 44.17
C SER A 304 -24.53 28.16 43.94
N THR A 305 -24.16 27.40 42.90
CA THR A 305 -24.83 26.15 42.56
C THR A 305 -24.27 24.94 43.28
N HIS A 306 -23.11 25.05 43.92
CA HIS A 306 -22.44 23.92 44.54
C HIS A 306 -21.90 24.33 45.91
N VAL A 307 -22.35 23.62 46.94
CA VAL A 307 -21.86 23.83 48.30
C VAL A 307 -20.64 22.95 48.51
N MET A 308 -19.70 23.42 49.33
CA MET A 308 -18.45 22.71 49.56
C MET A 308 -18.70 21.71 50.69
N PRO A 309 -18.66 20.39 50.45
CA PRO A 309 -18.77 19.44 51.56
C PRO A 309 -17.61 19.59 52.54
N GLU A 310 -17.87 19.25 53.80
CA GLU A 310 -16.83 19.35 54.81
C GLU A 310 -15.74 18.31 54.60
N TRP A 311 -16.09 17.12 54.09
CA TRP A 311 -15.10 16.07 53.95
C TRP A 311 -14.04 16.43 52.92
N VAL A 312 -14.44 17.05 51.81
CA VAL A 312 -13.46 17.43 50.80
C VAL A 312 -12.57 18.56 51.32
N ARG A 313 -13.15 19.48 52.11
CA ARG A 313 -12.35 20.52 52.75
C ARG A 313 -11.31 19.91 53.67
N LYS A 314 -11.72 18.91 54.46
CA LYS A 314 -10.77 18.24 55.35
C LYS A 314 -9.69 17.52 54.57
N VAL A 315 -10.06 16.81 53.50
CA VAL A 315 -9.11 15.96 52.80
C VAL A 315 -8.08 16.80 52.05
N PHE A 316 -8.52 17.86 51.38
CA PHE A 316 -7.66 18.59 50.45
C PHE A 316 -7.11 19.88 51.04
N ILE A 317 -7.95 20.71 51.66
CA ILE A 317 -7.48 22.00 52.16
C ILE A 317 -6.81 21.83 53.53
N ASP A 318 -7.43 21.07 54.43
CA ASP A 318 -6.85 20.87 55.75
C ASP A 318 -5.76 19.82 55.73
N THR A 319 -6.12 18.59 55.35
CA THR A 319 -5.16 17.50 55.26
C THR A 319 -4.31 17.68 54.00
N ILE A 320 -3.23 16.90 53.86
CA ILE A 320 -2.33 16.91 52.66
C ILE A 320 -1.52 18.20 52.67
N PRO A 321 -0.61 18.41 53.65
CA PRO A 321 0.28 19.57 53.63
C PRO A 321 1.35 19.35 52.56
N ASN A 322 1.94 18.15 52.50
CA ASN A 322 3.05 17.85 51.55
C ASN A 322 3.99 19.06 51.60
N ILE A 323 4.36 19.65 50.46
CA ILE A 323 5.15 20.92 50.45
C ILE A 323 4.12 22.04 50.42
N MET A 324 3.97 22.79 51.51
CA MET A 324 2.92 23.85 51.61
C MET A 324 3.47 25.19 51.13
N PHE A 325 4.09 25.26 49.95
CA PHE A 325 4.47 26.58 49.39
C PHE A 325 3.14 27.26 49.04
N PHE A 326 2.02 26.52 49.09
CA PHE A 326 0.66 27.08 48.87
C PHE A 326 0.31 28.02 50.03
N SER A 327 -0.88 28.62 50.01
CA SER A 327 -1.37 29.50 51.11
C SER A 327 -2.48 28.79 51.88
N THR A 328 -3.17 27.82 51.25
CA THR A 328 -4.27 27.03 51.88
C THR A 328 -5.49 27.93 52.08
N MET A 329 -5.40 29.21 51.70
CA MET A 329 -6.53 30.17 51.91
C MET A 329 -7.29 29.77 53.18
N ILE A 367 -30.99 70.18 53.88
CA ILE A 367 -30.25 69.16 54.62
C ILE A 367 -31.11 67.91 54.71
N LYS A 368 -30.47 66.74 54.53
CA LYS A 368 -31.15 65.45 54.57
C LYS A 368 -32.28 65.38 53.54
N HIS A 369 -31.90 65.53 52.28
CA HIS A 369 -32.87 65.49 51.20
C HIS A 369 -33.28 64.04 50.92
N PRO A 370 -34.47 63.82 50.35
CA PRO A 370 -34.78 62.46 49.86
C PRO A 370 -33.81 62.00 48.79
N GLU A 371 -33.37 62.92 47.93
CA GLU A 371 -32.39 62.59 46.91
C GLU A 371 -31.08 62.14 47.52
N VAL A 372 -30.62 62.86 48.55
CA VAL A 372 -29.40 62.46 49.26
C VAL A 372 -29.60 61.10 49.92
N LYS A 373 -30.80 60.86 50.43
CA LYS A 373 -31.10 59.56 51.03
C LYS A 373 -30.98 58.44 50.00
N SER A 374 -31.49 58.67 48.79
CA SER A 374 -31.39 57.67 47.74
C SER A 374 -29.95 57.45 47.32
N ALA A 375 -29.15 58.53 47.28
CA ALA A 375 -27.73 58.37 46.96
C ALA A 375 -27.02 57.54 48.02
N ILE A 376 -27.36 57.77 49.29
CA ILE A 376 -26.76 56.99 50.37
C ILE A 376 -27.16 55.52 50.23
N GLU A 377 -28.43 55.27 49.88
CA GLU A 377 -28.86 53.91 49.61
C GLU A 377 -28.07 53.30 48.47
N GLY A 378 -27.74 54.10 47.46
CA GLY A 378 -26.94 53.60 46.35
C GLY A 378 -25.53 53.19 46.78
N ILE A 379 -24.90 54.01 47.63
CA ILE A 379 -23.55 53.64 48.08
C ILE A 379 -23.61 52.40 48.96
N LYS A 380 -24.69 52.25 49.75
CA LYS A 380 -24.87 51.01 50.51
C LYS A 380 -24.99 49.81 49.58
N TYR A 381 -25.73 49.95 48.48
CA TYR A 381 -25.84 48.84 47.53
C TYR A 381 -24.48 48.52 46.93
N ILE A 382 -23.68 49.56 46.63
CA ILE A 382 -22.34 49.34 46.09
C ILE A 382 -21.54 48.47 47.04
N ALA A 383 -21.50 48.86 48.32
CA ALA A 383 -20.72 48.13 49.30
C ALA A 383 -21.23 46.70 49.48
N GLU A 384 -22.56 46.53 49.56
CA GLU A 384 -23.12 45.20 49.79
C GLU A 384 -22.85 44.26 48.62
N THR A 385 -23.04 44.75 47.40
CA THR A 385 -22.79 43.91 46.23
C THR A 385 -21.31 43.57 46.12
N MET A 386 -20.44 44.48 46.53
CA MET A 386 -19.01 44.20 46.43
C MET A 386 -18.58 43.16 47.47
N LYS A 387 -19.15 43.23 48.70
CA LYS A 387 -19.09 42.07 49.62
C LYS A 387 -19.57 40.77 48.99
N SER A 388 -20.74 40.78 48.35
CA SER A 388 -21.28 39.53 47.84
C SER A 388 -20.36 38.94 46.78
N ASP A 389 -19.83 39.78 45.90
CA ASP A 389 -18.84 39.34 44.93
C ASP A 389 -17.59 38.80 45.60
N GLN A 390 -17.13 39.45 46.68
CA GLN A 390 -15.96 38.96 47.40
C GLN A 390 -16.20 37.56 47.93
N GLU A 391 -17.35 37.32 48.55
CA GLU A 391 -17.63 35.99 49.10
C GLU A 391 -17.73 34.94 48.00
N SER A 392 -18.41 35.27 46.90
CA SER A 392 -18.52 34.31 45.80
C SER A 392 -17.16 33.98 45.21
N ASN A 393 -16.32 35.00 45.02
CA ASN A 393 -14.97 34.76 44.49
C ASN A 393 -14.15 33.92 45.45
N ASN A 394 -14.31 34.13 46.76
CA ASN A 394 -13.56 33.34 47.73
C ASN A 394 -13.98 31.87 47.68
N ALA A 395 -15.28 31.60 47.55
CA ALA A 395 -15.72 30.21 47.46
C ALA A 395 -15.23 29.54 46.17
N ALA A 396 -15.31 30.26 45.04
CA ALA A 396 -14.74 29.73 43.81
C ALA A 396 -13.24 29.52 43.95
N GLU A 397 -12.58 30.39 44.73
CA GLU A 397 -11.15 30.24 44.99
C GLU A 397 -10.86 28.95 45.74
N GLU A 398 -11.71 28.61 46.70
CA GLU A 398 -11.57 27.33 47.40
C GLU A 398 -11.70 26.16 46.45
N TRP A 399 -12.70 26.21 45.56
CA TRP A 399 -12.84 25.14 44.56
C TRP A 399 -11.60 25.03 43.69
N LYS A 400 -11.06 26.17 43.26
CA LYS A 400 -9.87 26.16 42.42
C LYS A 400 -8.68 25.57 43.16
N TYR A 401 -8.53 25.89 44.43
CA TYR A 401 -7.42 25.35 45.22
C TYR A 401 -7.54 23.83 45.35
N VAL A 402 -8.77 23.35 45.56
CA VAL A 402 -8.97 21.89 45.65
C VAL A 402 -8.55 21.23 44.33
N ALA A 403 -8.97 21.81 43.21
CA ALA A 403 -8.61 21.27 41.90
C ALA A 403 -7.09 21.30 41.71
N MET A 404 -6.45 22.37 42.19
CA MET A 404 -4.99 22.56 42.04
C MET A 404 -4.24 21.49 42.84
N VAL A 405 -4.70 21.14 44.05
CA VAL A 405 -4.04 20.10 44.84
C VAL A 405 -4.27 18.74 44.21
N MET A 406 -5.48 18.49 43.69
CA MET A 406 -5.73 17.23 43.00
C MET A 406 -4.81 17.08 41.80
N ASP A 407 -4.62 18.15 41.03
CA ASP A 407 -3.73 18.10 39.88
C ASP A 407 -2.30 17.79 40.31
N HIS A 408 -1.84 18.41 41.40
CA HIS A 408 -0.47 18.17 41.85
C HIS A 408 -0.27 16.72 42.27
N ILE A 409 -1.24 16.14 42.96
CA ILE A 409 -1.13 14.73 43.34
C ILE A 409 -1.12 13.85 42.09
N LEU A 410 -2.04 14.13 41.16
CA LEU A 410 -2.20 13.28 39.99
C LEU A 410 -0.99 13.34 39.07
N LEU A 411 -0.31 14.48 39.02
CA LEU A 411 0.90 14.59 38.20
C LEU A 411 1.95 13.57 38.64
N ALA A 412 2.27 13.56 39.93
CA ALA A 412 3.24 12.60 40.44
C ALA A 412 2.77 11.17 40.24
N VAL A 413 1.48 10.91 40.51
CA VAL A 413 0.96 9.55 40.39
C VAL A 413 1.10 9.06 38.95
N PHE A 414 0.73 9.90 37.98
CA PHE A 414 0.74 9.46 36.59
C PHE A 414 2.16 9.35 36.03
N MET A 415 3.05 10.26 36.41
CA MET A 415 4.43 10.13 35.97
C MET A 415 5.05 8.85 36.49
N LEU A 416 4.86 8.57 37.79
CA LEU A 416 5.38 7.34 38.37
C LEU A 416 4.78 6.12 37.70
N VAL A 417 3.47 6.15 37.43
CA VAL A 417 2.82 5.02 36.77
C VAL A 417 3.38 4.85 35.36
N CYS A 418 3.71 5.94 34.68
CA CYS A 418 4.28 5.82 33.34
C CYS A 418 5.60 5.07 33.37
N ILE A 419 6.53 5.50 34.24
CA ILE A 419 7.82 4.82 34.28
C ILE A 419 7.64 3.38 34.75
N ILE A 420 6.79 3.16 35.77
CA ILE A 420 6.61 1.82 36.33
C ILE A 420 6.03 0.89 35.27
N GLY A 421 5.02 1.34 34.52
CA GLY A 421 4.43 0.48 33.52
C GLY A 421 5.38 0.19 32.37
N THR A 422 6.12 1.20 31.90
CA THR A 422 7.07 0.96 30.82
C THR A 422 8.13 -0.05 31.24
N LEU A 423 8.66 0.08 32.46
CA LEU A 423 9.64 -0.89 32.93
C LEU A 423 9.03 -2.26 33.13
N ALA A 424 7.85 -2.32 33.77
CA ALA A 424 7.20 -3.61 34.03
C ALA A 424 6.88 -4.35 32.73
N VAL A 425 6.71 -3.62 31.63
CA VAL A 425 6.50 -4.28 30.34
C VAL A 425 7.84 -4.73 29.75
N PHE A 426 8.77 -3.80 29.55
CA PHE A 426 9.95 -4.09 28.72
C PHE A 426 11.11 -4.74 29.48
N ALA A 427 11.32 -4.35 30.74
CA ALA A 427 12.55 -4.69 31.45
C ALA A 427 12.71 -6.19 31.62
N GLY A 428 11.61 -6.94 31.71
CA GLY A 428 11.73 -8.38 31.87
C GLY A 428 12.43 -9.03 30.69
N ARG A 429 11.93 -8.77 29.48
CA ARG A 429 12.59 -9.31 28.29
C ARG A 429 13.96 -8.68 28.08
N LEU A 430 14.14 -7.41 28.45
CA LEU A 430 15.43 -6.76 28.25
C LEU A 430 16.51 -7.41 29.11
N ILE A 431 16.24 -7.61 30.40
CA ILE A 431 17.23 -8.26 31.25
C ILE A 431 17.36 -9.74 30.88
N GLU A 432 16.30 -10.37 30.40
CA GLU A 432 16.43 -11.74 29.93
C GLU A 432 17.41 -11.84 28.76
N LEU A 433 17.36 -10.86 27.84
CA LEU A 433 18.28 -10.86 26.71
C LEU A 433 19.69 -10.49 27.14
N ASN A 434 19.82 -9.51 28.05
CA ASN A 434 21.15 -9.11 28.50
C ASN A 434 21.81 -10.13 29.42
N GLN A 435 21.03 -11.03 30.01
CA GLN A 435 21.57 -12.00 30.96
C GLN A 435 21.96 -13.32 30.29
N GLN A 436 21.26 -13.71 29.23
CA GLN A 436 21.55 -14.98 28.58
C GLN A 436 22.92 -14.94 27.90
N SER B 1 22.56 -21.53 -46.65
CA SER B 1 23.21 -22.08 -47.86
C SER B 1 23.53 -23.56 -47.69
N GLU B 2 23.68 -24.27 -48.81
CA GLU B 2 23.98 -25.70 -48.74
C GLU B 2 25.36 -25.95 -48.16
N ALA B 3 26.32 -25.08 -48.47
CA ALA B 3 27.66 -25.22 -47.88
C ALA B 3 27.61 -25.07 -46.37
N GLU B 4 26.82 -24.11 -45.88
CA GLU B 4 26.67 -23.94 -44.44
C GLU B 4 26.02 -25.17 -43.82
N GLY B 5 25.02 -25.75 -44.48
CA GLY B 5 24.40 -26.95 -43.95
C GLY B 5 25.37 -28.11 -43.89
N ARG B 6 26.18 -28.30 -44.94
CA ARG B 6 27.16 -29.37 -44.94
C ARG B 6 28.20 -29.15 -43.85
N LEU B 7 28.64 -27.91 -43.66
CA LEU B 7 29.61 -27.61 -42.60
C LEU B 7 29.01 -27.91 -41.23
N ARG B 8 27.76 -27.51 -41.01
CA ARG B 8 27.11 -27.78 -39.73
C ARG B 8 26.97 -29.27 -39.49
N GLU B 9 26.63 -30.03 -40.54
CA GLU B 9 26.55 -31.48 -40.40
C GLU B 9 27.91 -32.07 -40.05
N LYS B 10 28.97 -31.57 -40.69
CA LYS B 10 30.30 -32.09 -40.42
C LYS B 10 30.73 -31.80 -38.98
N LEU B 11 30.48 -30.58 -38.51
CA LEU B 11 30.97 -30.20 -37.18
C LEU B 11 30.25 -30.97 -36.08
N PHE B 12 28.94 -31.18 -36.23
CA PHE B 12 28.12 -31.81 -35.20
C PHE B 12 27.92 -33.30 -35.44
N SER B 13 28.88 -33.96 -36.09
CA SER B 13 28.90 -35.41 -36.19
C SER B 13 29.72 -35.95 -35.02
N GLY B 14 29.05 -36.69 -34.14
CA GLY B 14 29.72 -37.19 -32.94
C GLY B 14 30.14 -36.09 -31.99
N TYR B 15 29.34 -35.03 -31.90
CA TYR B 15 29.60 -33.89 -31.02
C TYR B 15 28.64 -33.94 -29.84
N ASP B 16 29.19 -33.87 -28.63
CA ASP B 16 28.39 -33.91 -27.40
C ASP B 16 28.46 -32.55 -26.73
N SER B 17 27.33 -31.85 -26.69
CA SER B 17 27.27 -30.53 -26.09
C SER B 17 27.39 -30.56 -24.57
N THR B 18 27.25 -31.73 -23.94
CA THR B 18 27.38 -31.86 -22.49
C THR B 18 28.82 -32.15 -22.04
N VAL B 19 29.76 -32.32 -22.98
CA VAL B 19 31.13 -32.69 -22.66
C VAL B 19 32.00 -31.46 -22.80
N ARG B 20 32.78 -31.18 -21.75
CA ARG B 20 33.65 -30.00 -21.77
C ARG B 20 34.74 -30.18 -22.83
N PRO B 21 35.06 -29.13 -23.61
CA PRO B 21 36.09 -29.32 -24.66
C PRO B 21 37.52 -29.31 -24.11
N ALA B 22 37.95 -30.47 -23.63
CA ALA B 22 39.32 -30.71 -23.18
C ALA B 22 39.96 -31.73 -24.11
N ARG B 23 40.92 -31.28 -24.91
CA ARG B 23 41.58 -32.19 -25.84
C ARG B 23 42.36 -33.27 -25.08
N GLU B 24 43.05 -32.88 -24.01
CA GLU B 24 43.79 -33.80 -23.15
C GLU B 24 43.23 -33.74 -21.75
N VAL B 25 43.34 -34.84 -21.02
CA VAL B 25 42.89 -34.88 -19.64
C VAL B 25 43.75 -33.94 -18.82
N GLY B 26 43.10 -33.14 -17.97
CA GLY B 26 43.76 -32.10 -17.21
C GLY B 26 43.81 -30.75 -17.89
N ASP B 27 43.35 -30.64 -19.13
CA ASP B 27 43.33 -29.35 -19.81
C ASP B 27 42.25 -28.46 -19.22
N ARG B 28 42.54 -27.17 -19.18
CA ARG B 28 41.61 -26.16 -18.70
C ARG B 28 40.95 -25.46 -19.88
N VAL B 29 39.70 -25.03 -19.68
CA VAL B 29 38.97 -24.24 -20.65
C VAL B 29 38.93 -22.82 -20.08
N TRP B 30 39.60 -21.90 -20.76
CA TRP B 30 39.69 -20.51 -20.31
C TRP B 30 38.50 -19.73 -20.85
N VAL B 31 37.74 -19.12 -19.94
CA VAL B 31 36.55 -18.35 -20.27
C VAL B 31 36.79 -16.90 -19.85
N SER B 32 36.65 -15.98 -20.80
CA SER B 32 36.73 -14.56 -20.56
C SER B 32 35.32 -14.01 -20.40
N ILE B 33 35.07 -13.32 -19.28
CA ILE B 33 33.76 -12.80 -18.92
C ILE B 33 33.84 -11.28 -18.91
N GLY B 34 32.92 -10.64 -19.63
CA GLY B 34 32.74 -9.21 -19.55
C GLY B 34 31.25 -8.90 -19.42
N LEU B 35 30.97 -7.66 -19.01
CA LEU B 35 29.61 -7.22 -18.76
C LEU B 35 29.38 -5.87 -19.42
N THR B 36 28.18 -5.68 -19.94
CA THR B 36 27.75 -4.40 -20.51
C THR B 36 26.43 -4.02 -19.89
N LEU B 37 26.41 -2.94 -19.12
CA LEU B 37 25.20 -2.51 -18.42
C LEU B 37 24.31 -1.73 -19.39
N ALA B 38 23.23 -2.36 -19.85
CA ALA B 38 22.29 -1.66 -20.71
C ALA B 38 21.40 -0.72 -19.91
N GLN B 39 21.05 -1.11 -18.69
CA GLN B 39 20.18 -0.29 -17.84
C GLN B 39 20.35 -0.73 -16.40
N LEU B 40 20.51 0.23 -15.50
CA LEU B 40 20.40 0.00 -14.07
C LEU B 40 18.94 0.23 -13.71
N ILE B 41 18.17 -0.87 -13.63
CA ILE B 41 16.73 -0.75 -13.49
C ILE B 41 16.37 -0.12 -12.15
N SER B 42 16.92 -0.63 -11.05
CA SER B 42 16.58 -0.08 -9.74
C SER B 42 17.52 -0.65 -8.69
N LEU B 43 17.48 -0.05 -7.52
CA LEU B 43 18.04 -0.62 -6.29
C LEU B 43 16.95 -0.51 -5.23
N ASN B 44 16.24 -1.60 -5.00
CA ASN B 44 15.18 -1.64 -3.99
C ASN B 44 15.80 -1.87 -2.63
N GLU B 45 15.72 -0.87 -1.76
CA GLU B 45 16.32 -0.97 -0.43
C GLU B 45 15.50 -1.83 0.51
N LYS B 46 14.18 -1.93 0.28
CA LYS B 46 13.34 -2.79 1.10
C LYS B 46 13.77 -4.25 0.96
N ASP B 47 13.89 -4.73 -0.27
CA ASP B 47 14.37 -6.08 -0.52
C ASP B 47 15.88 -6.19 -0.53
N GLU B 48 16.61 -5.07 -0.47
CA GLU B 48 18.07 -5.06 -0.54
C GLU B 48 18.54 -5.76 -1.81
N GLU B 49 18.02 -5.32 -2.95
CA GLU B 49 18.19 -6.02 -4.21
C GLU B 49 18.38 -5.03 -5.34
N MET B 50 19.44 -5.22 -6.13
CA MET B 50 19.74 -4.39 -7.29
C MET B 50 19.25 -5.11 -8.54
N SER B 51 18.33 -4.47 -9.27
CA SER B 51 17.81 -4.99 -10.53
C SER B 51 18.51 -4.28 -11.67
N THR B 52 19.10 -5.06 -12.58
CA THR B 52 19.85 -4.52 -13.71
C THR B 52 19.53 -5.31 -14.97
N LYS B 53 19.73 -4.65 -16.11
CA LYS B 53 19.67 -5.27 -17.43
C LYS B 53 21.07 -5.19 -18.04
N VAL B 54 21.60 -6.35 -18.43
CA VAL B 54 22.99 -6.45 -18.86
C VAL B 54 23.08 -7.34 -20.10
N TYR B 55 24.19 -7.18 -20.80
CA TYR B 55 24.63 -8.09 -21.86
C TYR B 55 25.93 -8.72 -21.40
N LEU B 56 25.93 -10.04 -21.25
CA LEU B 56 27.17 -10.72 -20.96
C LEU B 56 28.05 -10.76 -22.20
N ASP B 57 29.32 -11.11 -21.99
CA ASP B 57 30.27 -11.28 -23.08
C ASP B 57 31.19 -12.41 -22.67
N LEU B 58 30.86 -13.63 -23.10
CA LEU B 58 31.58 -14.83 -22.76
C LEU B 58 32.38 -15.28 -23.98
N GLU B 59 33.67 -15.52 -23.79
CA GLU B 59 34.56 -15.93 -24.87
C GLU B 59 35.39 -17.12 -24.43
N TRP B 60 35.39 -18.18 -25.24
CA TRP B 60 36.23 -19.33 -24.96
C TRP B 60 36.59 -20.00 -26.29
N THR B 61 37.14 -21.21 -26.22
CA THR B 61 37.56 -21.95 -27.40
C THR B 61 37.04 -23.38 -27.31
N ASP B 62 36.49 -23.87 -28.42
CA ASP B 62 36.07 -25.25 -28.58
C ASP B 62 36.84 -25.83 -29.75
N TYR B 63 37.81 -26.71 -29.45
CA TYR B 63 38.65 -27.27 -30.50
C TYR B 63 37.86 -28.17 -31.46
N ARG B 64 36.72 -28.69 -31.03
CA ARG B 64 35.91 -29.57 -31.85
C ARG B 64 35.16 -28.83 -32.96
N LEU B 65 35.03 -27.50 -32.86
CA LEU B 65 34.23 -26.70 -33.79
C LEU B 65 35.12 -25.85 -34.70
N SER B 66 36.29 -26.36 -35.07
CA SER B 66 37.20 -25.70 -35.99
C SER B 66 37.11 -26.34 -37.37
N TRP B 67 37.44 -25.57 -38.40
CA TRP B 67 37.40 -26.07 -39.77
C TRP B 67 38.30 -25.19 -40.62
N ASP B 68 38.55 -25.66 -41.85
CA ASP B 68 39.29 -24.90 -42.84
C ASP B 68 38.30 -24.15 -43.72
N PRO B 69 38.27 -22.81 -43.75
CA PRO B 69 37.28 -22.12 -44.61
C PRO B 69 37.44 -22.44 -46.09
N GLU B 70 38.66 -22.68 -46.57
CA GLU B 70 38.86 -22.91 -48.00
C GLU B 70 38.17 -24.19 -48.45
N GLU B 71 38.00 -25.16 -47.56
CA GLU B 71 37.30 -26.40 -47.88
C GLU B 71 35.79 -26.27 -47.77
N HIS B 72 35.27 -25.10 -47.39
CA HIS B 72 33.83 -24.90 -47.20
C HIS B 72 33.39 -23.59 -47.82
N GLU B 73 33.90 -23.29 -49.02
CA GLU B 73 33.49 -22.13 -49.80
C GLU B 73 33.71 -20.82 -49.03
N GLY B 74 34.81 -20.76 -48.30
CA GLY B 74 35.21 -19.53 -47.63
C GLY B 74 34.42 -19.17 -46.40
N ILE B 75 33.57 -20.06 -45.90
CA ILE B 75 32.83 -19.78 -44.67
C ILE B 75 33.80 -19.80 -43.50
N ASP B 76 33.92 -18.67 -42.81
CA ASP B 76 34.85 -18.50 -41.69
C ASP B 76 34.15 -18.19 -40.38
N SER B 77 32.82 -18.13 -40.35
CA SER B 77 32.11 -17.87 -39.11
C SER B 77 30.70 -18.42 -39.23
N LEU B 78 30.17 -18.89 -38.10
CA LEU B 78 28.83 -19.45 -38.01
C LEU B 78 28.11 -18.87 -36.81
N ARG B 79 26.78 -18.81 -36.89
CA ARG B 79 25.93 -18.40 -35.78
C ARG B 79 25.04 -19.59 -35.44
N ILE B 80 25.39 -20.30 -34.37
CA ILE B 80 24.77 -21.57 -34.01
C ILE B 80 23.94 -21.38 -32.76
N SER B 81 22.81 -22.08 -32.69
CA SER B 81 21.97 -22.02 -31.51
C SER B 81 22.75 -22.45 -30.27
N ALA B 82 22.57 -21.71 -29.17
CA ALA B 82 23.38 -21.91 -27.98
C ALA B 82 23.14 -23.28 -27.36
N GLU B 83 21.97 -23.89 -27.56
CA GLU B 83 21.71 -25.20 -27.01
C GLU B 83 22.46 -26.31 -27.74
N SER B 84 22.99 -26.04 -28.93
CA SER B 84 23.64 -27.06 -29.73
C SER B 84 25.13 -27.21 -29.42
N VAL B 85 25.71 -26.32 -28.62
CA VAL B 85 27.13 -26.32 -28.32
C VAL B 85 27.33 -26.29 -26.81
N TRP B 86 28.48 -26.78 -26.38
CA TRP B 86 28.83 -26.72 -24.97
C TRP B 86 28.96 -25.27 -24.53
N LEU B 87 28.34 -24.94 -23.39
CA LEU B 87 28.40 -23.62 -22.79
C LEU B 87 29.08 -23.72 -21.43
N PRO B 88 29.91 -22.75 -21.05
CA PRO B 88 30.29 -22.68 -19.64
C PRO B 88 29.06 -22.45 -18.78
N ASP B 89 29.03 -23.08 -17.61
CA ASP B 89 27.87 -22.99 -16.74
C ASP B 89 27.91 -21.72 -15.89
N VAL B 90 28.09 -20.58 -16.55
CA VAL B 90 28.30 -19.32 -15.85
C VAL B 90 26.96 -18.80 -15.37
N VAL B 91 26.89 -18.50 -14.07
CA VAL B 91 25.67 -18.06 -13.41
C VAL B 91 26.02 -16.90 -12.48
N LEU B 92 25.01 -16.09 -12.20
CA LEU B 92 25.12 -15.05 -11.18
C LEU B 92 24.96 -15.70 -9.81
N LEU B 93 26.08 -15.85 -9.11
CA LEU B 93 26.06 -16.56 -7.83
C LEU B 93 25.22 -15.83 -6.79
N ASN B 94 25.32 -14.50 -6.74
CA ASN B 94 24.68 -13.71 -5.70
C ASN B 94 23.31 -13.18 -6.12
N ASN B 95 22.59 -13.92 -6.97
CA ASN B 95 21.24 -13.54 -7.32
C ASN B 95 20.32 -13.63 -6.10
N ASN B 96 19.31 -12.77 -6.07
CA ASN B 96 18.40 -12.66 -4.94
C ASN B 96 17.08 -13.38 -5.17
N ASP B 97 16.63 -13.49 -6.40
CA ASP B 97 15.32 -14.06 -6.72
C ASP B 97 15.38 -15.54 -7.10
N GLY B 98 16.55 -16.17 -7.04
CA GLY B 98 16.67 -17.57 -7.40
C GLY B 98 16.87 -17.84 -8.88
N ASN B 99 16.93 -16.81 -9.71
CA ASN B 99 17.16 -16.97 -11.14
C ASN B 99 18.65 -16.87 -11.44
N PHE B 100 19.23 -17.96 -11.93
CA PHE B 100 20.67 -18.04 -12.20
C PHE B 100 21.02 -17.78 -13.66
N ASP B 101 20.14 -18.09 -14.59
CA ASP B 101 20.47 -18.17 -16.00
C ASP B 101 20.19 -16.86 -16.72
N VAL B 102 20.53 -16.82 -18.01
CA VAL B 102 20.39 -15.64 -18.85
C VAL B 102 18.94 -15.47 -19.27
N ALA B 103 18.60 -14.27 -19.77
CA ALA B 103 17.20 -13.96 -20.06
C ALA B 103 16.74 -14.60 -21.36
N LEU B 104 17.58 -14.60 -22.39
CA LEU B 104 17.21 -15.08 -23.72
C LEU B 104 18.32 -15.97 -24.25
N ASP B 105 17.92 -17.02 -25.00
CA ASP B 105 18.83 -17.98 -25.58
C ASP B 105 19.05 -17.58 -27.04
N ILE B 106 20.28 -17.16 -27.35
CA ILE B 106 20.61 -16.56 -28.65
C ILE B 106 21.73 -17.35 -29.29
N ASN B 107 22.20 -16.89 -30.46
CA ASN B 107 23.26 -17.58 -31.18
C ASN B 107 24.62 -17.34 -30.55
N VAL B 108 25.43 -18.37 -30.56
CA VAL B 108 26.88 -18.28 -30.31
C VAL B 108 27.57 -18.12 -31.65
N VAL B 109 28.54 -17.21 -31.69
CA VAL B 109 29.33 -16.96 -32.90
C VAL B 109 30.59 -17.81 -32.82
N VAL B 110 30.74 -18.73 -33.77
CA VAL B 110 31.84 -19.69 -33.81
C VAL B 110 32.73 -19.33 -34.99
N SER B 111 34.01 -19.09 -34.72
CA SER B 111 34.98 -18.80 -35.77
C SER B 111 35.61 -20.10 -36.29
N SER B 112 36.29 -19.98 -37.43
CA SER B 112 36.87 -21.15 -38.07
C SER B 112 37.96 -21.79 -37.22
N ASP B 113 38.62 -21.02 -36.36
CA ASP B 113 39.65 -21.54 -35.48
C ASP B 113 39.08 -22.12 -34.17
N GLY B 114 37.76 -22.11 -34.00
CA GLY B 114 37.14 -22.66 -32.81
C GLY B 114 36.86 -21.66 -31.72
N SER B 115 36.95 -20.36 -32.00
CA SER B 115 36.70 -19.33 -30.99
C SER B 115 35.19 -19.13 -30.86
N MET B 116 34.69 -19.31 -29.64
CA MET B 116 33.27 -19.18 -29.34
C MET B 116 33.04 -17.86 -28.61
N ARG B 117 32.12 -17.06 -29.13
CA ARG B 117 31.74 -15.78 -28.53
C ARG B 117 30.23 -15.77 -28.36
N TRP B 118 29.77 -15.57 -27.11
CA TRP B 118 28.38 -15.63 -26.75
C TRP B 118 28.05 -14.39 -25.93
N GLN B 119 27.01 -13.65 -26.35
CA GLN B 119 26.65 -12.37 -25.72
C GLN B 119 25.18 -12.36 -25.35
N PRO B 120 24.78 -13.21 -24.40
CA PRO B 120 23.36 -13.32 -24.07
C PRO B 120 22.90 -12.09 -23.29
N PRO B 121 21.63 -11.73 -23.38
CA PRO B 121 21.09 -10.72 -22.47
C PRO B 121 20.71 -11.34 -21.13
N GLY B 122 20.56 -10.48 -20.14
CA GLY B 122 20.15 -10.93 -18.82
C GLY B 122 19.54 -9.84 -17.97
N ILE B 123 18.37 -10.12 -17.42
CA ILE B 123 17.73 -9.24 -16.43
C ILE B 123 17.96 -9.90 -15.08
N TYR B 124 18.84 -9.30 -14.28
CA TYR B 124 19.34 -9.89 -13.05
C TYR B 124 18.88 -9.09 -11.84
N ARG B 125 18.71 -9.79 -10.72
CA ARG B 125 18.35 -9.21 -9.43
C ARG B 125 19.36 -9.73 -8.41
N SER B 126 20.43 -8.97 -8.20
CA SER B 126 21.50 -9.37 -7.31
C SER B 126 21.27 -8.82 -5.90
N SER B 127 21.93 -9.44 -4.93
CA SER B 127 21.86 -8.99 -3.55
C SER B 127 22.84 -7.86 -3.31
N CYS B 128 22.40 -6.84 -2.58
CA CYS B 128 23.23 -5.71 -2.21
C CYS B 128 22.97 -5.37 -0.75
N SER B 129 24.02 -5.42 0.07
CA SER B 129 23.92 -5.05 1.48
C SER B 129 23.91 -3.53 1.58
N ILE B 130 22.76 -2.96 1.89
CA ILE B 130 22.58 -1.51 1.86
C ILE B 130 23.21 -0.90 3.11
N GLN B 131 24.10 0.06 2.90
CA GLN B 131 24.65 0.86 4.00
C GLN B 131 23.65 1.98 4.28
N VAL B 132 22.87 1.83 5.35
CA VAL B 132 21.74 2.71 5.60
C VAL B 132 22.12 3.97 6.36
N THR B 133 23.39 4.12 6.77
CA THR B 133 23.76 5.14 7.74
C THR B 133 23.49 6.55 7.23
N TYR B 134 23.86 6.83 5.97
CA TYR B 134 23.77 8.16 5.39
C TYR B 134 22.62 8.30 4.40
N PHE B 135 21.64 7.42 4.46
CA PHE B 135 20.48 7.54 3.59
C PHE B 135 19.74 8.84 3.90
N PRO B 136 19.31 9.61 2.89
CA PRO B 136 19.39 9.44 1.43
C PRO B 136 20.64 10.05 0.78
N PHE B 137 21.65 10.42 1.56
CA PHE B 137 22.89 10.98 1.03
C PHE B 137 23.98 9.92 0.94
N ASP B 138 23.59 8.70 0.60
CA ASP B 138 24.45 7.52 0.68
C ASP B 138 24.94 7.10 -0.70
N TRP B 139 26.02 6.34 -0.70
CA TRP B 139 26.52 5.63 -1.87
C TRP B 139 26.60 4.15 -1.54
N GLN B 140 26.18 3.31 -2.49
CA GLN B 140 26.14 1.87 -2.32
C GLN B 140 27.17 1.22 -3.23
N ASN B 141 27.69 0.08 -2.78
CA ASN B 141 28.69 -0.71 -3.47
C ASN B 141 28.06 -2.08 -3.75
N CYS B 142 27.38 -2.19 -4.89
CA CYS B 142 26.62 -3.39 -5.22
C CYS B 142 27.42 -4.25 -6.20
N THR B 143 27.53 -5.53 -5.90
CA THR B 143 28.37 -6.45 -6.65
C THR B 143 27.52 -7.46 -7.42
N MET B 144 28.06 -7.91 -8.55
CA MET B 144 27.48 -9.01 -9.34
C MET B 144 28.58 -10.05 -9.51
N VAL B 145 28.41 -11.20 -8.86
CA VAL B 145 29.40 -12.27 -8.88
C VAL B 145 28.97 -13.29 -9.93
N PHE B 146 29.82 -13.49 -10.94
CA PHE B 146 29.59 -14.47 -11.99
C PHE B 146 30.59 -15.59 -11.85
N SER B 147 30.10 -16.83 -11.84
CA SER B 147 30.98 -17.97 -11.66
C SER B 147 30.36 -19.20 -12.31
N SER B 148 31.20 -20.16 -12.64
CA SER B 148 30.69 -21.45 -13.10
C SER B 148 30.06 -22.18 -11.92
N TYR B 149 28.84 -22.68 -12.10
CA TYR B 149 28.16 -23.34 -11.00
C TYR B 149 28.81 -24.68 -10.66
N SER B 150 29.18 -25.45 -11.69
CA SER B 150 29.63 -26.83 -11.52
C SER B 150 31.14 -26.99 -11.65
N TYR B 151 31.72 -26.52 -12.76
CA TYR B 151 33.13 -26.77 -13.02
C TYR B 151 34.01 -26.01 -12.04
N ASP B 152 35.05 -26.67 -11.54
CA ASP B 152 35.97 -26.07 -10.54
C ASP B 152 37.07 -25.31 -11.30
N SER B 153 38.14 -24.90 -10.62
CA SER B 153 39.25 -24.17 -11.22
C SER B 153 40.09 -25.05 -12.12
N SER B 154 40.25 -26.33 -11.76
CA SER B 154 41.05 -27.24 -12.57
C SER B 154 40.41 -27.54 -13.92
N GLU B 155 39.11 -27.32 -14.07
CA GLU B 155 38.37 -27.59 -15.29
C GLU B 155 38.09 -26.34 -16.11
N VAL B 156 37.54 -25.30 -15.49
CA VAL B 156 37.21 -24.04 -16.14
C VAL B 156 37.82 -22.92 -15.32
N SER B 157 38.74 -22.17 -15.93
CA SER B 157 39.38 -21.02 -15.31
C SER B 157 38.84 -19.75 -15.93
N LEU B 158 38.40 -18.82 -15.09
CA LEU B 158 37.79 -17.58 -15.55
C LEU B 158 38.81 -16.45 -15.61
N GLN B 159 38.49 -15.43 -16.40
CA GLN B 159 39.32 -14.23 -16.49
C GLN B 159 38.44 -13.09 -16.97
N THR B 160 38.93 -11.87 -16.78
CA THR B 160 38.19 -10.69 -17.16
C THR B 160 38.26 -10.48 -18.66
N GLY B 161 37.10 -10.15 -19.26
CA GLY B 161 37.02 -9.97 -20.70
C GLY B 161 37.55 -8.64 -21.17
N LEU B 162 38.58 -8.68 -22.02
CA LEU B 162 39.18 -7.46 -22.53
C LEU B 162 38.33 -6.85 -23.64
N SER B 163 38.16 -5.54 -23.60
CA SER B 163 37.50 -4.80 -24.67
C SER B 163 38.41 -4.75 -25.89
N PRO B 164 37.93 -4.21 -27.02
CA PRO B 164 38.83 -4.06 -28.18
C PRO B 164 40.06 -3.21 -27.91
N GLU B 165 40.02 -2.33 -26.92
CA GLU B 165 41.21 -1.59 -26.52
C GLU B 165 42.28 -2.51 -25.93
N GLY B 166 41.88 -3.67 -25.40
CA GLY B 166 42.87 -4.59 -24.85
C GLY B 166 43.37 -4.13 -23.50
N GLN B 167 44.66 -4.37 -23.26
CA GLN B 167 45.35 -3.96 -22.03
C GLN B 167 44.74 -4.60 -20.78
N GLU B 168 44.08 -5.76 -20.94
CA GLU B 168 43.40 -6.43 -19.83
C GLU B 168 42.39 -5.49 -19.17
N ARG B 169 41.44 -5.02 -19.97
CA ARG B 169 40.46 -4.06 -19.48
C ARG B 169 39.62 -4.68 -18.38
N GLN B 170 39.53 -3.96 -17.26
CA GLN B 170 38.83 -4.42 -16.05
C GLN B 170 37.82 -3.35 -15.68
N GLU B 171 36.65 -3.42 -16.30
CA GLU B 171 35.60 -2.42 -16.10
C GLU B 171 34.33 -2.92 -16.76
N VAL B 172 33.19 -2.49 -16.22
CA VAL B 172 31.91 -2.71 -16.88
C VAL B 172 31.80 -1.73 -18.03
N TYR B 173 31.47 -2.23 -19.21
CA TYR B 173 31.32 -1.39 -20.38
C TYR B 173 29.94 -0.73 -20.38
N ILE B 174 29.92 0.58 -20.66
CA ILE B 174 28.67 1.32 -20.83
C ILE B 174 28.81 2.14 -22.12
N HIS B 175 27.90 1.91 -23.06
CA HIS B 175 27.89 2.66 -24.31
C HIS B 175 27.18 3.98 -24.08
N GLU B 176 27.94 5.07 -24.02
CA GLU B 176 27.40 6.36 -23.62
C GLU B 176 26.36 6.88 -24.60
N GLY B 177 26.39 6.43 -25.86
CA GLY B 177 25.43 6.92 -26.83
C GLY B 177 23.99 6.53 -26.49
N THR B 178 23.78 5.27 -26.13
CA THR B 178 22.44 4.75 -25.87
C THR B 178 22.13 4.54 -24.39
N PHE B 179 23.13 4.53 -23.51
CA PHE B 179 22.86 4.33 -22.09
C PHE B 179 22.10 5.53 -21.53
N ILE B 180 21.01 5.25 -20.84
CA ILE B 180 20.20 6.27 -20.18
C ILE B 180 20.48 6.16 -18.68
N GLU B 181 20.97 7.24 -18.09
CA GLU B 181 21.29 7.23 -16.68
C GLU B 181 20.03 7.08 -15.84
N ASN B 182 20.14 6.33 -14.75
CA ASN B 182 19.04 6.21 -13.82
C ASN B 182 18.72 7.56 -13.22
N GLY B 183 17.43 7.82 -12.98
CA GLY B 183 17.02 9.08 -12.40
C GLY B 183 17.29 9.24 -10.93
N GLN B 184 17.71 8.17 -10.25
CA GLN B 184 17.97 8.18 -8.82
C GLN B 184 19.42 7.87 -8.46
N TRP B 185 20.20 7.29 -9.37
CA TRP B 185 21.55 6.82 -9.06
C TRP B 185 22.52 7.26 -10.14
N GLU B 186 23.73 7.61 -9.70
CA GLU B 186 24.82 8.00 -10.59
C GLU B 186 25.97 7.01 -10.38
N ILE B 187 26.45 6.43 -11.47
CA ILE B 187 27.52 5.43 -11.40
C ILE B 187 28.85 6.16 -11.28
N ILE B 188 29.48 6.06 -10.12
CA ILE B 188 30.77 6.69 -9.89
C ILE B 188 31.90 5.84 -10.45
N HIS B 189 31.98 4.58 -9.99
CA HIS B 189 32.97 3.62 -10.45
C HIS B 189 32.26 2.35 -10.89
N LYS B 190 32.93 1.59 -11.74
CA LYS B 190 32.39 0.34 -12.23
C LYS B 190 33.50 -0.63 -12.63
N PRO B 191 34.33 -1.07 -11.69
CA PRO B 191 35.45 -1.95 -12.03
C PRO B 191 34.98 -3.40 -12.19
N SER B 192 35.95 -4.27 -12.48
CA SER B 192 35.70 -5.69 -12.67
C SER B 192 36.95 -6.44 -12.25
N ARG B 193 36.80 -7.40 -11.34
CA ARG B 193 37.94 -8.09 -10.75
C ARG B 193 37.73 -9.60 -10.81
N LEU B 194 38.84 -10.33 -10.86
CA LEU B 194 38.84 -11.79 -10.79
C LEU B 194 39.23 -12.19 -9.37
N ILE B 195 38.26 -12.69 -8.62
CA ILE B 195 38.47 -13.17 -7.26
C ILE B 195 38.75 -14.67 -7.35
N GLN B 196 40.00 -15.06 -7.05
CA GLN B 196 40.40 -16.45 -7.03
C GLN B 196 40.29 -17.02 -5.63
N PRO B 197 39.99 -18.31 -5.48
CA PRO B 197 39.74 -18.86 -4.14
C PRO B 197 41.01 -19.04 -3.33
N SER B 198 40.83 -19.07 -2.01
CA SER B 198 41.93 -19.37 -1.10
C SER B 198 42.30 -20.84 -1.21
N VAL B 199 43.60 -21.11 -1.31
CA VAL B 199 44.17 -22.45 -1.51
C VAL B 199 43.39 -23.29 -2.52
N GLY B 207 34.72 -25.00 0.09
CA GLY B 207 35.69 -24.38 -0.80
C GLY B 207 35.08 -23.85 -2.08
N ARG B 208 35.22 -22.56 -2.31
CA ARG B 208 34.65 -21.91 -3.49
C ARG B 208 35.60 -22.09 -4.67
N ARG B 209 35.33 -21.37 -5.76
CA ARG B 209 36.11 -21.45 -6.99
C ARG B 209 36.29 -20.03 -7.53
N GLU B 210 36.98 -19.92 -8.67
CA GLU B 210 37.22 -18.62 -9.27
C GLU B 210 35.90 -17.96 -9.65
N GLU B 211 35.85 -16.64 -9.49
CA GLU B 211 34.67 -15.87 -9.88
C GLU B 211 35.13 -14.52 -10.41
N VAL B 212 34.25 -13.90 -11.20
CA VAL B 212 34.46 -12.55 -11.73
C VAL B 212 33.39 -11.67 -11.10
N THR B 213 33.83 -10.68 -10.33
CA THR B 213 32.93 -9.75 -9.66
C THR B 213 32.93 -8.43 -10.41
N PHE B 214 31.75 -7.98 -10.80
CA PHE B 214 31.55 -6.65 -11.37
C PHE B 214 30.94 -5.77 -10.30
N TYR B 215 31.69 -4.74 -9.89
CA TYR B 215 31.25 -3.83 -8.85
C TYR B 215 30.61 -2.60 -9.48
N LEU B 216 29.62 -2.05 -8.77
CA LEU B 216 28.98 -0.80 -9.14
C LEU B 216 28.91 0.06 -7.90
N ILE B 217 29.71 1.12 -7.88
CA ILE B 217 29.59 2.16 -6.87
C ILE B 217 28.60 3.18 -7.41
N ILE B 218 27.49 3.37 -6.70
CA ILE B 218 26.39 4.21 -7.18
C ILE B 218 26.01 5.18 -6.08
N ARG B 219 25.96 6.46 -6.42
CA ARG B 219 25.62 7.53 -5.49
C ARG B 219 24.19 7.97 -5.73
N ARG B 220 23.39 8.01 -4.67
CA ARG B 220 22.02 8.47 -4.78
C ARG B 220 21.98 9.97 -5.03
N LYS B 221 20.97 10.40 -5.80
CA LYS B 221 20.72 11.81 -6.05
C LYS B 221 19.59 12.27 -5.14
N PRO B 222 19.86 13.02 -4.04
CA PRO B 222 18.88 13.14 -2.95
C PRO B 222 17.88 14.28 -3.11
N LEU B 223 17.71 14.82 -4.33
CA LEU B 223 16.84 15.98 -4.51
C LEU B 223 15.41 15.68 -4.08
N PHE B 224 14.92 14.48 -4.37
CA PHE B 224 13.55 14.13 -4.01
C PHE B 224 13.35 14.20 -2.51
N TYR B 225 14.28 13.61 -1.74
CA TYR B 225 14.15 13.61 -0.29
C TYR B 225 14.39 14.98 0.30
N LEU B 226 15.28 15.77 -0.30
CA LEU B 226 15.48 17.14 0.16
C LEU B 226 14.21 17.95 0.01
N VAL B 227 13.55 17.83 -1.13
CA VAL B 227 12.35 18.62 -1.38
C VAL B 227 11.17 18.12 -0.55
N ASN B 228 11.00 16.80 -0.46
CA ASN B 228 9.79 16.22 0.09
C ASN B 228 9.82 16.02 1.60
N VAL B 229 11.01 15.95 2.21
CA VAL B 229 11.16 15.58 3.62
C VAL B 229 11.93 16.63 4.40
N ILE B 230 13.12 16.99 3.94
CA ILE B 230 14.04 17.79 4.76
C ILE B 230 13.48 19.20 4.95
N ALA B 231 13.06 19.84 3.85
CA ALA B 231 12.58 21.22 3.95
C ALA B 231 11.30 21.34 4.79
N PRO B 232 10.30 20.48 4.62
CA PRO B 232 9.16 20.51 5.56
C PRO B 232 9.57 20.33 7.01
N CYS B 233 10.54 19.45 7.28
CA CYS B 233 11.01 19.27 8.65
C CYS B 233 11.63 20.56 9.18
N ILE B 234 12.41 21.26 8.34
CA ILE B 234 13.01 22.52 8.75
C ILE B 234 11.94 23.54 9.06
N LEU B 235 10.90 23.62 8.22
CA LEU B 235 9.84 24.59 8.45
C LEU B 235 9.08 24.29 9.74
N ILE B 236 8.75 23.02 9.97
CA ILE B 236 8.03 22.64 11.18
C ILE B 236 8.90 22.91 12.41
N THR B 237 10.21 22.69 12.29
CA THR B 237 11.12 22.99 13.40
C THR B 237 11.17 24.49 13.67
N LEU B 238 11.12 25.31 12.62
CA LEU B 238 11.07 26.76 12.82
C LEU B 238 9.80 27.16 13.55
N LEU B 239 8.67 26.56 13.20
CA LEU B 239 7.44 26.82 13.95
C LEU B 239 7.58 26.41 15.40
N ALA B 240 8.20 25.25 15.64
CA ALA B 240 8.41 24.79 17.01
C ALA B 240 9.26 25.77 17.79
N ILE B 241 10.26 26.37 17.15
CA ILE B 241 11.01 27.45 17.78
C ILE B 241 10.09 28.61 18.11
N PHE B 242 9.23 28.98 17.15
CA PHE B 242 8.42 30.18 17.31
C PHE B 242 7.25 30.00 18.27
N VAL B 243 7.03 28.80 18.81
CA VAL B 243 6.00 28.64 19.85
C VAL B 243 6.33 29.51 21.06
N PHE B 244 7.63 29.68 21.37
CA PHE B 244 8.01 30.37 22.59
C PHE B 244 7.81 31.88 22.50
N TYR B 245 7.68 32.44 21.31
CA TYR B 245 7.34 33.85 21.16
C TYR B 245 5.84 34.11 21.30
N LEU B 246 5.02 33.07 21.37
CA LEU B 246 3.58 33.20 21.48
C LEU B 246 3.20 33.58 22.91
N PRO B 247 2.28 34.53 23.13
CA PRO B 247 1.90 34.86 24.50
C PRO B 247 1.21 33.69 25.18
N PRO B 248 1.36 33.55 26.51
CA PRO B 248 0.48 32.60 27.22
C PRO B 248 -0.99 33.00 27.21
N ASP B 249 -1.30 34.28 26.99
CA ASP B 249 -2.69 34.72 27.03
C ASP B 249 -3.46 34.34 25.77
N ALA B 250 -2.76 34.09 24.66
CA ALA B 250 -3.45 33.70 23.43
C ALA B 250 -4.10 32.32 23.57
N GLY B 251 -3.55 31.47 24.42
CA GLY B 251 -4.10 30.13 24.59
C GLY B 251 -3.96 29.26 23.36
N GLU B 252 -2.79 29.30 22.70
CA GLU B 252 -2.55 28.50 21.50
C GLU B 252 -1.17 27.85 21.49
N LYS B 253 -0.44 27.86 22.60
CA LYS B 253 0.89 27.24 22.62
C LYS B 253 0.81 25.73 22.49
N MET B 254 -0.08 25.10 23.27
CA MET B 254 -0.27 23.66 23.20
C MET B 254 -0.69 23.23 21.80
N GLY B 255 -1.63 23.96 21.20
CA GLY B 255 -2.07 23.59 19.86
C GLY B 255 -0.95 23.63 18.86
N LEU B 256 -0.21 24.74 18.80
CA LEU B 256 0.88 24.87 17.84
C LEU B 256 1.93 23.79 18.05
N SER B 257 2.37 23.59 19.30
CA SER B 257 3.46 22.65 19.55
C SER B 257 3.02 21.21 19.29
N ILE B 258 1.87 20.79 19.83
CA ILE B 258 1.47 19.40 19.71
C ILE B 258 1.07 19.07 18.27
N PHE B 259 0.48 20.01 17.54
CA PHE B 259 0.17 19.77 16.14
C PHE B 259 1.41 19.79 15.26
N ALA B 260 2.45 20.55 15.64
CA ALA B 260 3.73 20.39 14.97
C ALA B 260 4.29 18.99 15.19
N LEU B 261 4.15 18.48 16.42
CA LEU B 261 4.57 17.11 16.70
C LEU B 261 3.76 16.11 15.87
N LEU B 262 2.46 16.35 15.71
CA LEU B 262 1.63 15.47 14.89
C LEU B 262 2.10 15.48 13.44
N THR B 263 2.43 16.66 12.91
CA THR B 263 2.93 16.74 11.54
C THR B 263 4.24 15.98 11.40
N LEU B 264 5.14 16.10 12.38
CA LEU B 264 6.40 15.37 12.31
C LEU B 264 6.16 13.86 12.38
N THR B 265 5.22 13.43 13.21
CA THR B 265 4.90 12.01 13.28
C THR B 265 4.34 11.52 11.95
N VAL B 266 3.49 12.33 11.31
CA VAL B 266 2.98 11.98 9.98
C VAL B 266 4.13 11.82 9.01
N PHE B 267 5.10 12.74 9.05
CA PHE B 267 6.24 12.64 8.14
C PHE B 267 7.06 11.38 8.40
N LEU B 268 7.27 11.05 9.68
CA LEU B 268 8.02 9.84 9.99
C LEU B 268 7.30 8.60 9.51
N LEU B 269 5.98 8.52 9.74
CA LEU B 269 5.23 7.33 9.35
C LEU B 269 5.17 7.20 7.83
N LEU B 270 4.96 8.29 7.11
CA LEU B 270 4.89 8.23 5.66
C LEU B 270 6.26 8.21 4.99
N LEU B 271 7.34 8.38 5.76
CA LEU B 271 8.69 8.15 5.26
C LEU B 271 9.14 6.70 5.41
N ALA B 272 8.48 5.93 6.28
CA ALA B 272 8.85 4.53 6.46
C ALA B 272 8.64 3.71 5.18
N ASP B 273 7.80 4.18 4.27
CA ASP B 273 7.63 3.51 2.99
C ASP B 273 8.94 3.48 2.22
N LYS B 274 9.80 4.49 2.41
CA LYS B 274 10.98 4.67 1.57
C LYS B 274 12.26 4.17 2.20
N VAL B 275 12.39 4.18 3.52
CA VAL B 275 13.67 3.88 4.18
C VAL B 275 13.91 2.37 4.17
N PRO B 276 15.15 1.91 4.32
CA PRO B 276 15.38 0.48 4.53
C PRO B 276 14.94 0.05 5.93
N GLU B 277 14.69 -1.26 6.06
CA GLU B 277 14.20 -1.86 7.29
C GLU B 277 15.22 -2.73 8.00
N THR B 278 16.50 -2.55 7.71
CA THR B 278 17.55 -3.26 8.43
C THR B 278 17.74 -2.62 9.80
N SER B 279 18.59 -3.24 10.63
CA SER B 279 18.78 -2.82 12.02
C SER B 279 20.24 -2.75 12.42
N LEU B 280 21.17 -2.68 11.47
CA LEU B 280 22.58 -2.51 11.77
C LEU B 280 22.98 -1.06 12.01
N SER B 281 22.11 -0.11 11.70
CA SER B 281 22.38 1.31 11.89
C SER B 281 21.06 2.06 11.75
N VAL B 282 21.13 3.38 11.92
CA VAL B 282 19.97 4.25 11.81
C VAL B 282 20.27 5.25 10.68
N PRO B 283 19.34 5.50 9.75
CA PRO B 283 19.61 6.54 8.74
C PRO B 283 19.76 7.91 9.36
N ILE B 284 20.60 8.73 8.73
CA ILE B 284 20.84 10.08 9.22
C ILE B 284 19.56 10.91 9.11
N ILE B 285 18.72 10.64 8.11
CA ILE B 285 17.43 11.32 8.03
C ILE B 285 16.53 10.91 9.18
N ILE B 286 16.57 9.62 9.56
CA ILE B 286 15.80 9.17 10.72
C ILE B 286 16.36 9.75 12.00
N LYS B 287 17.69 9.89 12.08
CA LYS B 287 18.29 10.55 13.24
C LYS B 287 17.83 12.00 13.33
N TYR B 288 17.78 12.69 12.19
CA TYR B 288 17.31 14.07 12.18
C TYR B 288 15.85 14.16 12.61
N LEU B 289 15.02 13.23 12.12
CA LEU B 289 13.61 13.24 12.50
C LEU B 289 13.44 12.95 13.99
N MET B 290 14.21 12.00 14.53
CA MET B 290 14.13 11.71 15.95
C MET B 290 14.59 12.90 16.79
N PHE B 291 15.66 13.56 16.36
CA PHE B 291 16.14 14.74 17.07
C PHE B 291 15.09 15.85 17.05
N THR B 292 14.46 16.06 15.90
CA THR B 292 13.43 17.09 15.80
C THR B 292 12.23 16.74 16.66
N MET B 293 11.83 15.47 16.67
CA MET B 293 10.69 15.05 17.49
C MET B 293 10.98 15.23 18.97
N VAL B 294 12.19 14.87 19.41
CA VAL B 294 12.56 15.08 20.81
C VAL B 294 12.59 16.56 21.15
N LEU B 295 13.08 17.38 20.21
CA LEU B 295 13.10 18.83 20.45
C LEU B 295 11.69 19.39 20.58
N VAL B 296 10.77 18.95 19.72
CA VAL B 296 9.40 19.43 19.83
C VAL B 296 8.74 18.90 21.09
N THR B 297 9.09 17.69 21.53
CA THR B 297 8.56 17.19 22.80
C THR B 297 9.02 18.05 23.96
N PHE B 298 10.31 18.43 23.97
CA PHE B 298 10.78 19.34 25.00
C PHE B 298 10.13 20.71 24.87
N SER B 299 9.82 21.14 23.65
CA SER B 299 9.11 22.40 23.47
C SER B 299 7.73 22.33 24.10
N VAL B 300 7.04 21.20 23.92
CA VAL B 300 5.73 21.01 24.56
C VAL B 300 5.88 21.02 26.07
N ILE B 301 6.91 20.34 26.59
CA ILE B 301 7.10 20.24 28.03
C ILE B 301 7.34 21.64 28.62
N LEU B 302 8.22 22.41 27.98
CA LEU B 302 8.54 23.73 28.51
C LEU B 302 7.42 24.73 28.26
N SER B 303 6.61 24.54 27.22
CA SER B 303 5.43 25.37 27.06
C SER B 303 4.42 25.10 28.17
N VAL B 304 4.29 23.84 28.57
CA VAL B 304 3.44 23.52 29.73
C VAL B 304 3.99 24.19 30.98
N VAL B 305 5.32 24.17 31.14
CA VAL B 305 5.92 24.81 32.31
C VAL B 305 5.64 26.31 32.31
N VAL B 306 5.78 26.95 31.14
CA VAL B 306 5.54 28.39 31.04
C VAL B 306 4.08 28.71 31.32
N LEU B 307 3.16 27.90 30.80
CA LEU B 307 1.75 28.12 31.07
C LEU B 307 1.45 27.93 32.55
N ASN B 308 2.12 26.97 33.20
CA ASN B 308 1.93 26.80 34.64
C ASN B 308 2.40 28.03 35.40
N LEU B 309 3.57 28.56 35.03
CA LEU B 309 4.09 29.74 35.71
C LEU B 309 3.18 30.95 35.49
N HIS B 310 2.68 31.11 34.27
CA HIS B 310 1.90 32.30 33.94
C HIS B 310 0.61 32.37 34.75
N HIS B 311 -0.03 31.22 35.00
CA HIS B 311 -1.30 31.17 35.69
C HIS B 311 -1.15 30.88 37.18
N ARG B 312 0.04 31.08 37.75
CA ARG B 312 0.22 30.92 39.18
C ARG B 312 -0.68 31.90 39.93
N SER B 313 -1.61 31.36 40.69
CA SER B 313 -2.54 32.19 41.44
C SER B 313 -1.78 32.94 42.52
N PRO B 314 -1.86 34.29 42.59
CA PRO B 314 -0.98 34.99 43.55
C PRO B 314 -1.28 34.70 45.01
N HIS B 315 -2.54 34.80 45.41
CA HIS B 315 -2.92 34.50 46.79
C HIS B 315 -2.52 33.10 47.24
N THR B 316 -2.46 32.13 46.32
CA THR B 316 -2.14 30.76 46.70
C THR B 316 -0.63 30.50 46.73
N HIS B 317 0.13 31.12 45.83
CA HIS B 317 1.57 30.90 45.73
C HIS B 317 2.30 32.18 46.10
N GLN B 318 3.22 32.08 47.06
CA GLN B 318 4.19 33.12 47.32
C GLN B 318 5.44 32.82 46.52
N MET B 319 5.93 33.82 45.79
CA MET B 319 7.13 33.62 44.98
C MET B 319 8.34 33.45 45.90
N PRO B 320 9.15 32.40 45.74
CA PRO B 320 10.39 32.32 46.51
C PRO B 320 11.31 33.49 46.21
N LEU B 321 12.05 33.92 47.22
CA LEU B 321 12.89 35.11 47.10
C LEU B 321 13.98 34.88 46.05
N TRP B 322 14.52 33.66 45.98
CA TRP B 322 15.52 33.34 44.98
C TRP B 322 14.94 33.41 43.57
N VAL B 323 13.68 33.00 43.40
CA VAL B 323 13.02 33.14 42.10
C VAL B 323 12.96 34.61 41.72
N ARG B 324 12.60 35.48 42.66
CA ARG B 324 12.54 36.90 42.39
C ARG B 324 13.90 37.43 41.94
N GLN B 325 14.96 37.11 42.71
CA GLN B 325 16.28 37.63 42.37
C GLN B 325 16.74 37.13 41.00
N ILE B 326 16.53 35.85 40.70
CA ILE B 326 17.05 35.30 39.46
C ILE B 326 16.25 35.82 38.27
N PHE B 327 14.93 35.68 38.30
CA PHE B 327 14.10 35.86 37.12
C PHE B 327 13.47 37.23 37.00
N ILE B 328 13.74 38.16 37.94
CA ILE B 328 13.19 39.52 37.84
C ILE B 328 14.32 40.54 37.85
N HIS B 329 15.46 40.21 38.46
CA HIS B 329 16.57 41.14 38.63
C HIS B 329 17.82 40.78 37.84
N LYS B 330 18.17 39.50 37.76
CA LYS B 330 19.44 39.11 37.14
C LYS B 330 19.30 38.84 35.64
N LEU B 331 18.46 37.86 35.27
CA LEU B 331 18.34 37.41 33.89
C LEU B 331 17.71 38.44 32.94
N PRO B 332 16.74 39.25 33.38
CA PRO B 332 16.23 40.30 32.47
C PRO B 332 17.30 41.24 31.96
N LEU B 333 18.36 41.50 32.73
CA LEU B 333 19.45 42.32 32.23
C LEU B 333 20.15 41.65 31.06
N TYR B 334 20.41 40.34 31.15
CA TYR B 334 21.14 39.64 30.11
C TYR B 334 20.27 39.38 28.88
N LEU B 335 18.96 39.19 29.07
CA LEU B 335 18.05 38.88 27.97
C LEU B 335 17.46 40.11 27.31
N GLY B 336 17.81 41.31 27.76
CA GLY B 336 17.28 42.54 27.16
C GLY B 336 15.78 42.64 27.29
N LEU B 337 15.25 42.31 28.47
CA LEU B 337 13.82 42.37 28.77
C LEU B 337 13.66 43.30 29.96
N LYS B 338 13.58 44.60 29.71
CA LYS B 338 13.54 45.59 30.77
C LYS B 338 12.08 45.87 31.13
N ARG B 339 11.74 45.66 32.41
CA ARG B 339 10.37 45.87 32.84
C ARG B 339 10.00 47.35 32.68
N PRO B 340 8.77 47.67 32.25
CA PRO B 340 8.44 49.09 32.05
C PRO B 340 8.57 49.95 33.29
N LYS B 341 8.24 49.42 34.47
CA LYS B 341 8.34 50.19 35.70
C LYS B 341 9.71 49.95 36.34
N PRO B 342 10.53 51.00 36.53
CA PRO B 342 11.87 50.75 37.10
C PRO B 342 11.84 50.27 38.54
N GLU B 343 10.76 50.51 39.28
CA GLU B 343 10.67 50.14 40.69
C GLU B 343 11.78 50.81 41.50
N PRO B 410 -23.16 62.12 62.13
CA PRO B 410 -24.45 61.44 62.05
C PRO B 410 -24.30 59.95 61.77
N PRO B 411 -25.37 59.16 61.94
CA PRO B 411 -25.27 57.71 61.69
C PRO B 411 -25.07 57.39 60.21
N GLU B 412 -25.89 58.03 59.37
CA GLU B 412 -25.80 57.79 57.94
C GLU B 412 -24.44 58.17 57.39
N LEU B 413 -23.95 59.36 57.76
CA LEU B 413 -22.63 59.78 57.30
C LEU B 413 -21.53 58.88 57.86
N ARG B 414 -21.69 58.43 59.11
CA ARG B 414 -20.70 57.54 59.71
C ARG B 414 -20.59 56.24 58.92
N GLU B 415 -21.73 55.60 58.64
CA GLU B 415 -21.68 54.34 57.92
C GLU B 415 -21.31 54.54 56.45
N VAL B 416 -21.61 55.70 55.88
CA VAL B 416 -21.14 56.00 54.53
C VAL B 416 -19.63 56.14 54.51
N VAL B 417 -19.07 56.75 55.56
CA VAL B 417 -17.61 56.81 55.69
C VAL B 417 -17.03 55.41 55.78
N SER B 418 -17.68 54.55 56.55
CA SER B 418 -17.24 53.16 56.65
C SER B 418 -17.23 52.49 55.28
N SER B 419 -18.31 52.67 54.51
CA SER B 419 -18.41 52.05 53.19
C SER B 419 -17.33 52.59 52.24
N ILE B 420 -17.06 53.90 52.29
CA ILE B 420 -16.09 54.48 51.37
C ILE B 420 -14.68 53.99 51.70
N SER B 421 -14.32 54.04 52.99
CA SER B 421 -13.03 53.51 53.42
C SER B 421 -12.89 52.04 53.03
N TYR B 422 -13.98 51.30 53.14
CA TYR B 422 -13.96 49.89 52.73
C TYR B 422 -13.71 49.74 51.23
N ILE B 423 -14.38 50.54 50.41
CA ILE B 423 -14.21 50.40 48.96
C ILE B 423 -12.76 50.70 48.59
N ALA B 424 -12.18 51.70 49.25
CA ALA B 424 -10.75 51.95 49.07
C ALA B 424 -9.93 50.75 49.51
N ARG B 425 -10.33 50.08 50.59
CA ARG B 425 -9.59 48.91 51.05
C ARG B 425 -9.62 47.78 50.03
N GLN B 426 -10.80 47.49 49.47
CA GLN B 426 -10.89 46.46 48.44
C GLN B 426 -10.06 46.81 47.22
N LEU B 427 -10.09 48.07 46.79
CA LEU B 427 -9.29 48.44 45.63
C LEU B 427 -7.80 48.29 45.94
N GLN B 428 -7.37 48.64 47.15
CA GLN B 428 -5.97 48.48 47.52
C GLN B 428 -5.57 47.00 47.51
N GLU B 429 -6.43 46.13 48.05
CA GLU B 429 -6.15 44.70 48.02
C GLU B 429 -6.04 44.20 46.58
N GLN B 430 -6.87 44.75 45.69
CA GLN B 430 -6.79 44.36 44.29
C GLN B 430 -5.49 44.82 43.66
N GLU B 431 -5.00 46.02 44.03
CA GLU B 431 -3.65 46.41 43.60
C GLU B 431 -2.61 45.41 44.06
N ASP B 432 -2.67 44.98 45.31
CA ASP B 432 -1.66 44.05 45.82
C ASP B 432 -1.68 42.73 45.04
N HIS B 433 -2.87 42.17 44.86
CA HIS B 433 -2.98 40.89 44.16
C HIS B 433 -2.58 41.03 42.70
N ASP B 434 -2.97 42.13 42.04
CA ASP B 434 -2.59 42.32 40.65
C ASP B 434 -1.08 42.54 40.49
N VAL B 435 -0.45 43.20 41.47
CA VAL B 435 1.00 43.36 41.41
C VAL B 435 1.68 42.01 41.50
N LEU B 436 1.22 41.15 42.42
CA LEU B 436 1.81 39.82 42.52
C LEU B 436 1.57 39.01 41.25
N LYS B 437 0.37 39.12 40.66
CA LYS B 437 0.08 38.43 39.40
C LYS B 437 1.00 38.92 38.29
N GLU B 438 1.22 40.23 38.21
CA GLU B 438 2.10 40.78 37.19
C GLU B 438 3.52 40.30 37.37
N ASP B 439 3.97 40.18 38.63
CA ASP B 439 5.30 39.64 38.88
C ASP B 439 5.41 38.20 38.39
N TRP B 440 4.39 37.38 38.68
CA TRP B 440 4.41 35.99 38.20
C TRP B 440 4.42 35.93 36.68
N GLN B 441 3.62 36.77 36.03
CA GLN B 441 3.56 36.77 34.57
C GLN B 441 4.89 37.25 33.96
N PHE B 442 5.54 38.21 34.60
CA PHE B 442 6.84 38.66 34.11
C PHE B 442 7.88 37.55 34.25
N VAL B 443 7.84 36.80 35.35
CA VAL B 443 8.75 35.66 35.49
C VAL B 443 8.48 34.64 34.39
N ALA B 444 7.20 34.41 34.08
CA ALA B 444 6.86 33.50 33.00
C ALA B 444 7.42 33.98 31.66
N MET B 445 7.31 35.29 31.40
CA MET B 445 7.83 35.85 30.15
C MET B 445 9.35 35.70 30.06
N VAL B 446 10.04 35.95 31.17
CA VAL B 446 11.50 35.83 31.18
C VAL B 446 11.90 34.39 30.91
N VAL B 447 11.22 33.45 31.55
CA VAL B 447 11.49 32.03 31.31
C VAL B 447 11.22 31.67 29.85
N ASP B 448 10.16 32.23 29.28
CA ASP B 448 9.82 31.97 27.88
C ASP B 448 10.93 32.49 26.95
N ARG B 449 11.45 33.68 27.21
CA ARG B 449 12.50 34.22 26.35
C ARG B 449 13.78 33.40 26.50
N LEU B 450 14.10 32.98 27.73
CA LEU B 450 15.26 32.12 27.93
C LEU B 450 15.14 30.83 27.13
N PHE B 451 13.96 30.20 27.19
CA PHE B 451 13.76 28.97 26.42
C PHE B 451 13.76 29.24 24.92
N LEU B 452 13.29 30.41 24.48
CA LEU B 452 13.36 30.74 23.06
C LEU B 452 14.80 30.77 22.58
N TRP B 453 15.66 31.47 23.31
CA TRP B 453 17.06 31.53 22.91
C TRP B 453 17.72 30.16 23.00
N THR B 454 17.43 29.40 24.06
CA THR B 454 18.01 28.07 24.20
C THR B 454 17.59 27.17 23.06
N PHE B 455 16.33 27.21 22.67
CA PHE B 455 15.85 26.36 21.58
C PHE B 455 16.42 26.79 20.24
N ILE B 456 16.59 28.10 20.03
CA ILE B 456 17.24 28.56 18.81
C ILE B 456 18.65 28.00 18.72
N ILE B 457 19.40 28.09 19.82
CA ILE B 457 20.78 27.61 19.82
C ILE B 457 20.81 26.09 19.60
N PHE B 458 19.98 25.35 20.34
CA PHE B 458 19.93 23.87 20.28
C PHE B 458 19.51 23.39 18.90
N THR B 459 18.54 24.05 18.26
CA THR B 459 18.09 23.71 16.92
C THR B 459 19.17 23.99 15.89
N SER B 460 19.76 25.18 15.95
CA SER B 460 20.78 25.54 14.96
C SER B 460 21.98 24.61 15.05
N VAL B 461 22.46 24.34 16.27
CA VAL B 461 23.64 23.50 16.42
C VAL B 461 23.35 22.07 15.94
N GLY B 462 22.21 21.52 16.35
CA GLY B 462 21.89 20.16 15.95
C GLY B 462 21.71 20.02 14.45
N THR B 463 20.95 20.95 13.85
CA THR B 463 20.73 20.90 12.41
C THR B 463 22.04 21.07 11.65
N LEU B 464 22.90 22.00 12.10
CA LEU B 464 24.17 22.20 11.43
C LEU B 464 25.05 20.96 11.52
N VAL B 465 25.09 20.33 12.70
CA VAL B 465 25.94 19.14 12.88
C VAL B 465 25.45 18.02 11.97
N ILE B 466 24.14 17.77 11.96
CA ILE B 466 23.61 16.68 11.14
C ILE B 466 23.82 16.98 9.66
N PHE B 467 23.59 18.22 9.25
CA PHE B 467 23.69 18.56 7.83
C PHE B 467 25.14 18.51 7.36
N LEU B 468 26.10 18.91 8.21
CA LEU B 468 27.49 18.79 7.83
C LEU B 468 27.95 17.34 7.82
N ASP B 469 27.41 16.51 8.72
CA ASP B 469 27.71 15.08 8.66
C ASP B 469 27.20 14.48 7.36
N ALA B 470 26.01 14.87 6.93
CA ALA B 470 25.45 14.31 5.69
C ALA B 470 26.18 14.83 4.47
N THR B 471 26.50 16.13 4.44
CA THR B 471 27.06 16.73 3.24
C THR B 471 28.48 16.27 2.97
N TYR B 472 29.28 16.05 4.02
CA TYR B 472 30.67 15.67 3.85
C TYR B 472 30.85 14.18 3.61
N HIS B 473 29.78 13.40 3.60
CA HIS B 473 29.85 12.00 3.16
C HIS B 473 29.88 11.98 1.65
N LEU B 474 31.01 11.56 1.08
CA LEU B 474 31.25 11.57 -0.36
C LEU B 474 31.64 10.18 -0.82
N PRO B 475 31.39 9.83 -2.09
CA PRO B 475 31.80 8.50 -2.56
C PRO B 475 33.31 8.41 -2.66
N PRO B 476 33.87 7.20 -2.59
CA PRO B 476 35.32 7.08 -2.62
C PRO B 476 35.90 7.44 -3.97
N ALA B 477 37.10 8.02 -3.96
CA ALA B 477 37.81 8.31 -5.19
C ALA B 477 38.51 7.08 -5.77
N ASP B 478 38.69 6.03 -4.96
CA ASP B 478 39.33 4.79 -5.37
C ASP B 478 38.32 3.66 -5.24
N PRO B 479 38.10 2.85 -6.29
CA PRO B 479 37.13 1.73 -6.13
C PRO B 479 37.52 0.74 -5.05
N PHE B 480 38.82 0.51 -4.84
CA PHE B 480 39.32 -0.49 -3.90
C PHE B 480 40.34 0.16 -2.97
N PRO B 481 39.88 0.85 -1.91
CA PRO B 481 40.80 1.39 -0.91
C PRO B 481 41.65 0.30 -0.25
N SER C 1 -7.08 -50.73 -22.98
CA SER C 1 -7.60 -51.80 -23.88
C SER C 1 -6.66 -52.04 -25.06
N GLU C 2 -6.77 -53.23 -25.65
CA GLU C 2 -5.94 -53.54 -26.81
C GLU C 2 -6.55 -52.97 -28.09
N HIS C 3 -7.88 -53.02 -28.21
CA HIS C 3 -8.54 -52.45 -29.38
C HIS C 3 -8.33 -50.94 -29.43
N GLU C 4 -8.39 -50.28 -28.28
CA GLU C 4 -8.18 -48.83 -28.25
C GLU C 4 -6.74 -48.47 -28.59
N THR C 5 -5.77 -49.26 -28.13
CA THR C 5 -4.38 -49.03 -28.50
C THR C 5 -4.18 -49.21 -30.01
N ARG C 6 -4.78 -50.25 -30.59
CA ARG C 6 -4.70 -50.45 -32.03
C ARG C 6 -5.33 -49.28 -32.77
N LEU C 7 -6.47 -48.80 -32.28
CA LEU C 7 -7.14 -47.67 -32.91
C LEU C 7 -6.26 -46.42 -32.89
N VAL C 8 -5.69 -46.11 -31.73
CA VAL C 8 -4.85 -44.92 -31.62
C VAL C 8 -3.61 -45.04 -32.49
N ALA C 9 -3.06 -46.25 -32.62
CA ALA C 9 -1.95 -46.45 -33.55
C ALA C 9 -2.39 -46.21 -34.99
N LYS C 10 -3.58 -46.69 -35.35
CA LYS C 10 -4.06 -46.53 -36.72
C LYS C 10 -4.29 -45.05 -37.06
N LEU C 11 -4.95 -44.32 -36.15
CA LEU C 11 -5.37 -42.96 -36.48
C LEU C 11 -4.19 -42.03 -36.71
N PHE C 12 -3.12 -42.20 -35.94
CA PHE C 12 -1.95 -41.32 -35.97
C PHE C 12 -0.77 -41.99 -36.68
N GLU C 13 -1.06 -42.75 -37.74
CA GLU C 13 0.01 -43.36 -38.52
C GLU C 13 0.62 -42.37 -39.49
N ASP C 14 -0.22 -41.71 -40.30
CA ASP C 14 0.20 -40.69 -41.26
C ASP C 14 -0.54 -39.38 -41.01
N TYR C 15 -0.91 -39.13 -39.76
CA TYR C 15 -1.65 -37.92 -39.41
C TYR C 15 -0.74 -36.70 -39.44
N ASN C 16 -1.29 -35.57 -39.88
CA ASN C 16 -0.59 -34.29 -39.92
C ASN C 16 -1.46 -33.25 -39.23
N SER C 17 -1.00 -32.76 -38.08
CA SER C 17 -1.73 -31.75 -37.33
C SER C 17 -1.62 -30.35 -37.94
N VAL C 18 -0.69 -30.14 -38.86
CA VAL C 18 -0.58 -28.84 -39.52
C VAL C 18 -1.71 -28.64 -40.51
N VAL C 19 -2.15 -29.70 -41.17
CA VAL C 19 -3.16 -29.60 -42.21
C VAL C 19 -4.52 -29.34 -41.60
N ARG C 20 -5.28 -28.43 -42.19
CA ARG C 20 -6.66 -28.22 -41.77
C ARG C 20 -7.46 -29.50 -42.02
N PRO C 21 -8.19 -30.02 -41.03
CA PRO C 21 -8.79 -31.35 -41.23
C PRO C 21 -10.10 -31.33 -42.01
N VAL C 22 -9.96 -31.20 -43.34
CA VAL C 22 -11.09 -31.27 -44.26
C VAL C 22 -10.69 -32.16 -45.42
N GLU C 23 -11.70 -32.72 -46.09
CA GLU C 23 -11.43 -33.58 -47.25
C GLU C 23 -10.79 -32.79 -48.38
N ASP C 24 -11.27 -31.56 -48.60
CA ASP C 24 -10.79 -30.69 -49.67
C ASP C 24 -10.33 -29.38 -49.06
N HIS C 25 -9.20 -28.86 -49.56
CA HIS C 25 -8.68 -27.60 -49.04
C HIS C 25 -9.57 -26.40 -49.39
N ARG C 26 -10.47 -26.55 -50.35
CA ARG C 26 -11.33 -25.45 -50.75
C ARG C 26 -12.49 -25.19 -49.80
N GLN C 27 -12.80 -26.12 -48.90
CA GLN C 27 -13.86 -25.96 -47.92
C GLN C 27 -13.28 -25.54 -46.57
N ALA C 28 -14.14 -24.94 -45.76
CA ALA C 28 -13.74 -24.38 -44.47
C ALA C 28 -14.07 -25.33 -43.33
N VAL C 29 -13.32 -25.22 -42.25
CA VAL C 29 -13.57 -26.00 -41.05
C VAL C 29 -14.65 -25.30 -40.23
N GLU C 30 -15.72 -26.02 -39.91
CA GLU C 30 -16.82 -25.49 -39.12
C GLU C 30 -16.55 -25.76 -37.64
N VAL C 31 -16.37 -24.68 -36.88
CA VAL C 31 -16.06 -24.76 -35.45
C VAL C 31 -17.20 -24.10 -34.69
N THR C 32 -17.73 -24.82 -33.70
CA THR C 32 -18.71 -24.28 -32.77
C THR C 32 -17.96 -23.84 -31.51
N VAL C 33 -18.13 -22.58 -31.15
CA VAL C 33 -17.41 -21.96 -30.03
C VAL C 33 -18.43 -21.52 -28.99
N GLY C 34 -18.21 -21.93 -27.75
CA GLY C 34 -19.04 -21.51 -26.65
C GLY C 34 -18.18 -21.14 -25.46
N LEU C 35 -18.66 -20.17 -24.68
CA LEU C 35 -17.98 -19.68 -23.49
C LEU C 35 -18.80 -20.03 -22.27
N GLN C 36 -18.14 -20.54 -21.24
CA GLN C 36 -18.77 -20.84 -19.95
C GLN C 36 -18.04 -20.06 -18.88
N LEU C 37 -18.68 -19.04 -18.34
CA LEU C 37 -18.10 -18.25 -17.26
C LEU C 37 -18.29 -18.98 -15.94
N ILE C 38 -17.19 -19.41 -15.34
CA ILE C 38 -17.24 -20.14 -14.08
C ILE C 38 -17.21 -19.19 -12.89
N GLN C 39 -16.43 -18.12 -12.98
CA GLN C 39 -16.30 -17.18 -11.88
C GLN C 39 -15.76 -15.86 -12.40
N LEU C 40 -16.36 -14.76 -11.91
CA LEU C 40 -15.83 -13.41 -12.15
C LEU C 40 -14.86 -13.12 -11.02
N ILE C 41 -13.58 -13.38 -11.26
CA ILE C 41 -12.59 -13.32 -10.18
C ILE C 41 -12.42 -11.88 -9.70
N ASN C 42 -12.25 -10.93 -10.61
CA ASN C 42 -11.92 -9.58 -10.19
C ASN C 42 -12.29 -8.58 -11.28
N VAL C 43 -12.61 -7.37 -10.83
CA VAL C 43 -12.81 -6.23 -11.73
C VAL C 43 -11.93 -5.11 -11.19
N ASP C 44 -10.70 -5.03 -11.68
CA ASP C 44 -9.76 -3.99 -11.25
C ASP C 44 -10.12 -2.69 -11.98
N GLU C 45 -10.74 -1.76 -11.24
CA GLU C 45 -11.19 -0.51 -11.85
C GLU C 45 -10.03 0.42 -12.13
N VAL C 46 -9.04 0.48 -11.24
CA VAL C 46 -7.92 1.39 -11.41
C VAL C 46 -7.11 1.00 -12.65
N ASN C 47 -6.79 -0.29 -12.77
CA ASN C 47 -6.09 -0.79 -13.95
C ASN C 47 -7.03 -1.11 -15.11
N GLN C 48 -8.34 -1.12 -14.88
CA GLN C 48 -9.33 -1.36 -15.93
C GLN C 48 -9.15 -2.73 -16.57
N ILE C 49 -9.01 -3.75 -15.74
CA ILE C 49 -8.81 -5.13 -16.20
C ILE C 49 -9.75 -6.04 -15.44
N VAL C 50 -10.49 -6.87 -16.17
CA VAL C 50 -11.41 -7.85 -15.58
C VAL C 50 -10.80 -9.23 -15.72
N THR C 51 -10.63 -9.91 -14.59
CA THR C 51 -10.10 -11.26 -14.53
C THR C 51 -11.26 -12.24 -14.32
N THR C 52 -11.38 -13.20 -15.23
CA THR C 52 -12.47 -14.17 -15.22
C THR C 52 -11.92 -15.58 -15.40
N ASN C 53 -12.55 -16.53 -14.72
CA ASN C 53 -12.33 -17.95 -14.93
C ASN C 53 -13.36 -18.46 -15.92
N VAL C 54 -12.89 -19.11 -17.00
CA VAL C 54 -13.78 -19.54 -18.07
C VAL C 54 -13.38 -20.91 -18.58
N ARG C 55 -14.34 -21.56 -19.23
CA ARG C 55 -14.13 -22.76 -20.02
C ARG C 55 -14.50 -22.42 -21.46
N LEU C 56 -13.59 -22.66 -22.39
CA LEU C 56 -13.75 -22.27 -23.79
C LEU C 56 -14.04 -23.51 -24.62
N LYS C 57 -15.32 -23.90 -24.66
CA LYS C 57 -15.69 -25.12 -25.35
C LYS C 57 -15.62 -24.92 -26.87
N GLN C 58 -14.86 -25.79 -27.54
CA GLN C 58 -14.70 -25.75 -28.98
C GLN C 58 -15.00 -27.13 -29.53
N GLN C 59 -15.92 -27.19 -30.49
CA GLN C 59 -16.33 -28.43 -31.13
C GLN C 59 -16.10 -28.33 -32.63
N TRP C 60 -15.59 -29.40 -33.22
CA TRP C 60 -15.49 -29.45 -34.68
C TRP C 60 -15.44 -30.91 -35.10
N VAL C 61 -15.15 -31.15 -36.38
CA VAL C 61 -15.06 -32.49 -36.94
C VAL C 61 -13.73 -32.60 -37.66
N ASP C 62 -13.01 -33.70 -37.41
CA ASP C 62 -11.78 -34.02 -38.10
C ASP C 62 -12.06 -35.12 -39.11
N TYR C 63 -11.73 -34.86 -40.37
CA TYR C 63 -12.03 -35.83 -41.42
C TYR C 63 -11.18 -37.08 -41.30
N ASN C 64 -9.96 -36.97 -40.80
CA ASN C 64 -8.99 -38.06 -40.80
C ASN C 64 -8.96 -38.84 -39.49
N LEU C 65 -9.88 -38.57 -38.56
CA LEU C 65 -9.94 -39.24 -37.27
C LEU C 65 -11.25 -39.99 -37.08
N LYS C 66 -11.76 -40.59 -38.15
CA LYS C 66 -12.95 -41.43 -38.11
C LYS C 66 -12.55 -42.90 -38.10
N TRP C 67 -13.42 -43.73 -37.53
CA TRP C 67 -13.20 -45.17 -37.53
C TRP C 67 -14.54 -45.88 -37.40
N ASN C 68 -14.52 -47.17 -37.74
CA ASN C 68 -15.69 -48.03 -37.54
C ASN C 68 -15.58 -48.70 -36.18
N PRO C 69 -16.53 -48.49 -35.25
CA PRO C 69 -16.40 -49.14 -33.94
C PRO C 69 -16.38 -50.65 -34.00
N ASP C 70 -17.09 -51.26 -34.95
CA ASP C 70 -17.14 -52.71 -35.05
C ASP C 70 -15.75 -53.31 -35.28
N ASP C 71 -14.88 -52.58 -35.98
CA ASP C 71 -13.52 -53.05 -36.22
C ASP C 71 -12.60 -52.86 -35.03
N TYR C 72 -13.05 -52.22 -33.95
CA TYR C 72 -12.21 -51.91 -32.80
C TYR C 72 -12.96 -52.20 -31.51
N GLY C 73 -13.67 -53.32 -31.45
CA GLY C 73 -14.31 -53.75 -30.22
C GLY C 73 -15.39 -52.84 -29.72
N GLY C 74 -16.06 -52.10 -30.60
CA GLY C 74 -17.16 -51.26 -30.20
C GLY C 74 -16.77 -49.99 -29.48
N VAL C 75 -15.55 -49.50 -29.67
CA VAL C 75 -15.12 -48.25 -29.06
C VAL C 75 -15.73 -47.10 -29.85
N LYS C 76 -16.62 -46.34 -29.21
CA LYS C 76 -17.31 -45.21 -29.83
C LYS C 76 -16.72 -43.87 -29.42
N LYS C 77 -15.76 -43.83 -28.49
CA LYS C 77 -15.17 -42.58 -28.07
C LYS C 77 -13.80 -42.87 -27.46
N ILE C 78 -12.90 -41.90 -27.58
CA ILE C 78 -11.59 -41.95 -26.94
C ILE C 78 -11.23 -40.55 -26.45
N HIS C 79 -10.17 -40.50 -25.65
CA HIS C 79 -9.63 -39.25 -25.11
C HIS C 79 -8.19 -39.12 -25.56
N ILE C 80 -7.90 -38.06 -26.32
CA ILE C 80 -6.62 -37.90 -27.00
C ILE C 80 -5.95 -36.62 -26.49
N PRO C 81 -4.63 -36.56 -26.31
CA PRO C 81 -4.00 -35.27 -26.01
C PRO C 81 -4.24 -34.26 -27.12
N SER C 82 -4.62 -33.05 -26.73
CA SER C 82 -4.95 -32.02 -27.71
C SER C 82 -3.73 -31.55 -28.49
N GLU C 83 -2.52 -31.78 -27.98
CA GLU C 83 -1.33 -31.32 -28.68
C GLU C 83 -1.05 -32.13 -29.95
N LYS C 84 -1.61 -33.33 -30.06
CA LYS C 84 -1.34 -34.19 -31.22
C LYS C 84 -2.19 -33.86 -32.44
N ILE C 85 -3.24 -33.05 -32.28
CA ILE C 85 -4.23 -32.83 -33.33
C ILE C 85 -4.25 -31.36 -33.73
N TRP C 86 -4.78 -31.10 -34.91
CA TRP C 86 -5.05 -29.73 -35.31
C TRP C 86 -6.10 -29.12 -34.40
N ARG C 87 -5.91 -27.86 -34.04
CA ARG C 87 -6.84 -27.10 -33.22
C ARG C 87 -7.06 -25.73 -33.84
N PRO C 88 -8.22 -25.10 -33.63
CA PRO C 88 -8.33 -23.69 -34.00
C PRO C 88 -7.51 -22.82 -33.08
N ASP C 89 -6.93 -21.77 -33.66
CA ASP C 89 -6.07 -20.85 -32.92
C ASP C 89 -6.87 -19.67 -32.38
N LEU C 90 -7.82 -19.97 -31.50
CA LEU C 90 -8.61 -18.93 -30.89
C LEU C 90 -7.74 -18.06 -29.99
N VAL C 91 -7.87 -16.75 -30.14
CA VAL C 91 -7.10 -15.77 -29.41
C VAL C 91 -8.08 -14.74 -28.85
N LEU C 92 -7.83 -14.30 -27.63
CA LEU C 92 -8.56 -13.20 -27.02
C LEU C 92 -7.93 -11.89 -27.47
N TYR C 93 -8.66 -11.13 -28.29
CA TYR C 93 -8.08 -9.93 -28.89
C TYR C 93 -7.73 -8.89 -27.83
N ASN C 94 -8.67 -8.62 -26.92
CA ASN C 94 -8.50 -7.57 -25.91
C ASN C 94 -7.82 -8.10 -24.64
N ASN C 95 -6.69 -8.77 -24.83
CA ASN C 95 -5.90 -9.24 -23.69
C ASN C 95 -5.11 -8.09 -23.08
N ALA C 96 -5.07 -8.04 -21.75
CA ALA C 96 -4.42 -6.97 -21.02
C ALA C 96 -3.22 -7.45 -20.22
N ASP C 97 -3.40 -8.45 -19.35
CA ASP C 97 -2.33 -8.95 -18.49
C ASP C 97 -2.42 -10.47 -18.40
N GLY C 98 -2.60 -11.11 -19.55
CA GLY C 98 -2.75 -12.55 -19.59
C GLY C 98 -2.23 -13.18 -20.87
N ASP C 99 -2.70 -14.39 -21.17
CA ASP C 99 -2.30 -15.13 -22.36
C ASP C 99 -3.28 -14.88 -23.48
N PHE C 100 -2.75 -14.63 -24.68
CA PHE C 100 -3.61 -14.42 -25.83
C PHE C 100 -4.39 -15.68 -26.18
N ALA C 101 -3.73 -16.83 -26.16
CA ALA C 101 -4.31 -18.11 -26.54
C ALA C 101 -4.33 -19.06 -25.36
N ILE C 102 -4.98 -20.21 -25.56
CA ILE C 102 -5.02 -21.25 -24.54
C ILE C 102 -3.62 -21.83 -24.35
N VAL C 103 -3.25 -22.06 -23.09
CA VAL C 103 -1.93 -22.58 -22.74
C VAL C 103 -2.07 -23.91 -22.02
N LYS C 104 -3.17 -24.12 -21.31
CA LYS C 104 -3.43 -25.37 -20.62
C LYS C 104 -4.09 -26.34 -21.59
N PHE C 105 -3.31 -27.28 -22.11
CA PHE C 105 -3.76 -28.21 -23.15
C PHE C 105 -4.31 -29.47 -22.49
N THR C 106 -5.60 -29.46 -22.21
CA THR C 106 -6.28 -30.64 -21.71
C THR C 106 -6.50 -31.63 -22.86
N LYS C 107 -7.15 -32.74 -22.56
CA LYS C 107 -7.43 -33.75 -23.58
C LYS C 107 -8.70 -33.37 -24.34
N VAL C 108 -8.90 -34.05 -25.48
CA VAL C 108 -10.05 -33.87 -26.35
C VAL C 108 -10.83 -35.17 -26.39
N LEU C 109 -12.14 -35.06 -26.35
CA LEU C 109 -13.04 -36.21 -26.54
C LEU C 109 -13.29 -36.38 -28.04
N LEU C 110 -12.88 -37.51 -28.58
CA LEU C 110 -12.99 -37.81 -30.01
C LEU C 110 -13.99 -38.95 -30.21
N ASP C 111 -15.00 -38.70 -31.04
CA ASP C 111 -16.00 -39.70 -31.39
C ASP C 111 -15.52 -40.52 -32.58
N TYR C 112 -16.23 -41.62 -32.84
CA TYR C 112 -15.94 -42.43 -34.02
C TYR C 112 -16.31 -41.72 -35.31
N THR C 113 -17.20 -40.73 -35.25
CA THR C 113 -17.57 -39.93 -36.41
C THR C 113 -16.61 -38.77 -36.66
N GLY C 114 -15.50 -38.69 -35.92
CA GLY C 114 -14.55 -37.61 -36.07
C GLY C 114 -14.87 -36.35 -35.29
N HIS C 115 -15.95 -36.34 -34.52
CA HIS C 115 -16.35 -35.15 -33.78
C HIS C 115 -15.45 -34.96 -32.57
N ILE C 116 -14.74 -33.84 -32.54
CA ILE C 116 -13.86 -33.48 -31.43
C ILE C 116 -14.55 -32.43 -30.58
N THR C 117 -14.53 -32.64 -29.26
CA THR C 117 -14.96 -31.66 -28.26
C THR C 117 -13.77 -31.36 -27.36
N TRP C 118 -13.47 -30.09 -27.15
CA TRP C 118 -12.31 -29.67 -26.38
C TRP C 118 -12.73 -28.50 -25.51
N THR C 119 -12.61 -28.66 -24.19
CA THR C 119 -13.14 -27.69 -23.23
C THR C 119 -12.02 -27.25 -22.28
N PRO C 120 -11.05 -26.50 -22.78
CA PRO C 120 -9.94 -26.07 -21.93
C PRO C 120 -10.38 -24.98 -20.96
N PRO C 121 -9.77 -24.89 -19.78
CA PRO C 121 -10.01 -23.76 -18.90
C PRO C 121 -9.00 -22.64 -19.16
N ALA C 122 -9.39 -21.44 -18.72
CA ALA C 122 -8.54 -20.28 -18.90
C ALA C 122 -8.86 -19.23 -17.85
N ILE C 123 -7.85 -18.42 -17.54
CA ILE C 123 -7.99 -17.23 -16.73
C ILE C 123 -7.74 -16.06 -17.67
N PHE C 124 -8.82 -15.41 -18.12
CA PHE C 124 -8.72 -14.30 -19.05
C PHE C 124 -8.72 -12.99 -18.28
N LYS C 125 -7.68 -12.19 -18.46
CA LYS C 125 -7.56 -10.85 -17.91
C LYS C 125 -7.70 -9.87 -19.08
N SER C 126 -8.93 -9.43 -19.32
CA SER C 126 -9.25 -8.63 -20.49
C SER C 126 -9.37 -7.15 -20.11
N TYR C 127 -9.20 -6.29 -21.11
CA TYR C 127 -9.35 -4.85 -20.91
C TYR C 127 -10.83 -4.52 -20.88
N CYS C 128 -11.25 -3.79 -19.85
CA CYS C 128 -12.65 -3.53 -19.57
C CYS C 128 -12.78 -2.07 -19.17
N GLU C 129 -13.20 -1.22 -20.10
CA GLU C 129 -13.27 0.21 -19.83
C GLU C 129 -14.29 0.50 -18.74
N ILE C 130 -13.91 1.35 -17.79
CA ILE C 130 -14.68 1.61 -16.59
C ILE C 130 -15.39 2.95 -16.77
N ILE C 131 -16.71 2.91 -16.87
CA ILE C 131 -17.53 4.12 -16.88
C ILE C 131 -17.73 4.51 -15.41
N VAL C 132 -17.01 5.53 -14.95
CA VAL C 132 -16.98 5.87 -13.54
C VAL C 132 -18.07 6.85 -13.17
N THR C 133 -19.00 7.12 -14.11
CA THR C 133 -19.92 8.22 -13.94
C THR C 133 -20.84 8.04 -12.73
N HIS C 134 -21.25 6.80 -12.46
CA HIS C 134 -22.22 6.49 -11.42
C HIS C 134 -21.63 5.71 -10.25
N PHE C 135 -20.31 5.70 -10.12
CA PHE C 135 -19.65 4.93 -9.07
C PHE C 135 -20.06 5.45 -7.69
N PRO C 136 -20.43 4.58 -6.73
CA PRO C 136 -20.43 3.11 -6.72
C PRO C 136 -21.71 2.48 -7.24
N PHE C 137 -22.70 3.25 -7.65
CA PHE C 137 -23.93 2.71 -8.24
C PHE C 137 -23.79 2.57 -9.74
N ASP C 138 -22.70 1.95 -10.18
CA ASP C 138 -22.29 1.92 -11.57
C ASP C 138 -22.56 0.56 -12.20
N GLU C 139 -22.75 0.59 -13.52
CA GLU C 139 -22.97 -0.60 -14.31
C GLU C 139 -21.89 -0.66 -15.39
N GLN C 140 -21.22 -1.80 -15.50
CA GLN C 140 -20.11 -1.98 -16.40
C GLN C 140 -20.48 -3.04 -17.43
N ASN C 141 -20.55 -2.63 -18.70
CA ASN C 141 -20.69 -3.55 -19.82
C ASN C 141 -19.31 -3.73 -20.41
N CYS C 142 -18.77 -4.93 -20.35
CA CYS C 142 -17.52 -5.20 -21.03
C CYS C 142 -17.41 -6.67 -21.44
N SER C 143 -16.42 -6.92 -22.30
CA SER C 143 -16.55 -7.95 -23.32
C SER C 143 -15.25 -8.71 -23.50
N MET C 144 -15.39 -9.85 -24.18
CA MET C 144 -14.29 -10.78 -24.47
C MET C 144 -14.42 -11.10 -25.97
N LYS C 145 -13.58 -10.43 -26.76
CA LYS C 145 -13.50 -10.72 -28.19
C LYS C 145 -12.58 -11.92 -28.43
N LEU C 146 -13.13 -12.97 -29.02
CA LEU C 146 -12.42 -14.22 -29.24
C LEU C 146 -12.53 -14.59 -30.71
N GLY C 147 -11.40 -14.89 -31.33
CA GLY C 147 -11.43 -15.25 -32.74
C GLY C 147 -10.18 -15.98 -33.17
N THR C 148 -10.30 -16.71 -34.27
CA THR C 148 -9.13 -17.34 -34.86
C THR C 148 -8.16 -16.28 -35.34
N TRP C 149 -6.89 -16.41 -34.96
CA TRP C 149 -5.92 -15.37 -35.24
C TRP C 149 -5.46 -15.40 -36.69
N THR C 150 -4.93 -16.53 -37.14
CA THR C 150 -4.30 -16.64 -38.43
C THR C 150 -5.20 -17.20 -39.53
N TYR C 151 -6.38 -17.70 -39.18
CA TYR C 151 -7.30 -18.29 -40.14
C TYR C 151 -8.44 -17.32 -40.42
N ASP C 152 -8.61 -16.94 -41.68
CA ASP C 152 -9.71 -16.09 -42.08
C ASP C 152 -10.99 -16.91 -42.22
N GLY C 153 -12.09 -16.21 -42.47
CA GLY C 153 -13.39 -16.87 -42.53
C GLY C 153 -13.56 -17.85 -43.67
N SER C 154 -12.70 -17.77 -44.69
CA SER C 154 -12.80 -18.66 -45.84
C SER C 154 -12.17 -20.03 -45.60
N VAL C 155 -11.36 -20.19 -44.55
CA VAL C 155 -10.65 -21.44 -44.28
C VAL C 155 -11.12 -22.04 -42.95
N VAL C 156 -11.54 -21.19 -42.02
CA VAL C 156 -12.08 -21.65 -40.73
C VAL C 156 -13.26 -20.75 -40.39
N VAL C 157 -14.42 -21.36 -40.15
CA VAL C 157 -15.64 -20.65 -39.77
C VAL C 157 -15.95 -21.00 -38.32
N ILE C 158 -16.02 -19.98 -37.47
CA ILE C 158 -16.39 -20.14 -36.07
C ILE C 158 -17.84 -19.69 -35.91
N ASN C 159 -18.63 -20.49 -35.20
CA ASN C 159 -20.03 -20.21 -34.94
C ASN C 159 -20.30 -20.21 -33.44
N PRO C 160 -21.15 -19.31 -32.93
CA PRO C 160 -21.46 -19.38 -31.49
C PRO C 160 -22.32 -20.59 -31.16
N GLU C 161 -21.98 -21.25 -30.05
CA GLU C 161 -22.76 -22.41 -29.62
C GLU C 161 -24.18 -22.01 -29.27
N SER C 162 -24.34 -20.86 -28.62
CA SER C 162 -25.66 -20.33 -28.29
C SER C 162 -25.53 -18.82 -28.19
N ASP C 163 -26.69 -18.15 -28.21
CA ASP C 163 -26.70 -16.69 -28.12
C ASP C 163 -26.08 -16.21 -26.82
N GLN C 164 -26.47 -16.81 -25.69
CA GLN C 164 -25.99 -16.41 -24.38
C GLN C 164 -24.78 -17.25 -23.97
N PRO C 165 -23.80 -16.72 -23.26
CA PRO C 165 -22.78 -17.60 -22.66
C PRO C 165 -23.37 -18.45 -21.55
N ASP C 166 -22.72 -19.58 -21.30
CA ASP C 166 -23.21 -20.56 -20.34
C ASP C 166 -22.89 -20.10 -18.93
N LEU C 167 -23.93 -19.80 -18.15
CA LEU C 167 -23.80 -19.40 -16.74
C LEU C 167 -24.35 -20.46 -15.80
N SER C 168 -24.48 -21.71 -16.26
CA SER C 168 -25.02 -22.76 -15.40
C SER C 168 -24.09 -23.06 -14.23
N ASN C 169 -22.78 -23.09 -14.48
CA ASN C 169 -21.77 -23.37 -13.46
C ASN C 169 -21.13 -22.10 -12.91
N PHE C 170 -21.84 -20.98 -12.95
CA PHE C 170 -21.26 -19.71 -12.54
C PHE C 170 -21.35 -19.56 -11.02
N MET C 171 -20.21 -19.28 -10.39
CA MET C 171 -20.17 -18.97 -8.97
C MET C 171 -20.61 -17.52 -8.78
N GLU C 172 -21.67 -17.31 -8.00
CA GLU C 172 -22.21 -15.97 -7.83
C GLU C 172 -21.20 -15.07 -7.12
N SER C 173 -21.03 -13.87 -7.65
CA SER C 173 -20.07 -12.92 -7.11
C SER C 173 -20.68 -12.11 -5.99
N GLY C 174 -19.85 -11.79 -4.99
CA GLY C 174 -20.28 -10.97 -3.87
C GLY C 174 -20.24 -9.47 -4.12
N GLU C 175 -19.72 -9.04 -5.28
CA GLU C 175 -19.57 -7.63 -5.60
C GLU C 175 -20.27 -7.21 -6.89
N TRP C 176 -20.61 -8.15 -7.78
CA TRP C 176 -21.21 -7.84 -9.06
C TRP C 176 -22.36 -8.80 -9.33
N VAL C 177 -23.33 -8.32 -10.11
CA VAL C 177 -24.48 -9.12 -10.54
C VAL C 177 -24.59 -8.97 -12.05
N ILE C 178 -24.58 -10.09 -12.76
CA ILE C 178 -24.64 -10.08 -14.22
C ILE C 178 -26.10 -9.96 -14.62
N LYS C 179 -26.45 -8.84 -15.27
CA LYS C 179 -27.81 -8.58 -15.70
C LYS C 179 -28.08 -9.16 -17.09
N GLU C 180 -27.17 -8.91 -18.03
CA GLU C 180 -27.29 -9.38 -19.39
C GLU C 180 -25.97 -9.99 -19.85
N SER C 181 -26.07 -10.97 -20.73
CA SER C 181 -24.91 -11.61 -21.32
C SER C 181 -25.27 -12.06 -22.72
N ARG C 182 -24.39 -11.82 -23.67
CA ARG C 182 -24.72 -12.17 -25.05
C ARG C 182 -23.45 -12.30 -25.88
N GLY C 183 -23.46 -13.25 -26.80
CA GLY C 183 -22.39 -13.45 -27.76
C GLY C 183 -22.84 -13.03 -29.15
N TRP C 184 -22.06 -12.15 -29.77
CA TRP C 184 -22.35 -11.62 -31.09
C TRP C 184 -21.21 -11.96 -32.05
N LYS C 185 -21.57 -12.46 -33.22
CA LYS C 185 -20.59 -12.78 -34.27
C LYS C 185 -20.38 -11.59 -35.18
N HIS C 186 -19.13 -11.33 -35.55
CA HIS C 186 -18.75 -10.19 -36.36
C HIS C 186 -17.80 -10.62 -37.47
N TRP C 187 -18.02 -10.07 -38.66
CA TRP C 187 -17.15 -10.21 -39.83
C TRP C 187 -16.40 -8.91 -39.99
N VAL C 188 -15.11 -8.90 -39.64
CA VAL C 188 -14.31 -7.68 -39.56
C VAL C 188 -13.24 -7.72 -40.63
N PHE C 189 -13.10 -6.62 -41.36
CA PHE C 189 -12.03 -6.43 -42.34
C PHE C 189 -10.92 -5.61 -41.68
N TYR C 190 -9.72 -6.18 -41.62
CA TYR C 190 -8.58 -5.54 -40.99
C TYR C 190 -7.65 -4.96 -42.04
N ALA C 191 -6.92 -3.91 -41.64
CA ALA C 191 -6.01 -3.24 -42.57
C ALA C 191 -4.89 -4.17 -43.03
N CYS C 192 -4.48 -5.09 -42.17
CA CYS C 192 -3.39 -6.01 -42.53
C CYS C 192 -3.80 -6.94 -43.65
N CYS C 193 -5.07 -7.36 -43.67
CA CYS C 193 -5.59 -8.33 -44.64
C CYS C 193 -6.87 -7.76 -45.25
N PRO C 194 -6.75 -6.79 -46.16
CA PRO C 194 -7.97 -6.18 -46.73
C PRO C 194 -8.84 -7.14 -47.52
N SER C 195 -8.25 -8.15 -48.15
CA SER C 195 -8.98 -8.93 -49.15
C SER C 195 -10.04 -9.82 -48.53
N THR C 196 -9.79 -10.37 -47.35
CA THR C 196 -10.62 -11.41 -46.75
C THR C 196 -11.10 -10.98 -45.38
N PRO C 197 -12.30 -11.40 -44.96
CA PRO C 197 -12.76 -11.05 -43.62
C PRO C 197 -12.35 -12.07 -42.56
N TYR C 198 -12.15 -11.55 -41.35
CA TYR C 198 -11.83 -12.38 -40.18
C TYR C 198 -13.04 -12.38 -39.26
N LEU C 199 -13.38 -13.56 -38.75
CA LEU C 199 -14.54 -13.74 -37.90
C LEU C 199 -14.14 -13.64 -36.44
N ASP C 200 -15.04 -13.10 -35.63
CA ASP C 200 -14.86 -13.10 -34.20
C ASP C 200 -16.21 -13.24 -33.52
N ILE C 201 -16.18 -13.70 -32.27
CA ILE C 201 -17.35 -13.72 -31.40
C ILE C 201 -16.99 -12.89 -30.19
N THR C 202 -17.77 -11.84 -29.94
CA THR C 202 -17.60 -10.97 -28.79
C THR C 202 -18.66 -11.36 -27.77
N TYR C 203 -18.22 -11.88 -26.63
CA TYR C 203 -19.12 -12.21 -25.53
C TYR C 203 -19.11 -11.04 -24.56
N HIS C 204 -20.23 -10.33 -24.47
CA HIS C 204 -20.32 -9.15 -23.59
C HIS C 204 -21.10 -9.52 -22.34
N PHE C 205 -20.72 -8.98 -21.19
CA PHE C 205 -21.38 -9.16 -19.90
C PHE C 205 -21.65 -7.78 -19.35
N VAL C 206 -22.90 -7.53 -18.95
CA VAL C 206 -23.27 -6.32 -18.22
C VAL C 206 -23.37 -6.69 -16.74
N MET C 207 -22.63 -5.98 -15.90
CA MET C 207 -22.55 -6.24 -14.48
C MET C 207 -22.98 -5.01 -13.71
N GLN C 208 -23.89 -5.19 -12.75
CA GLN C 208 -24.28 -4.14 -11.83
C GLN C 208 -23.55 -4.34 -10.51
N ARG C 209 -22.89 -3.29 -10.04
CA ARG C 209 -22.18 -3.38 -8.77
C ARG C 209 -23.17 -3.40 -7.61
N LEU C 210 -22.86 -4.22 -6.60
CA LEU C 210 -23.61 -4.20 -5.36
C LEU C 210 -22.97 -3.15 -4.46
N PRO C 211 -23.61 -2.01 -4.19
CA PRO C 211 -22.90 -0.87 -3.58
C PRO C 211 -22.90 -0.83 -2.06
N LEU C 212 -23.29 -1.91 -1.38
CA LEU C 212 -23.43 -1.87 0.08
C LEU C 212 -22.09 -1.59 0.76
N TYR C 213 -21.02 -2.19 0.26
CA TYR C 213 -19.70 -2.01 0.88
C TYR C 213 -19.28 -0.55 0.84
N PHE C 214 -19.36 0.07 -0.34
CA PHE C 214 -18.98 1.48 -0.46
C PHE C 214 -19.99 2.39 0.25
N ILE C 215 -21.25 1.97 0.33
CA ILE C 215 -22.22 2.75 1.09
C ILE C 215 -21.81 2.81 2.55
N VAL C 216 -21.47 1.65 3.13
CA VAL C 216 -21.12 1.60 4.55
C VAL C 216 -19.79 2.29 4.80
N ASN C 217 -18.79 2.06 3.94
CA ASN C 217 -17.44 2.47 4.25
C ASN C 217 -17.09 3.88 3.79
N VAL C 218 -17.85 4.48 2.86
CA VAL C 218 -17.49 5.76 2.27
C VAL C 218 -18.64 6.76 2.37
N ILE C 219 -19.82 6.39 1.85
CA ILE C 219 -20.89 7.36 1.67
C ILE C 219 -21.41 7.85 3.02
N ILE C 220 -21.64 6.93 3.95
CA ILE C 220 -22.28 7.28 5.22
C ILE C 220 -21.36 8.19 6.05
N PRO C 221 -20.06 7.88 6.20
CA PRO C 221 -19.19 8.85 6.89
C PRO C 221 -19.16 10.22 6.23
N CYS C 222 -19.14 10.26 4.89
CA CYS C 222 -19.13 11.54 4.19
C CYS C 222 -20.42 12.30 4.44
N LEU C 223 -21.55 11.59 4.46
CA LEU C 223 -22.83 12.22 4.77
C LEU C 223 -22.83 12.77 6.18
N LEU C 224 -22.26 12.02 7.13
CA LEU C 224 -22.19 12.50 8.51
C LEU C 224 -21.35 13.76 8.61
N PHE C 225 -20.22 13.81 7.92
CA PHE C 225 -19.37 15.00 7.96
C PHE C 225 -20.05 16.19 7.28
N SER C 226 -20.69 15.94 6.14
CA SER C 226 -21.43 17.01 5.46
C SER C 226 -22.54 17.55 6.33
N PHE C 227 -23.21 16.68 7.10
CA PHE C 227 -24.23 17.15 8.02
C PHE C 227 -23.60 17.94 9.16
N LEU C 228 -22.45 17.48 9.65
CA LEU C 228 -21.75 18.17 10.74
C LEU C 228 -21.29 19.55 10.33
N THR C 229 -21.10 19.77 9.03
CA THR C 229 -20.65 21.08 8.54
C THR C 229 -21.62 22.19 8.96
N GLY C 230 -22.92 21.96 8.80
CA GLY C 230 -23.89 23.02 8.99
C GLY C 230 -24.06 23.47 10.42
N LEU C 231 -23.64 22.66 11.39
CA LEU C 231 -23.85 22.97 12.80
C LEU C 231 -22.91 24.06 13.32
N VAL C 232 -21.93 24.50 12.52
CA VAL C 232 -21.03 25.55 12.98
C VAL C 232 -21.78 26.85 13.22
N PHE C 233 -22.81 27.13 12.40
CA PHE C 233 -23.50 28.40 12.50
C PHE C 233 -24.42 28.47 13.71
N TYR C 234 -24.90 27.34 14.21
CA TYR C 234 -25.62 27.32 15.48
C TYR C 234 -24.69 27.41 16.68
N LEU C 235 -23.40 27.18 16.50
CA LEU C 235 -22.44 27.29 17.58
C LEU C 235 -22.13 28.77 17.83
N PRO C 236 -22.20 29.25 19.08
CA PRO C 236 -21.93 30.68 19.31
C PRO C 236 -20.48 31.05 19.04
N THR C 237 -20.28 32.34 18.77
CA THR C 237 -18.93 32.87 18.62
C THR C 237 -18.19 32.99 19.94
N ASP C 238 -18.90 33.02 21.06
CA ASP C 238 -18.25 33.17 22.37
C ASP C 238 -17.63 31.87 22.87
N SER C 239 -17.98 30.72 22.27
CA SER C 239 -17.39 29.46 22.69
C SER C 239 -15.97 29.28 22.18
N GLY C 240 -15.58 29.99 21.13
CA GLY C 240 -14.25 29.83 20.57
C GLY C 240 -13.98 28.44 20.01
N GLU C 241 -14.97 27.88 19.29
CA GLU C 241 -14.83 26.54 18.75
C GLU C 241 -15.42 26.41 17.33
N LYS C 242 -15.79 27.51 16.68
CA LYS C 242 -16.29 27.41 15.31
C LYS C 242 -15.18 26.94 14.37
N MET C 243 -14.00 27.56 14.49
CA MET C 243 -12.90 27.26 13.58
C MET C 243 -12.43 25.83 13.74
N THR C 244 -12.35 25.34 14.99
CA THR C 244 -11.89 23.98 15.20
C THR C 244 -12.82 22.98 14.52
N LEU C 245 -14.13 23.16 14.69
CA LEU C 245 -15.09 22.26 14.05
C LEU C 245 -14.98 22.33 12.54
N SER C 246 -14.94 23.54 11.98
CA SER C 246 -14.91 23.69 10.53
C SER C 246 -13.66 23.05 9.94
N ILE C 247 -12.50 23.37 10.50
CA ILE C 247 -11.25 22.85 9.95
C ILE C 247 -11.15 21.34 10.17
N SER C 248 -11.66 20.82 11.29
CA SER C 248 -11.63 19.38 11.49
C SER C 248 -12.47 18.66 10.45
N VAL C 249 -13.68 19.19 10.17
CA VAL C 249 -14.51 18.60 9.13
C VAL C 249 -13.80 18.66 7.78
N LEU C 250 -13.15 19.79 7.48
CA LEU C 250 -12.45 19.90 6.21
C LEU C 250 -11.30 18.92 6.10
N LEU C 251 -10.54 18.72 7.18
CA LEU C 251 -9.43 17.76 7.14
C LEU C 251 -9.95 16.34 6.94
N SER C 252 -11.04 15.98 7.63
CA SER C 252 -11.65 14.68 7.40
C SER C 252 -12.06 14.51 5.94
N LEU C 253 -12.58 15.58 5.34
CA LEU C 253 -13.00 15.50 3.95
C LEU C 253 -11.80 15.42 3.00
N THR C 254 -10.67 16.05 3.35
CA THR C 254 -9.45 15.83 2.56
C THR C 254 -9.07 14.37 2.60
N VAL C 255 -9.10 13.75 3.79
CA VAL C 255 -8.74 12.34 3.91
C VAL C 255 -9.67 11.50 3.04
N PHE C 256 -10.97 11.79 3.08
CA PHE C 256 -11.92 10.95 2.36
C PHE C 256 -11.83 11.15 0.85
N LEU C 257 -11.64 12.39 0.40
CA LEU C 257 -11.45 12.60 -1.03
C LEU C 257 -10.20 11.91 -1.52
N LEU C 258 -9.14 11.90 -0.71
CA LEU C 258 -7.90 11.25 -1.11
C LEU C 258 -7.93 9.72 -1.00
N VAL C 259 -8.86 9.13 -0.24
CA VAL C 259 -9.03 7.68 -0.35
C VAL C 259 -9.94 7.31 -1.51
N ILE C 260 -11.01 8.08 -1.77
CA ILE C 260 -11.84 7.78 -2.94
C ILE C 260 -11.10 8.07 -4.25
N VAL C 261 -10.08 8.93 -4.25
CA VAL C 261 -9.29 9.11 -5.47
C VAL C 261 -8.56 7.82 -5.83
N GLU C 262 -8.21 7.00 -4.84
CA GLU C 262 -7.49 5.76 -5.08
C GLU C 262 -8.38 4.60 -5.50
N LEU C 263 -9.71 4.74 -5.37
CA LEU C 263 -10.65 3.68 -5.70
C LEU C 263 -11.24 3.84 -7.10
N ILE C 264 -10.70 4.73 -7.92
CA ILE C 264 -11.28 5.09 -9.21
C ILE C 264 -10.13 5.18 -10.22
N PRO C 265 -10.31 4.79 -11.48
CA PRO C 265 -9.23 5.02 -12.46
C PRO C 265 -9.02 6.50 -12.73
N SER C 266 -7.80 6.83 -13.14
CA SER C 266 -7.41 8.21 -13.39
C SER C 266 -7.73 8.67 -14.81
N THR C 267 -8.68 8.02 -15.47
CA THR C 267 -9.09 8.43 -16.80
C THR C 267 -9.89 9.73 -16.74
N SER C 268 -9.89 10.45 -17.87
CA SER C 268 -10.58 11.73 -18.00
C SER C 268 -11.82 11.64 -18.88
N SER C 269 -12.31 10.42 -19.14
CA SER C 269 -13.51 10.28 -19.96
C SER C 269 -14.72 10.89 -19.26
N ALA C 270 -14.82 10.71 -17.94
CA ALA C 270 -15.91 11.29 -17.16
C ALA C 270 -15.44 11.44 -15.73
N VAL C 271 -16.20 12.23 -14.97
CA VAL C 271 -15.91 12.50 -13.55
C VAL C 271 -16.96 11.76 -12.73
N PRO C 272 -16.59 11.01 -11.69
CA PRO C 272 -17.61 10.28 -10.92
C PRO C 272 -18.52 11.22 -10.15
N LEU C 273 -19.75 10.75 -9.90
CA LEU C 273 -20.67 11.56 -9.11
C LEU C 273 -20.29 11.55 -7.64
N ILE C 274 -19.58 10.53 -7.16
CA ILE C 274 -19.06 10.56 -5.80
C ILE C 274 -17.95 11.61 -5.70
N GLY C 275 -17.12 11.72 -6.75
CA GLY C 275 -16.18 12.82 -6.80
C GLY C 275 -16.87 14.16 -6.85
N LYS C 276 -17.95 14.26 -7.62
CA LYS C 276 -18.71 15.50 -7.68
C LYS C 276 -19.25 15.86 -6.30
N TYR C 277 -19.77 14.88 -5.58
CA TYR C 277 -20.27 15.13 -4.23
C TYR C 277 -19.15 15.57 -3.30
N MET C 278 -17.98 14.94 -3.42
CA MET C 278 -16.86 15.30 -2.55
C MET C 278 -16.40 16.74 -2.79
N LEU C 279 -16.31 17.15 -4.06
CA LEU C 279 -15.95 18.54 -4.33
C LEU C 279 -17.06 19.52 -3.97
N PHE C 280 -18.32 19.11 -4.13
CA PHE C 280 -19.42 19.95 -3.62
C PHE C 280 -19.26 20.17 -2.13
N THR C 281 -18.99 19.09 -1.39
CA THR C 281 -18.81 19.20 0.05
C THR C 281 -17.56 20.01 0.39
N MET C 282 -16.53 19.94 -0.46
CA MET C 282 -15.32 20.70 -0.25
C MET C 282 -15.60 22.19 -0.34
N VAL C 283 -16.21 22.62 -1.44
CA VAL C 283 -16.53 24.04 -1.61
C VAL C 283 -17.56 24.46 -0.57
N PHE C 284 -18.44 23.55 -0.16
CA PHE C 284 -19.43 23.81 0.86
C PHE C 284 -18.75 24.16 2.19
N VAL C 285 -17.81 23.33 2.64
CA VAL C 285 -17.11 23.61 3.90
C VAL C 285 -16.23 24.84 3.76
N ILE C 286 -15.61 25.04 2.60
CA ILE C 286 -14.71 26.18 2.45
C ILE C 286 -15.50 27.49 2.47
N ALA C 287 -16.67 27.51 1.83
CA ALA C 287 -17.54 28.67 1.92
C ALA C 287 -18.04 28.86 3.35
N SER C 288 -18.32 27.76 4.06
CA SER C 288 -18.68 27.88 5.46
C SER C 288 -17.57 28.54 6.26
N ILE C 289 -16.32 28.16 6.00
CA ILE C 289 -15.19 28.74 6.71
C ILE C 289 -15.07 30.22 6.39
N ILE C 290 -15.20 30.59 5.11
CA ILE C 290 -15.07 31.99 4.73
C ILE C 290 -16.16 32.84 5.39
N ILE C 291 -17.40 32.38 5.31
CA ILE C 291 -18.50 33.16 5.87
C ILE C 291 -18.42 33.18 7.38
N THR C 292 -17.93 32.11 8.02
CA THR C 292 -17.79 32.13 9.47
C THR C 292 -16.66 33.06 9.89
N VAL C 293 -15.62 33.19 9.06
CA VAL C 293 -14.60 34.21 9.30
C VAL C 293 -15.23 35.61 9.23
N ILE C 294 -16.11 35.82 8.26
CA ILE C 294 -16.80 37.11 8.18
C ILE C 294 -17.65 37.34 9.42
N VAL C 295 -18.34 36.31 9.89
CA VAL C 295 -19.19 36.44 11.07
C VAL C 295 -18.35 36.75 12.31
N ILE C 296 -17.21 36.06 12.46
CA ILE C 296 -16.36 36.27 13.61
C ILE C 296 -15.76 37.67 13.58
N ASN C 297 -15.38 38.15 12.38
CA ASN C 297 -14.90 39.51 12.25
C ASN C 297 -15.98 40.52 12.62
N THR C 298 -17.23 40.23 12.22
CA THR C 298 -18.35 41.09 12.59
C THR C 298 -18.63 41.08 14.08
N HIS C 299 -18.30 39.98 14.76
CA HIS C 299 -18.66 39.84 16.16
C HIS C 299 -17.88 40.80 17.06
N HIS C 300 -16.65 41.17 16.67
CA HIS C 300 -15.77 42.01 17.49
C HIS C 300 -15.55 43.39 16.89
N ARG C 301 -16.46 43.89 16.05
CA ARG C 301 -16.42 45.30 15.70
C ARG C 301 -16.97 46.10 16.87
N SER C 302 -16.27 47.17 17.22
CA SER C 302 -16.59 48.02 18.36
C SER C 302 -16.47 49.47 17.94
N PRO C 303 -17.03 50.40 18.73
CA PRO C 303 -16.85 51.82 18.39
C PRO C 303 -15.40 52.26 18.41
N SER C 304 -14.52 51.54 19.11
CA SER C 304 -13.09 51.84 19.05
C SER C 304 -12.56 51.64 17.64
N THR C 305 -13.03 50.61 16.94
CA THR C 305 -12.52 50.25 15.62
C THR C 305 -13.42 50.75 14.49
N HIS C 306 -14.69 50.34 14.48
CA HIS C 306 -15.59 50.56 13.36
C HIS C 306 -16.93 51.13 13.85
N VAL C 307 -17.55 51.92 12.98
CA VAL C 307 -18.87 52.48 13.21
C VAL C 307 -19.87 51.60 12.46
N MET C 308 -21.14 51.70 12.84
CA MET C 308 -22.19 50.89 12.23
C MET C 308 -22.65 51.54 10.93
N PRO C 309 -22.51 50.88 9.77
CA PRO C 309 -23.20 51.38 8.57
C PRO C 309 -24.71 51.43 8.77
N GLU C 310 -25.35 52.38 8.09
CA GLU C 310 -26.79 52.54 8.20
C GLU C 310 -27.52 51.33 7.63
N TRP C 311 -27.02 50.76 6.53
CA TRP C 311 -27.71 49.62 5.92
C TRP C 311 -27.68 48.39 6.83
N VAL C 312 -26.61 48.22 7.60
CA VAL C 312 -26.54 47.09 8.54
C VAL C 312 -27.65 47.23 9.58
N ARG C 313 -27.81 48.44 10.14
CA ARG C 313 -28.90 48.68 11.08
C ARG C 313 -30.26 48.61 10.42
N LYS C 314 -30.34 48.85 9.11
CA LYS C 314 -31.61 48.77 8.40
C LYS C 314 -32.03 47.32 8.19
N VAL C 315 -31.08 46.44 7.88
CA VAL C 315 -31.38 45.07 7.51
C VAL C 315 -31.41 44.16 8.74
N PHE C 316 -30.28 44.06 9.44
CA PHE C 316 -30.10 43.00 10.42
C PHE C 316 -30.68 43.31 11.80
N ILE C 317 -31.23 44.51 12.01
CA ILE C 317 -31.75 44.90 13.32
C ILE C 317 -33.28 44.92 13.26
N ASP C 318 -33.84 45.33 12.12
CA ASP C 318 -35.28 45.51 11.96
C ASP C 318 -35.89 44.67 10.86
N THR C 319 -35.22 44.53 9.71
CA THR C 319 -35.85 43.84 8.59
C THR C 319 -35.94 42.34 8.83
N ILE C 320 -34.80 41.74 9.22
CA ILE C 320 -34.68 40.26 9.39
C ILE C 320 -35.59 39.79 10.52
N PRO C 321 -35.62 40.39 11.74
CA PRO C 321 -36.49 39.89 12.80
C PRO C 321 -37.95 39.71 12.34
N ASN C 322 -38.38 40.40 11.28
CA ASN C 322 -39.74 40.20 10.72
C ASN C 322 -39.98 38.70 10.59
N ILE C 323 -38.91 37.92 10.35
CA ILE C 323 -38.98 36.44 10.20
C ILE C 323 -38.47 35.79 11.49
N MET C 324 -37.48 36.39 12.15
CA MET C 324 -36.85 35.82 13.38
C MET C 324 -37.68 36.17 14.61
N PHE C 325 -37.19 35.88 15.82
CA PHE C 325 -37.89 36.16 17.10
C PHE C 325 -36.85 36.31 18.21
N PHE C 326 -36.40 37.53 18.53
CA PHE C 326 -35.35 37.79 19.55
C PHE C 326 -35.66 39.09 20.31
N SER C 327 -34.69 39.67 21.02
CA SER C 327 -34.90 40.88 21.86
C SER C 327 -34.62 42.17 21.08
N THR C 328 -34.25 42.07 19.80
CA THR C 328 -33.97 43.26 18.94
C THR C 328 -32.91 44.13 19.63
N MET C 329 -31.89 43.51 20.22
CA MET C 329 -30.80 44.24 20.93
C MET C 329 -31.38 45.52 21.56
N ILE C 367 -18.58 73.81 52.47
CA ILE C 367 -17.19 74.11 52.79
C ILE C 367 -16.29 73.48 51.74
N LYS C 368 -15.87 74.29 50.76
CA LYS C 368 -15.06 73.79 49.68
C LYS C 368 -13.60 73.62 50.13
N HIS C 369 -12.89 72.76 49.42
CA HIS C 369 -11.50 72.43 49.73
C HIS C 369 -10.86 71.86 48.47
N PRO C 370 -9.54 71.97 48.30
CA PRO C 370 -8.91 71.29 47.16
C PRO C 370 -9.19 69.79 47.11
N GLU C 371 -9.08 69.09 48.24
CA GLU C 371 -9.35 67.66 48.24
C GLU C 371 -10.83 67.38 48.05
N VAL C 372 -11.71 68.20 48.65
CA VAL C 372 -13.14 67.99 48.49
C VAL C 372 -13.56 68.17 47.04
N LYS C 373 -13.14 69.27 46.42
CA LYS C 373 -13.48 69.50 45.03
C LYS C 373 -12.81 68.46 44.11
N SER C 374 -11.63 67.97 44.50
CA SER C 374 -11.02 66.87 43.77
C SER C 374 -11.91 65.63 43.82
N ALA C 375 -12.49 65.35 45.00
CA ALA C 375 -13.40 64.22 45.10
C ALA C 375 -14.66 64.43 44.26
N ILE C 376 -15.18 65.65 44.24
CA ILE C 376 -16.38 65.91 43.43
C ILE C 376 -16.08 65.71 41.95
N GLU C 377 -14.97 66.29 41.48
CA GLU C 377 -14.59 66.11 40.07
C GLU C 377 -14.29 64.66 39.76
N GLY C 378 -13.74 63.93 40.74
CA GLY C 378 -13.54 62.50 40.54
C GLY C 378 -14.84 61.75 40.36
N ILE C 379 -15.86 62.09 41.16
CA ILE C 379 -17.16 61.44 41.01
C ILE C 379 -17.78 61.79 39.67
N LYS C 380 -17.60 63.03 39.21
CA LYS C 380 -18.00 63.39 37.86
C LYS C 380 -17.33 62.47 36.85
N TYR C 381 -16.01 62.29 36.98
CA TYR C 381 -15.27 61.45 36.07
C TYR C 381 -15.78 60.01 36.09
N ILE C 382 -16.13 59.51 37.27
CA ILE C 382 -16.68 58.17 37.38
C ILE C 382 -17.97 58.07 36.57
N ALA C 383 -18.84 59.07 36.73
CA ALA C 383 -20.11 59.05 36.01
C ALA C 383 -19.89 59.05 34.50
N GLU C 384 -19.03 59.94 34.01
CA GLU C 384 -18.83 60.01 32.56
C GLU C 384 -18.16 58.74 32.03
N THR C 385 -17.19 58.20 32.78
CA THR C 385 -16.49 57.01 32.34
C THR C 385 -17.45 55.83 32.24
N MET C 386 -18.29 55.64 33.27
CA MET C 386 -19.22 54.52 33.22
C MET C 386 -20.28 54.72 32.14
N LYS C 387 -20.73 55.95 31.92
CA LYS C 387 -21.71 56.20 30.87
C LYS C 387 -21.12 55.88 29.50
N SER C 388 -19.89 56.34 29.23
CA SER C 388 -19.26 56.06 27.94
C SER C 388 -19.00 54.57 27.78
N ASP C 389 -18.55 53.90 28.85
CA ASP C 389 -18.31 52.47 28.78
C ASP C 389 -19.60 51.72 28.47
N GLN C 390 -20.70 52.10 29.11
CA GLN C 390 -21.98 51.44 28.85
C GLN C 390 -22.44 51.69 27.41
N GLU C 391 -22.25 52.90 26.89
CA GLU C 391 -22.63 53.17 25.51
C GLU C 391 -21.84 52.33 24.54
N SER C 392 -20.52 52.22 24.76
CA SER C 392 -19.71 51.38 23.89
C SER C 392 -20.08 49.91 24.03
N ASN C 393 -20.46 49.47 25.24
CA ASN C 393 -20.92 48.10 25.42
C ASN C 393 -22.21 47.85 24.65
N ASN C 394 -23.12 48.84 24.61
CA ASN C 394 -24.32 48.68 23.81
C ASN C 394 -23.99 48.58 22.33
N ALA C 395 -23.03 49.38 21.86
CA ALA C 395 -22.63 49.28 20.45
C ALA C 395 -22.07 47.89 20.14
N ALA C 396 -21.22 47.37 21.02
CA ALA C 396 -20.68 46.03 20.84
C ALA C 396 -21.79 44.99 20.84
N GLU C 397 -22.80 45.18 21.70
CA GLU C 397 -23.92 44.25 21.74
C GLU C 397 -24.75 44.31 20.46
N GLU C 398 -24.88 45.49 19.86
CA GLU C 398 -25.52 45.59 18.54
C GLU C 398 -24.76 44.79 17.51
N TRP C 399 -23.43 44.90 17.51
CA TRP C 399 -22.64 44.12 16.55
C TRP C 399 -22.79 42.62 16.80
N LYS C 400 -22.83 42.22 18.07
CA LYS C 400 -23.06 40.81 18.41
C LYS C 400 -24.43 40.35 17.93
N TYR C 401 -25.45 41.21 18.05
CA TYR C 401 -26.78 40.89 17.55
C TYR C 401 -26.76 40.68 16.05
N VAL C 402 -26.02 41.52 15.32
CA VAL C 402 -25.93 41.38 13.88
C VAL C 402 -25.29 40.03 13.52
N ALA C 403 -24.19 39.70 14.20
CA ALA C 403 -23.54 38.41 13.95
C ALA C 403 -24.47 37.25 14.29
N MET C 404 -25.28 37.41 15.34
CA MET C 404 -26.26 36.39 15.75
C MET C 404 -27.30 36.14 14.66
N VAL C 405 -27.93 37.20 14.16
CA VAL C 405 -28.98 36.99 13.15
C VAL C 405 -28.36 36.46 11.86
N MET C 406 -27.14 36.90 11.53
CA MET C 406 -26.45 36.33 10.39
C MET C 406 -26.20 34.83 10.60
N ASP C 407 -25.85 34.44 11.83
CA ASP C 407 -25.59 33.05 12.11
C ASP C 407 -26.82 32.18 11.88
N HIS C 408 -27.99 32.62 12.34
CA HIS C 408 -29.19 31.83 12.09
C HIS C 408 -29.57 31.80 10.61
N ILE C 409 -29.47 32.94 9.91
CA ILE C 409 -29.76 32.94 8.48
C ILE C 409 -28.86 31.93 7.75
N LEU C 410 -27.57 31.98 8.07
CA LEU C 410 -26.61 31.10 7.41
C LEU C 410 -26.82 29.65 7.80
N LEU C 411 -27.23 29.38 9.05
CA LEU C 411 -27.54 28.01 9.44
C LEU C 411 -28.65 27.44 8.59
N ALA C 412 -29.75 28.19 8.45
CA ALA C 412 -30.86 27.72 7.62
C ALA C 412 -30.40 27.49 6.18
N VAL C 413 -29.69 28.46 5.62
CA VAL C 413 -29.27 28.36 4.22
C VAL C 413 -28.34 27.17 4.02
N PHE C 414 -27.39 26.98 4.94
CA PHE C 414 -26.38 25.95 4.75
C PHE C 414 -26.97 24.56 4.92
N MET C 415 -27.86 24.38 5.90
CA MET C 415 -28.51 23.08 6.06
C MET C 415 -29.37 22.75 4.84
N LEU C 416 -30.12 23.74 4.34
CA LEU C 416 -30.93 23.49 3.15
C LEU C 416 -30.05 23.16 1.94
N VAL C 417 -28.93 23.86 1.80
CA VAL C 417 -28.03 23.60 0.68
C VAL C 417 -27.44 22.20 0.80
N CYS C 418 -27.08 21.78 2.01
CA CYS C 418 -26.55 20.44 2.20
C CYS C 418 -27.56 19.39 1.78
N ILE C 419 -28.81 19.54 2.23
CA ILE C 419 -29.84 18.57 1.87
C ILE C 419 -30.06 18.56 0.36
N ILE C 420 -30.15 19.75 -0.24
CA ILE C 420 -30.44 19.86 -1.67
C ILE C 420 -29.31 19.21 -2.49
N GLY C 421 -28.06 19.49 -2.13
CA GLY C 421 -26.95 18.91 -2.86
C GLY C 421 -26.86 17.40 -2.70
N THR C 422 -27.06 16.92 -1.46
CA THR C 422 -27.01 15.49 -1.22
C THR C 422 -28.08 14.76 -2.02
N LEU C 423 -29.30 15.31 -2.07
CA LEU C 423 -30.33 14.69 -2.90
C LEU C 423 -30.01 14.83 -4.37
N ALA C 424 -29.51 15.99 -4.81
CA ALA C 424 -29.33 16.24 -6.23
C ALA C 424 -28.29 15.32 -6.83
N VAL C 425 -27.19 15.07 -6.12
CA VAL C 425 -26.12 14.26 -6.70
C VAL C 425 -26.57 12.81 -6.88
N PHE C 426 -27.29 12.26 -5.89
CA PHE C 426 -27.56 10.83 -5.85
C PHE C 426 -28.91 10.42 -6.41
N ALA C 427 -29.94 11.25 -6.26
CA ALA C 427 -31.31 10.83 -6.53
C ALA C 427 -31.52 10.38 -7.95
N GLY C 428 -30.83 11.00 -8.91
CA GLY C 428 -30.94 10.59 -10.30
C GLY C 428 -30.63 9.12 -10.51
N ARG C 429 -29.40 8.72 -10.16
CA ARG C 429 -29.02 7.32 -10.31
C ARG C 429 -29.84 6.42 -9.40
N LEU C 430 -30.18 6.88 -8.19
CA LEU C 430 -30.90 6.03 -7.25
C LEU C 430 -32.29 5.69 -7.77
N ILE C 431 -33.05 6.70 -8.22
CA ILE C 431 -34.38 6.43 -8.75
C ILE C 431 -34.30 5.72 -10.09
N GLU C 432 -33.24 5.97 -10.87
CA GLU C 432 -33.08 5.23 -12.12
C GLU C 432 -32.90 3.73 -11.85
N LEU C 433 -32.10 3.39 -10.84
CA LEU C 433 -31.91 1.98 -10.51
C LEU C 433 -33.14 1.38 -9.85
N ASN C 434 -33.82 2.14 -8.99
CA ASN C 434 -35.01 1.62 -8.34
C ASN C 434 -36.13 1.37 -9.34
N GLN C 435 -36.28 2.26 -10.32
CA GLN C 435 -37.29 2.05 -11.36
C GLN C 435 -36.88 0.92 -12.31
N GLN C 436 -35.59 0.74 -12.54
CA GLN C 436 -35.10 -0.32 -13.41
C GLN C 436 -35.44 -1.69 -12.84
N LEU D 1 -6.15 -36.78 -52.06
CA LEU D 1 -5.74 -36.25 -50.73
C LEU D 1 -5.81 -34.73 -50.71
N ASN D 2 -5.62 -34.16 -49.53
CA ASN D 2 -5.61 -32.71 -49.40
C ASN D 2 -4.41 -32.12 -50.12
N GLU D 3 -4.62 -30.98 -50.78
CA GLU D 3 -3.51 -30.30 -51.43
C GLU D 3 -2.56 -29.68 -50.41
N GLU D 4 -3.08 -29.32 -49.23
CA GLU D 4 -2.20 -28.81 -48.18
C GLU D 4 -1.22 -29.89 -47.72
N GLU D 5 -1.69 -31.12 -47.57
CA GLU D 5 -0.82 -32.22 -47.15
C GLU D 5 0.26 -32.46 -48.21
N ARG D 6 -0.14 -32.46 -49.48
CA ARG D 6 0.82 -32.66 -50.56
C ARG D 6 1.85 -31.53 -50.59
N LEU D 7 1.40 -30.30 -50.42
CA LEU D 7 2.32 -29.16 -50.46
C LEU D 7 3.30 -29.20 -49.28
N ILE D 8 2.82 -29.56 -48.09
CA ILE D 8 3.72 -29.65 -46.94
C ILE D 8 4.73 -30.76 -47.14
N ARG D 9 4.28 -31.92 -47.64
CA ARG D 9 5.21 -33.00 -47.96
C ARG D 9 6.23 -32.57 -49.00
N HIS D 10 5.81 -31.76 -49.97
CA HIS D 10 6.74 -31.30 -51.00
C HIS D 10 7.77 -30.35 -50.42
N LEU D 11 7.33 -29.38 -49.61
CA LEU D 11 8.22 -28.33 -49.14
C LEU D 11 9.15 -28.80 -48.04
N PHE D 12 8.67 -29.63 -47.12
CA PHE D 12 9.40 -29.93 -45.89
C PHE D 12 10.03 -31.32 -45.85
N GLU D 13 9.50 -32.29 -46.58
CA GLU D 13 10.04 -33.65 -46.61
C GLU D 13 10.75 -33.95 -47.92
N GLU D 14 10.16 -33.62 -49.06
CA GLU D 14 10.84 -33.87 -50.33
C GLU D 14 12.05 -32.96 -50.48
N LYS D 15 11.89 -31.66 -50.22
CA LYS D 15 12.96 -30.70 -50.36
C LYS D 15 13.82 -30.54 -49.10
N ALA D 16 13.43 -31.17 -47.99
CA ALA D 16 14.25 -31.23 -46.78
C ALA D 16 14.57 -29.83 -46.25
N TYR D 17 13.52 -29.13 -45.84
CA TYR D 17 13.68 -27.79 -45.29
C TYR D 17 14.51 -27.84 -44.00
N ASN D 18 15.40 -26.85 -43.86
CA ASN D 18 16.26 -26.71 -42.69
C ASN D 18 16.02 -25.31 -42.12
N LYS D 19 15.30 -25.24 -40.99
CA LYS D 19 14.97 -23.96 -40.39
C LYS D 19 16.16 -23.27 -39.75
N GLU D 20 17.28 -23.98 -39.52
CA GLU D 20 18.45 -23.38 -38.90
C GLU D 20 19.29 -22.57 -39.88
N LEU D 21 19.01 -22.64 -41.18
CA LEU D 21 19.77 -21.95 -42.21
C LEU D 21 18.96 -20.77 -42.73
N ARG D 22 19.62 -19.64 -42.91
CA ARG D 22 18.94 -18.45 -43.43
C ARG D 22 18.50 -18.67 -44.87
N PRO D 23 17.41 -18.02 -45.31
CA PRO D 23 17.04 -18.14 -46.74
C PRO D 23 17.80 -17.17 -47.63
N ALA D 24 19.11 -17.35 -47.70
CA ALA D 24 19.95 -16.47 -48.50
C ALA D 24 21.32 -17.10 -48.64
N ALA D 25 22.11 -16.56 -49.58
CA ALA D 25 23.48 -16.98 -49.74
C ALA D 25 24.30 -16.52 -48.54
N HIS D 26 25.53 -17.04 -48.43
CA HIS D 26 26.34 -16.79 -47.25
C HIS D 26 26.67 -15.31 -47.09
N LYS D 27 27.02 -14.64 -48.17
CA LYS D 27 27.39 -13.23 -48.15
C LYS D 27 26.22 -12.32 -48.52
N GLU D 28 25.00 -12.76 -48.27
CA GLU D 28 23.79 -12.02 -48.59
C GLU D 28 22.92 -11.88 -47.35
N SER D 29 22.18 -10.78 -47.29
CA SER D 29 21.34 -10.45 -46.14
C SER D 29 19.87 -10.60 -46.50
N VAL D 30 19.08 -11.07 -45.54
CA VAL D 30 17.64 -11.20 -45.69
C VAL D 30 16.99 -9.88 -45.33
N GLU D 31 16.05 -9.44 -46.16
CA GLU D 31 15.34 -8.19 -45.94
C GLU D 31 14.08 -8.46 -45.13
N ILE D 32 14.04 -7.93 -43.90
CA ILE D 32 12.91 -8.08 -43.00
C ILE D 32 12.16 -6.76 -42.95
N SER D 33 10.89 -6.79 -43.33
CA SER D 33 10.01 -5.63 -43.25
C SER D 33 9.22 -5.70 -41.95
N LEU D 34 9.25 -4.61 -41.19
CA LEU D 34 8.64 -4.55 -39.86
C LEU D 34 7.60 -3.43 -39.81
N ALA D 35 6.45 -3.75 -39.21
CA ALA D 35 5.43 -2.76 -38.89
C ALA D 35 4.86 -3.09 -37.52
N LEU D 36 4.22 -2.10 -36.91
CA LEU D 36 3.63 -2.23 -35.58
C LEU D 36 2.21 -1.68 -35.62
N THR D 37 1.27 -2.46 -35.10
CA THR D 37 -0.12 -2.03 -34.93
C THR D 37 -0.41 -1.97 -33.44
N LEU D 38 -0.79 -0.79 -32.95
CA LEU D 38 -1.09 -0.60 -31.54
C LEU D 38 -2.55 -0.95 -31.30
N SER D 39 -2.81 -2.10 -30.69
CA SER D 39 -4.17 -2.48 -30.36
C SER D 39 -4.69 -1.74 -29.15
N ASN D 40 -3.82 -1.51 -28.15
CA ASN D 40 -4.23 -0.86 -26.92
C ASN D 40 -3.01 -0.44 -26.14
N LEU D 41 -3.00 0.80 -25.67
CA LEU D 41 -1.98 1.30 -24.76
C LEU D 41 -2.47 0.98 -23.35
N ILE D 42 -1.98 -0.14 -22.80
CA ILE D 42 -2.55 -0.65 -21.55
C ILE D 42 -2.30 0.31 -20.40
N SER D 43 -1.05 0.74 -20.22
CA SER D 43 -0.77 1.64 -19.11
C SER D 43 0.61 2.26 -19.26
N LEU D 44 0.85 3.32 -18.49
CA LEU D 44 2.18 3.89 -18.29
C LEU D 44 2.33 4.15 -16.80
N LYS D 45 3.07 3.28 -16.13
CA LYS D 45 3.32 3.40 -14.69
C LYS D 45 4.53 4.30 -14.50
N GLU D 46 4.30 5.47 -13.88
CA GLU D 46 5.36 6.45 -13.73
C GLU D 46 6.35 6.07 -12.63
N VAL D 47 5.87 5.51 -11.52
CA VAL D 47 6.76 5.15 -10.42
C VAL D 47 7.74 4.07 -10.87
N GLU D 48 7.25 3.07 -11.62
CA GLU D 48 8.09 2.04 -12.19
C GLU D 48 8.67 2.43 -13.55
N GLU D 49 8.18 3.52 -14.15
CA GLU D 49 8.68 3.99 -15.45
C GLU D 49 8.57 2.91 -16.51
N THR D 50 7.38 2.34 -16.64
CA THR D 50 7.12 1.21 -17.53
C THR D 50 5.91 1.48 -18.39
N LEU D 51 6.05 1.29 -19.70
CA LEU D 51 4.94 1.37 -20.64
C LEU D 51 4.49 -0.05 -20.99
N THR D 52 3.25 -0.37 -20.67
CA THR D 52 2.64 -1.64 -21.05
C THR D 52 1.74 -1.40 -22.25
N THR D 53 2.03 -2.06 -23.36
CA THR D 53 1.32 -1.87 -24.62
C THR D 53 0.95 -3.22 -25.23
N ASN D 54 -0.25 -3.26 -25.82
CA ASN D 54 -0.71 -4.39 -26.62
C ASN D 54 -0.47 -4.05 -28.08
N VAL D 55 0.39 -4.84 -28.75
CA VAL D 55 0.82 -4.53 -30.11
C VAL D 55 0.85 -5.80 -30.93
N TRP D 56 0.40 -5.71 -32.17
CA TRP D 56 0.61 -6.74 -33.18
C TRP D 56 1.85 -6.35 -33.98
N ILE D 57 2.87 -7.19 -33.96
CA ILE D 57 4.12 -6.90 -34.66
C ILE D 57 4.08 -7.66 -35.98
N GLU D 58 4.16 -6.94 -37.09
CA GLU D 58 4.05 -7.51 -38.42
C GLU D 58 5.45 -7.64 -39.02
N GLN D 59 5.87 -8.88 -39.27
CA GLN D 59 7.15 -9.18 -39.88
C GLN D 59 6.92 -9.83 -41.24
N GLY D 60 7.74 -9.47 -42.21
CA GLY D 60 7.63 -10.04 -43.54
C GLY D 60 8.98 -10.24 -44.19
N TRP D 61 9.15 -11.35 -44.89
CA TRP D 61 10.38 -11.59 -45.64
C TRP D 61 10.07 -12.56 -46.77
N THR D 62 11.10 -12.97 -47.50
CA THR D 62 10.98 -13.90 -48.60
C THR D 62 11.85 -15.12 -48.32
N ASP D 63 11.25 -16.30 -48.45
CA ASP D 63 11.94 -17.57 -48.29
C ASP D 63 11.79 -18.33 -49.61
N SER D 64 12.84 -18.32 -50.43
CA SER D 64 12.78 -18.98 -51.73
C SER D 64 12.63 -20.50 -51.61
N ARG D 65 12.96 -21.07 -50.45
CA ARG D 65 12.79 -22.50 -50.26
C ARG D 65 11.34 -22.90 -50.07
N LEU D 66 10.46 -21.95 -49.72
CA LEU D 66 9.06 -22.21 -49.45
C LEU D 66 8.14 -21.72 -50.57
N GLN D 67 8.65 -21.68 -51.79
CA GLN D 67 7.88 -21.30 -52.97
C GLN D 67 7.38 -22.54 -53.69
N TRP D 68 6.22 -22.41 -54.32
CA TRP D 68 5.64 -23.52 -55.08
C TRP D 68 4.83 -22.94 -56.23
N ASP D 69 4.54 -23.80 -57.20
CA ASP D 69 3.64 -23.47 -58.30
C ASP D 69 2.23 -23.89 -57.89
N ALA D 70 1.32 -22.92 -57.86
CA ALA D 70 -0.05 -23.21 -57.43
C ALA D 70 -0.73 -24.20 -58.37
N GLU D 71 -0.43 -24.12 -59.67
CA GLU D 71 -1.08 -25.00 -60.64
C GLU D 71 -0.80 -26.46 -60.34
N ASP D 72 0.36 -26.78 -59.75
CA ASP D 72 0.70 -28.14 -59.41
C ASP D 72 0.07 -28.62 -58.12
N PHE D 73 -0.63 -27.76 -57.38
CA PHE D 73 -1.18 -28.12 -56.07
C PHE D 73 -2.62 -27.60 -55.96
N GLY D 74 -3.41 -27.81 -57.01
CA GLY D 74 -4.81 -27.47 -56.97
C GLY D 74 -5.10 -26.00 -56.78
N ASN D 75 -4.31 -25.13 -57.42
CA ASN D 75 -4.36 -23.66 -57.27
C ASN D 75 -4.57 -23.31 -55.79
N ILE D 76 -3.72 -23.83 -54.92
CA ILE D 76 -3.60 -23.38 -53.54
C ILE D 76 -2.67 -22.18 -53.51
N SER D 77 -3.12 -21.10 -52.86
CA SER D 77 -2.44 -19.81 -52.92
C SER D 77 -2.04 -19.27 -51.54
N VAL D 78 -2.17 -20.07 -50.49
CA VAL D 78 -1.76 -19.64 -49.15
C VAL D 78 -1.66 -20.88 -48.28
N LEU D 79 -0.77 -20.83 -47.30
CA LEU D 79 -0.60 -21.95 -46.37
C LEU D 79 -0.23 -21.41 -45.00
N ARG D 80 -0.91 -21.89 -43.97
CA ARG D 80 -0.61 -21.57 -42.59
C ARG D 80 0.27 -22.67 -42.00
N LEU D 81 1.37 -22.27 -41.38
CA LEU D 81 2.31 -23.22 -40.77
C LEU D 81 2.65 -22.77 -39.35
N PRO D 82 3.01 -23.69 -38.45
CA PRO D 82 3.55 -23.26 -37.16
C PRO D 82 4.82 -22.45 -37.34
N ALA D 83 5.01 -21.45 -36.48
CA ALA D 83 6.18 -20.59 -36.57
C ALA D 83 7.46 -21.37 -36.30
N ASP D 84 7.40 -22.43 -35.49
CA ASP D 84 8.59 -23.21 -35.19
C ASP D 84 9.03 -24.11 -36.34
N MET D 85 8.22 -24.24 -37.40
CA MET D 85 8.59 -25.06 -38.54
C MET D 85 9.46 -24.34 -39.56
N VAL D 86 9.59 -23.02 -39.47
CA VAL D 86 10.29 -22.22 -40.47
C VAL D 86 11.36 -21.39 -39.78
N TRP D 87 12.33 -20.95 -40.58
CA TRP D 87 13.31 -19.99 -40.11
C TRP D 87 12.62 -18.66 -39.80
N LEU D 88 13.03 -18.04 -38.69
CA LEU D 88 12.52 -16.75 -38.27
C LEU D 88 13.67 -15.78 -38.06
N PRO D 89 13.51 -14.48 -38.36
CA PRO D 89 14.57 -13.53 -38.00
C PRO D 89 14.73 -13.35 -36.51
N GLU D 90 13.73 -13.73 -35.71
CA GLU D 90 13.77 -13.64 -34.26
C GLU D 90 13.94 -12.20 -33.79
N ILE D 91 12.98 -11.37 -34.19
CA ILE D 91 12.94 -9.98 -33.78
C ILE D 91 12.41 -9.90 -32.35
N VAL D 92 13.12 -9.17 -31.50
CA VAL D 92 12.79 -9.04 -30.08
C VAL D 92 12.74 -7.56 -29.73
N LEU D 93 12.08 -7.26 -28.62
CA LEU D 93 12.04 -5.91 -28.07
C LEU D 93 13.28 -5.72 -27.20
N GLU D 94 14.15 -4.79 -27.59
CA GLU D 94 15.36 -4.52 -26.84
C GLU D 94 15.13 -3.64 -25.62
N ASN D 95 14.00 -2.92 -25.57
CA ASN D 95 13.73 -1.95 -24.51
C ASN D 95 12.98 -2.54 -23.33
N ASN D 96 12.70 -3.83 -23.32
CA ASN D 96 11.96 -4.43 -22.22
C ASN D 96 12.74 -4.29 -20.92
N ASN D 97 12.01 -4.04 -19.83
CA ASN D 97 12.59 -3.94 -18.50
C ASN D 97 12.20 -5.09 -17.58
N ASP D 98 11.19 -5.89 -17.95
CA ASP D 98 10.81 -7.07 -17.18
C ASP D 98 11.52 -8.34 -17.64
N GLY D 99 12.29 -8.28 -18.73
CA GLY D 99 13.01 -9.43 -19.22
C GLY D 99 12.29 -10.26 -20.27
N SER D 100 11.10 -9.85 -20.70
CA SER D 100 10.35 -10.56 -21.74
C SER D 100 10.74 -9.97 -23.09
N PHE D 101 11.72 -10.58 -23.73
CA PHE D 101 12.21 -10.11 -25.03
C PHE D 101 11.25 -10.47 -26.15
N GLN D 102 10.67 -11.66 -26.10
CA GLN D 102 9.97 -12.23 -27.24
C GLN D 102 8.49 -11.87 -27.24
N ILE D 103 7.87 -12.05 -28.41
CA ILE D 103 6.42 -11.88 -28.53
C ILE D 103 5.71 -12.88 -27.61
N SER D 104 4.45 -12.57 -27.30
CA SER D 104 3.69 -13.38 -26.35
C SER D 104 3.25 -14.70 -26.97
N TYR D 105 2.42 -14.63 -28.01
CA TYR D 105 1.84 -15.80 -28.65
C TYR D 105 2.53 -16.02 -30.00
N SER D 106 3.17 -17.18 -30.16
CA SER D 106 3.85 -17.54 -31.39
C SER D 106 2.84 -18.19 -32.33
N CYS D 107 2.12 -17.35 -33.07
CA CYS D 107 1.05 -17.79 -33.95
C CYS D 107 1.64 -18.42 -35.20
N ASN D 108 0.77 -18.76 -36.16
CA ASN D 108 1.22 -19.35 -37.41
C ASN D 108 1.77 -18.28 -38.35
N VAL D 109 2.61 -18.72 -39.28
CA VAL D 109 3.09 -17.93 -40.39
C VAL D 109 2.25 -18.25 -41.61
N LEU D 110 1.97 -17.23 -42.42
CA LEU D 110 1.30 -17.39 -43.70
C LEU D 110 2.35 -17.33 -44.80
N ILE D 111 2.41 -18.36 -45.63
CA ILE D 111 3.34 -18.41 -46.76
C ILE D 111 2.53 -18.49 -48.05
N TYR D 112 3.07 -17.86 -49.09
CA TYR D 112 2.44 -17.69 -50.38
C TYR D 112 3.28 -18.34 -51.47
N PRO D 113 2.71 -18.60 -52.65
CA PRO D 113 3.48 -19.31 -53.69
C PRO D 113 4.76 -18.60 -54.12
N SER D 114 4.80 -17.27 -54.00
CA SER D 114 6.02 -16.53 -54.33
C SER D 114 7.15 -16.77 -53.33
N GLY D 115 6.86 -17.39 -52.19
CA GLY D 115 7.85 -17.58 -51.15
C GLY D 115 7.84 -16.52 -50.07
N SER D 116 6.85 -15.63 -50.06
CA SER D 116 6.79 -14.57 -49.06
C SER D 116 6.22 -15.11 -47.76
N VAL D 117 7.02 -15.02 -46.70
CA VAL D 117 6.59 -15.39 -45.37
C VAL D 117 6.07 -14.14 -44.67
N TYR D 118 4.86 -14.23 -44.13
CA TYR D 118 4.18 -13.13 -43.47
C TYR D 118 3.76 -13.62 -42.09
N TRP D 119 4.19 -12.90 -41.04
CA TRP D 119 3.94 -13.28 -39.67
C TRP D 119 3.41 -12.06 -38.93
N LEU D 120 2.40 -12.25 -38.08
CA LEU D 120 1.77 -11.16 -37.35
C LEU D 120 1.39 -11.63 -35.95
N PRO D 121 2.37 -11.85 -35.08
CA PRO D 121 2.06 -12.26 -33.71
C PRO D 121 1.64 -11.08 -32.86
N PRO D 122 0.78 -11.28 -31.87
CA PRO D 122 0.51 -10.24 -30.88
C PRO D 122 1.44 -10.35 -29.68
N ALA D 123 1.51 -9.27 -28.93
CA ALA D 123 2.37 -9.23 -27.76
C ALA D 123 1.90 -8.16 -26.80
N ILE D 124 2.15 -8.40 -25.52
CA ILE D 124 2.02 -7.40 -24.48
C ILE D 124 3.43 -7.09 -24.01
N PHE D 125 3.94 -5.93 -24.42
CA PHE D 125 5.31 -5.52 -24.16
C PHE D 125 5.33 -4.52 -23.02
N ARG D 126 6.25 -4.73 -22.08
CA ARG D 126 6.51 -3.83 -20.97
C ARG D 126 7.89 -3.22 -21.18
N SER D 127 7.92 -2.02 -21.75
CA SER D 127 9.16 -1.35 -22.12
C SER D 127 9.51 -0.26 -21.11
N SER D 128 10.79 0.11 -21.11
CA SER D 128 11.27 1.16 -20.23
C SER D 128 11.01 2.53 -20.86
N CYS D 129 10.28 3.37 -20.15
CA CYS D 129 9.98 4.73 -20.58
C CYS D 129 10.40 5.70 -19.49
N PRO D 130 11.59 6.31 -19.59
CA PRO D 130 11.95 7.34 -18.60
C PRO D 130 10.94 8.50 -18.63
N ILE D 131 10.62 9.01 -17.45
CA ILE D 131 9.50 9.91 -17.25
C ILE D 131 10.04 11.31 -16.95
N SER D 132 9.47 12.31 -17.61
CA SER D 132 9.71 13.71 -17.31
C SER D 132 8.57 14.21 -16.43
N VAL D 133 8.90 14.65 -15.22
CA VAL D 133 7.90 15.02 -14.22
C VAL D 133 7.70 16.52 -14.12
N THR D 134 8.41 17.33 -14.92
CA THR D 134 8.49 18.77 -14.68
C THR D 134 7.13 19.46 -14.75
N TYR D 135 6.19 18.93 -15.55
CA TYR D 135 4.90 19.57 -15.78
C TYR D 135 3.74 18.67 -15.37
N PHE D 136 3.97 17.69 -14.50
CA PHE D 136 2.88 16.86 -14.02
C PHE D 136 1.87 17.71 -13.27
N PRO D 137 0.55 17.53 -13.48
CA PRO D 137 -0.16 16.58 -14.35
C PRO D 137 -0.39 17.08 -15.78
N PHE D 138 0.25 18.16 -16.19
CA PHE D 138 0.12 18.72 -17.53
C PHE D 138 1.27 18.29 -18.45
N ASP D 139 1.79 17.09 -18.24
CA ASP D 139 2.99 16.62 -18.91
C ASP D 139 2.67 15.77 -20.12
N TRP D 140 3.66 15.62 -21.00
CA TRP D 140 3.63 14.69 -22.12
C TRP D 140 4.90 13.86 -22.08
N GLN D 141 4.75 12.58 -22.42
CA GLN D 141 5.84 11.61 -22.36
C GLN D 141 6.18 11.14 -23.76
N ASN D 142 7.42 10.65 -23.91
CA ASN D 142 7.97 10.19 -25.18
C ASN D 142 8.56 8.81 -24.97
N CYS D 143 7.73 7.78 -25.14
CA CYS D 143 8.19 6.40 -24.99
C CYS D 143 8.58 5.84 -26.35
N SER D 144 9.30 4.71 -26.33
CA SER D 144 9.78 4.10 -27.55
C SER D 144 9.82 2.58 -27.39
N LEU D 145 9.51 1.89 -28.47
CA LEU D 145 9.63 0.44 -28.58
C LEU D 145 10.70 0.15 -29.63
N LYS D 146 11.83 -0.40 -29.18
CA LYS D 146 12.98 -0.66 -30.04
C LYS D 146 13.03 -2.15 -30.35
N PHE D 147 12.98 -2.49 -31.64
CA PHE D 147 12.95 -3.86 -32.11
C PHE D 147 14.23 -4.16 -32.88
N SER D 148 14.87 -5.28 -32.56
CA SER D 148 16.08 -5.70 -33.24
C SER D 148 16.21 -7.20 -33.08
N SER D 149 17.23 -7.76 -33.74
CA SER D 149 17.54 -9.18 -33.67
C SER D 149 18.84 -9.36 -32.91
N LEU D 150 18.81 -10.14 -31.83
CA LEU D 150 20.01 -10.50 -31.09
C LEU D 150 20.69 -11.73 -31.66
N LYS D 151 20.03 -12.48 -32.54
CA LYS D 151 20.62 -13.67 -33.14
C LYS D 151 21.38 -13.37 -34.43
N TYR D 152 21.06 -12.27 -35.11
CA TYR D 152 21.63 -11.94 -36.41
C TYR D 152 22.08 -10.49 -36.43
N THR D 153 23.13 -10.22 -37.20
CA THR D 153 23.70 -8.89 -37.32
C THR D 153 23.28 -8.28 -38.66
N THR D 154 23.79 -7.07 -38.93
CA THR D 154 23.48 -6.41 -40.19
C THR D 154 23.99 -7.17 -41.40
N LYS D 155 25.01 -8.02 -41.21
CA LYS D 155 25.49 -8.86 -42.31
C LYS D 155 24.53 -9.99 -42.64
N GLU D 156 23.71 -10.42 -41.67
CA GLU D 156 22.83 -11.56 -41.84
C GLU D 156 21.41 -11.17 -42.24
N ILE D 157 20.86 -10.12 -41.64
CA ILE D 157 19.51 -9.63 -41.95
C ILE D 157 19.59 -8.12 -42.17
N THR D 158 18.49 -7.57 -42.69
CA THR D 158 18.38 -6.13 -42.96
C THR D 158 16.99 -5.68 -42.59
N LEU D 159 16.87 -4.98 -41.47
CA LEU D 159 15.58 -4.48 -41.02
C LEU D 159 15.16 -3.27 -41.83
N SER D 160 13.86 -3.15 -42.07
CA SER D 160 13.30 -2.03 -42.80
C SER D 160 11.82 -1.91 -42.45
N LEU D 161 11.25 -0.77 -42.80
CA LEU D 161 9.83 -0.53 -42.57
C LEU D 161 9.00 -1.19 -43.66
N LYS D 162 7.76 -1.54 -43.31
CA LYS D 162 6.84 -2.10 -44.29
C LYS D 162 6.56 -1.07 -45.38
N GLN D 163 6.41 -1.55 -46.61
CA GLN D 163 6.08 -0.72 -47.76
C GLN D 163 4.66 -1.01 -48.20
N ALA D 164 3.87 0.05 -48.35
CA ALA D 164 2.50 -0.02 -48.84
C ALA D 164 2.42 0.66 -50.19
N GLU D 165 1.31 0.42 -50.89
CA GLU D 165 1.08 0.91 -52.23
C GLU D 165 -0.16 1.78 -52.27
N GLU D 166 -0.08 2.89 -52.99
CA GLU D 166 -1.21 3.77 -53.23
C GLU D 166 -1.19 4.17 -54.70
N ASP D 167 -2.25 3.80 -55.43
CA ASP D 167 -2.38 4.05 -56.88
C ASP D 167 -1.13 3.61 -57.66
N GLY D 168 -0.49 2.54 -57.20
CA GLY D 168 0.67 1.99 -57.86
C GLY D 168 2.01 2.53 -57.40
N ARG D 169 2.02 3.55 -56.54
CA ARG D 169 3.24 4.14 -56.01
C ARG D 169 3.53 3.55 -54.64
N SER D 170 4.77 3.14 -54.43
CA SER D 170 5.19 2.51 -53.18
C SER D 170 5.74 3.55 -52.22
N TYR D 171 5.37 3.44 -50.95
CA TYR D 171 5.88 4.30 -49.89
C TYR D 171 6.09 3.49 -48.62
N PRO D 172 7.05 3.87 -47.77
CA PRO D 172 7.23 3.15 -46.51
C PRO D 172 6.26 3.65 -45.44
N VAL D 173 5.83 2.72 -44.59
CA VAL D 173 4.95 3.03 -43.47
C VAL D 173 5.83 3.52 -42.33
N GLU D 174 5.92 4.83 -42.17
CA GLU D 174 6.77 5.46 -41.17
C GLU D 174 5.99 5.90 -39.94
N TRP D 175 4.99 5.12 -39.54
CA TRP D 175 4.17 5.46 -38.39
C TRP D 175 3.63 4.17 -37.80
N ILE D 176 3.18 4.26 -36.55
CA ILE D 176 2.50 3.13 -35.92
C ILE D 176 1.11 3.03 -36.49
N ILE D 177 0.75 1.84 -36.99
CA ILE D 177 -0.56 1.65 -37.58
C ILE D 177 -1.62 1.63 -36.49
N ILE D 178 -2.72 2.34 -36.74
CA ILE D 178 -3.86 2.41 -35.83
C ILE D 178 -5.06 1.88 -36.60
N ASP D 179 -5.34 0.60 -36.44
CA ASP D 179 -6.50 0.00 -37.10
C ASP D 179 -7.76 0.45 -36.37
N PRO D 180 -8.72 1.13 -37.02
CA PRO D 180 -9.96 1.47 -36.32
C PRO D 180 -10.75 0.26 -35.86
N GLU D 181 -10.57 -0.89 -36.50
CA GLU D 181 -11.29 -2.11 -36.13
C GLU D 181 -10.65 -2.85 -34.96
N GLY D 182 -9.47 -2.45 -34.51
CA GLY D 182 -8.78 -3.14 -33.44
C GLY D 182 -8.05 -2.23 -32.47
N PHE D 183 -8.43 -0.95 -32.42
CA PHE D 183 -7.83 0.04 -31.54
C PHE D 183 -8.82 0.47 -30.48
N THR D 184 -8.32 0.65 -29.26
CA THR D 184 -9.11 1.16 -28.13
C THR D 184 -8.39 2.37 -27.55
N GLU D 185 -9.10 3.48 -27.43
CA GLU D 185 -8.51 4.70 -26.91
C GLU D 185 -8.24 4.59 -25.41
N ASN D 186 -7.09 5.10 -24.98
CA ASN D 186 -6.79 5.20 -23.57
C ASN D 186 -7.49 6.40 -22.97
N GLY D 187 -8.03 6.23 -21.77
CA GLY D 187 -8.77 7.31 -21.12
C GLY D 187 -7.92 8.38 -20.49
N GLU D 188 -6.61 8.15 -20.33
CA GLU D 188 -5.71 9.10 -19.69
C GLU D 188 -4.67 9.68 -20.64
N TRP D 189 -4.30 8.97 -21.69
CA TRP D 189 -3.24 9.37 -22.61
C TRP D 189 -3.79 9.44 -24.03
N GLU D 190 -3.50 10.54 -24.72
CA GLU D 190 -3.83 10.71 -26.13
C GLU D 190 -2.55 10.76 -26.95
N ILE D 191 -2.54 10.05 -28.07
CA ILE D 191 -1.36 9.94 -28.91
C ILE D 191 -1.27 11.17 -29.81
N VAL D 192 -0.19 11.93 -29.67
CA VAL D 192 0.03 13.12 -30.49
C VAL D 192 0.84 12.79 -31.73
N HIS D 193 1.99 12.13 -31.55
CA HIS D 193 2.85 11.68 -32.63
C HIS D 193 3.15 10.21 -32.44
N ARG D 194 3.18 9.46 -33.54
CA ARG D 194 3.50 8.03 -33.52
C ARG D 194 4.36 7.69 -34.73
N PRO D 195 5.60 8.15 -34.76
CA PRO D 195 6.47 7.87 -35.89
C PRO D 195 7.13 6.50 -35.79
N ALA D 196 7.84 6.14 -36.86
CA ALA D 196 8.62 4.92 -36.92
C ALA D 196 9.90 5.19 -37.70
N ARG D 197 11.02 4.68 -37.21
CA ARG D 197 12.33 4.95 -37.79
C ARG D 197 13.14 3.67 -37.87
N VAL D 198 14.05 3.63 -38.84
CA VAL D 198 15.09 2.62 -38.93
C VAL D 198 16.40 3.29 -38.54
N ASN D 199 16.97 2.86 -37.42
CA ASN D 199 18.16 3.46 -36.85
C ASN D 199 19.35 2.54 -37.07
N VAL D 200 20.44 3.09 -37.61
CA VAL D 200 21.70 2.39 -37.77
C VAL D 200 22.76 3.21 -37.04
N ASP D 201 23.45 2.58 -36.09
CA ASP D 201 24.44 3.26 -35.27
C ASP D 201 25.82 2.99 -35.84
N PRO D 202 26.51 3.97 -36.44
CA PRO D 202 27.85 3.69 -36.97
C PRO D 202 28.90 3.49 -35.88
N SER D 203 28.63 3.90 -34.64
CA SER D 203 29.65 3.81 -33.59
C SER D 203 29.97 2.36 -33.26
N VAL D 204 28.94 1.53 -33.08
CA VAL D 204 29.15 0.14 -32.69
C VAL D 204 29.68 -0.63 -33.89
N PRO D 205 30.40 -1.74 -33.70
CA PRO D 205 30.98 -2.44 -34.84
C PRO D 205 29.92 -3.16 -35.66
N LEU D 206 30.29 -3.48 -36.91
CA LEU D 206 29.37 -4.11 -37.84
C LEU D 206 28.95 -5.50 -37.39
N ASP D 207 29.76 -6.18 -36.57
CA ASP D 207 29.43 -7.51 -36.08
C ASP D 207 28.58 -7.48 -34.82
N SER D 208 28.16 -6.29 -34.36
CA SER D 208 27.26 -6.20 -33.20
C SER D 208 25.81 -6.33 -33.66
N PRO D 209 24.99 -7.20 -33.06
CA PRO D 209 23.56 -7.22 -33.44
C PRO D 209 22.82 -5.93 -33.14
N ASN D 210 23.33 -5.09 -32.24
CA ASN D 210 22.67 -3.86 -31.85
C ASN D 210 22.91 -2.71 -32.82
N ARG D 211 23.62 -2.95 -33.93
CA ARG D 211 23.91 -1.88 -34.87
C ARG D 211 22.64 -1.32 -35.51
N GLN D 212 21.72 -2.20 -35.90
CA GLN D 212 20.49 -1.82 -36.57
C GLN D 212 19.29 -2.09 -35.68
N ASP D 213 18.28 -1.23 -35.78
CA ASP D 213 17.04 -1.44 -35.06
C ASP D 213 15.93 -0.66 -35.75
N VAL D 214 14.70 -1.00 -35.41
CA VAL D 214 13.51 -0.26 -35.83
C VAL D 214 12.81 0.22 -34.58
N THR D 215 12.66 1.53 -34.45
CA THR D 215 12.11 2.16 -33.26
C THR D 215 10.76 2.78 -33.59
N PHE D 216 9.74 2.41 -32.81
CA PHE D 216 8.41 2.99 -32.91
C PHE D 216 8.20 3.86 -31.67
N TYR D 217 8.06 5.17 -31.89
CA TYR D 217 7.94 6.13 -30.80
C TYR D 217 6.49 6.48 -30.58
N LEU D 218 6.14 6.71 -29.31
CA LEU D 218 4.81 7.16 -28.90
C LEU D 218 5.00 8.41 -28.06
N ILE D 219 4.63 9.56 -28.63
CA ILE D 219 4.54 10.81 -27.89
C ILE D 219 3.08 10.94 -27.46
N ILE D 220 2.86 10.99 -26.15
CA ILE D 220 1.52 10.89 -25.58
C ILE D 220 1.34 12.01 -24.58
N ARG D 221 0.19 12.67 -24.65
CA ARG D 221 -0.18 13.75 -23.74
C ARG D 221 -1.18 13.23 -22.73
N ARG D 222 -0.92 13.51 -21.45
CA ARG D 222 -1.86 13.15 -20.40
C ARG D 222 -3.09 14.03 -20.48
N LYS D 223 -4.26 13.43 -20.21
CA LYS D 223 -5.49 14.18 -20.09
C LYS D 223 -5.63 14.61 -18.64
N PRO D 224 -5.47 15.89 -18.29
CA PRO D 224 -5.33 16.27 -16.88
C PRO D 224 -6.63 16.58 -16.15
N LEU D 225 -7.79 16.24 -16.71
CA LEU D 225 -9.05 16.57 -16.05
C LEU D 225 -9.17 15.87 -14.71
N PHE D 226 -8.74 14.60 -14.63
CA PHE D 226 -8.83 13.86 -13.37
C PHE D 226 -8.01 14.53 -12.28
N TYR D 227 -6.74 14.83 -12.57
CA TYR D 227 -5.88 15.43 -11.57
C TYR D 227 -6.30 16.87 -11.27
N VAL D 228 -6.74 17.60 -12.29
CA VAL D 228 -7.18 18.97 -12.08
C VAL D 228 -8.39 19.00 -11.15
N ILE D 229 -9.36 18.12 -11.42
CA ILE D 229 -10.62 18.17 -10.72
C ILE D 229 -10.48 17.60 -9.31
N ASN D 230 -9.66 16.55 -9.14
CA ASN D 230 -9.58 15.82 -7.88
C ASN D 230 -8.46 16.28 -6.97
N ILE D 231 -7.31 16.70 -7.51
CA ILE D 231 -6.12 17.01 -6.71
C ILE D 231 -5.87 18.51 -6.66
N LEU D 232 -5.76 19.16 -7.82
CA LEU D 232 -5.29 20.54 -7.86
C LEU D 232 -6.28 21.49 -7.21
N VAL D 233 -7.57 21.37 -7.55
CA VAL D 233 -8.56 22.34 -7.06
C VAL D 233 -8.69 22.30 -5.55
N PRO D 234 -8.89 21.15 -4.90
CA PRO D 234 -8.93 21.15 -3.42
C PRO D 234 -7.67 21.69 -2.78
N CYS D 235 -6.51 21.31 -3.30
CA CYS D 235 -5.25 21.75 -2.71
C CYS D 235 -5.08 23.26 -2.85
N VAL D 236 -5.43 23.80 -4.01
CA VAL D 236 -5.29 25.24 -4.24
C VAL D 236 -6.26 26.02 -3.35
N LEU D 237 -7.51 25.53 -3.23
CA LEU D 237 -8.46 26.23 -2.36
C LEU D 237 -8.02 26.18 -0.90
N ILE D 238 -7.53 25.03 -0.44
CA ILE D 238 -7.09 24.92 0.94
C ILE D 238 -5.86 25.81 1.18
N SER D 239 -4.98 25.90 0.18
CA SER D 239 -3.83 26.79 0.31
C SER D 239 -4.26 28.24 0.38
N PHE D 240 -5.19 28.65 -0.48
CA PHE D 240 -5.64 30.04 -0.51
C PHE D 240 -6.51 30.39 0.69
N MET D 241 -6.99 29.40 1.45
CA MET D 241 -7.64 29.71 2.71
C MET D 241 -6.70 30.38 3.71
N ILE D 242 -5.39 30.28 3.52
CA ILE D 242 -4.44 30.84 4.48
C ILE D 242 -4.61 32.35 4.60
N ASN D 243 -5.07 33.01 3.54
CA ASN D 243 -5.26 34.46 3.59
C ASN D 243 -6.36 34.89 4.54
N LEU D 244 -7.22 33.96 4.96
CA LEU D 244 -8.31 34.30 5.87
C LEU D 244 -7.85 34.55 7.30
N VAL D 245 -6.67 34.07 7.68
CA VAL D 245 -6.21 34.24 9.06
C VAL D 245 -5.97 35.71 9.36
N PHE D 246 -5.62 36.51 8.35
CA PHE D 246 -5.40 37.93 8.56
C PHE D 246 -6.70 38.64 8.93
N TYR D 247 -7.84 38.13 8.47
CA TYR D 247 -9.14 38.69 8.84
C TYR D 247 -9.64 38.19 10.19
N LEU D 248 -9.04 37.15 10.75
CA LEU D 248 -9.48 36.66 12.05
C LEU D 248 -9.02 37.62 13.15
N PRO D 249 -9.86 37.92 14.15
CA PRO D 249 -9.37 38.70 15.29
C PRO D 249 -8.35 37.93 16.11
N ALA D 250 -7.65 38.66 16.97
CA ALA D 250 -6.51 38.15 17.71
C ALA D 250 -6.86 37.66 19.11
N ASP D 251 -8.15 37.50 19.43
CA ASP D 251 -8.59 37.10 20.76
C ASP D 251 -9.30 35.75 20.77
N CYS D 252 -10.36 35.58 19.97
CA CYS D 252 -11.02 34.28 19.85
C CYS D 252 -10.56 33.51 18.64
N GLY D 253 -10.40 34.20 17.51
CA GLY D 253 -9.97 33.59 16.26
C GLY D 253 -8.66 32.85 16.41
N GLU D 254 -8.69 31.53 16.22
CA GLU D 254 -7.50 30.69 16.37
C GLU D 254 -6.69 30.78 15.07
N LYS D 255 -6.00 31.91 14.93
CA LYS D 255 -5.23 32.19 13.72
C LYS D 255 -4.12 31.17 13.53
N THR D 256 -3.32 30.94 14.57
CA THR D 256 -2.21 30.00 14.48
C THR D 256 -2.71 28.60 14.19
N SER D 257 -3.80 28.19 14.86
CA SER D 257 -4.34 26.85 14.68
C SER D 257 -4.82 26.65 13.25
N MET D 258 -5.53 27.62 12.70
CA MET D 258 -6.01 27.50 11.33
C MET D 258 -4.85 27.46 10.35
N ALA D 259 -3.83 28.29 10.58
CA ALA D 259 -2.68 28.32 9.67
C ALA D 259 -1.93 26.99 9.68
N ILE D 260 -1.63 26.46 10.87
CA ILE D 260 -0.94 25.18 10.92
C ILE D 260 -1.82 24.05 10.41
N SER D 261 -3.15 24.16 10.54
CA SER D 261 -4.01 23.13 9.96
C SER D 261 -3.93 23.15 8.44
N VAL D 262 -3.88 24.35 7.84
CA VAL D 262 -3.63 24.44 6.40
C VAL D 262 -2.28 23.83 6.06
N LEU D 263 -1.28 24.05 6.92
CA LEU D 263 0.03 23.44 6.70
C LEU D 263 -0.05 21.92 6.74
N LEU D 264 -0.81 21.37 7.68
CA LEU D 264 -0.97 19.92 7.78
C LEU D 264 -1.66 19.36 6.53
N ALA D 265 -2.69 20.06 6.05
CA ALA D 265 -3.36 19.62 4.82
C ALA D 265 -2.40 19.64 3.64
N GLN D 266 -1.59 20.69 3.53
CA GLN D 266 -0.61 20.76 2.45
C GLN D 266 0.41 19.64 2.56
N SER D 267 0.86 19.33 3.78
CA SER D 267 1.81 18.24 3.96
C SER D 267 1.20 16.90 3.55
N VAL D 268 -0.06 16.67 3.91
CA VAL D 268 -0.74 15.44 3.51
C VAL D 268 -0.81 15.35 1.99
N PHE D 269 -1.18 16.46 1.34
CA PHE D 269 -1.25 16.47 -0.12
C PHE D 269 0.11 16.18 -0.74
N LEU D 270 1.16 16.80 -0.21
CA LEU D 270 2.50 16.60 -0.76
C LEU D 270 2.95 15.15 -0.60
N LEU D 271 2.73 14.56 0.57
CA LEU D 271 3.22 13.21 0.80
C LEU D 271 2.38 12.18 0.04
N LEU D 272 1.09 12.45 -0.21
CA LEU D 272 0.26 11.53 -0.96
C LEU D 272 0.30 11.76 -2.47
N ILE D 273 0.87 12.88 -2.93
CA ILE D 273 1.16 13.07 -4.35
C ILE D 273 2.59 12.65 -4.71
N SER D 274 3.51 12.61 -3.75
CA SER D 274 4.85 12.15 -4.03
C SER D 274 4.88 10.68 -4.42
N LYS D 275 3.93 9.89 -3.90
CA LYS D 275 3.90 8.46 -4.19
C LYS D 275 3.46 8.17 -5.61
N ARG D 276 2.75 9.09 -6.26
CA ARG D 276 2.24 8.87 -7.61
C ARG D 276 3.28 9.10 -8.69
N LEU D 277 4.50 9.50 -8.33
CA LEU D 277 5.56 9.82 -9.27
C LEU D 277 6.84 9.15 -8.80
N PRO D 278 7.81 8.92 -9.69
CA PRO D 278 9.08 8.33 -9.26
C PRO D 278 9.91 9.33 -8.48
N ALA D 279 10.96 8.82 -7.86
CA ALA D 279 11.85 9.62 -7.01
C ALA D 279 13.05 10.17 -7.78
N THR D 280 12.88 10.44 -9.07
CA THR D 280 13.99 10.93 -9.88
C THR D 280 14.41 12.33 -9.43
N SER D 281 15.67 12.65 -9.65
CA SER D 281 16.25 13.94 -9.31
C SER D 281 16.40 14.87 -10.50
N MET D 282 15.81 14.53 -11.65
CA MET D 282 15.95 15.37 -12.83
C MET D 282 15.26 16.72 -12.63
N ALA D 283 14.08 16.72 -12.04
CA ALA D 283 13.33 17.96 -11.82
C ALA D 283 12.30 17.72 -10.73
N ILE D 284 11.76 18.82 -10.22
CA ILE D 284 10.70 18.77 -9.21
C ILE D 284 9.37 18.81 -9.95
N PRO D 285 8.34 18.06 -9.53
CA PRO D 285 7.05 18.18 -10.21
C PRO D 285 6.43 19.57 -10.03
N LEU D 286 5.60 19.95 -11.01
CA LEU D 286 4.92 21.24 -10.95
C LEU D 286 4.04 21.33 -9.72
N ILE D 287 3.25 20.28 -9.46
CA ILE D 287 2.43 20.26 -8.25
C ILE D 287 3.32 20.26 -7.01
N GLY D 288 4.46 19.58 -7.08
CA GLY D 288 5.38 19.59 -5.96
C GLY D 288 5.97 20.97 -5.72
N LYS D 289 6.34 21.67 -6.78
CA LYS D 289 6.83 23.03 -6.64
C LYS D 289 5.76 23.93 -6.03
N PHE D 290 4.51 23.80 -6.49
CA PHE D 290 3.45 24.63 -5.93
C PHE D 290 3.22 24.32 -4.45
N LEU D 291 3.27 23.03 -4.09
CA LEU D 291 3.06 22.67 -2.70
C LEU D 291 4.19 23.17 -1.81
N LEU D 292 5.43 23.09 -2.29
CA LEU D 292 6.55 23.62 -1.50
C LEU D 292 6.42 25.13 -1.33
N PHE D 293 6.07 25.83 -2.40
CA PHE D 293 5.88 27.28 -2.30
C PHE D 293 4.75 27.63 -1.33
N GLY D 294 3.65 26.89 -1.40
CA GLY D 294 2.54 27.14 -0.49
C GLY D 294 2.89 26.85 0.95
N MET D 295 3.67 25.78 1.19
CA MET D 295 4.05 25.45 2.56
C MET D 295 5.01 26.49 3.13
N VAL D 296 5.93 27.00 2.31
CA VAL D 296 6.80 28.08 2.77
C VAL D 296 5.97 29.32 3.08
N LEU D 297 5.00 29.64 2.22
CA LEU D 297 4.15 30.80 2.48
C LEU D 297 3.35 30.62 3.76
N VAL D 298 2.83 29.41 4.00
CA VAL D 298 2.05 29.16 5.20
C VAL D 298 2.94 29.24 6.44
N THR D 299 4.19 28.79 6.32
CA THR D 299 5.13 28.92 7.43
C THR D 299 5.36 30.40 7.77
N MET D 300 5.55 31.22 6.73
CA MET D 300 5.71 32.65 6.95
C MET D 300 4.47 33.25 7.58
N VAL D 301 3.29 32.80 7.15
CA VAL D 301 2.04 33.32 7.70
C VAL D 301 1.87 32.90 9.15
N VAL D 302 2.32 31.69 9.50
CA VAL D 302 2.26 31.26 10.90
C VAL D 302 3.18 32.14 11.76
N VAL D 303 4.38 32.43 11.25
CA VAL D 303 5.27 33.33 11.99
C VAL D 303 4.63 34.71 12.13
N ILE D 304 3.98 35.19 11.07
CA ILE D 304 3.32 36.49 11.12
C ILE D 304 2.19 36.47 12.15
N CYS D 305 1.43 35.38 12.21
CA CYS D 305 0.34 35.28 13.19
C CYS D 305 0.88 35.26 14.60
N VAL D 306 2.01 34.58 14.81
CA VAL D 306 2.65 34.58 16.13
C VAL D 306 3.06 35.99 16.51
N ILE D 307 3.66 36.73 15.57
CA ILE D 307 4.09 38.08 15.87
C ILE D 307 2.90 39.00 16.14
N VAL D 308 1.81 38.83 15.37
CA VAL D 308 0.63 39.65 15.56
C VAL D 308 0.00 39.38 16.92
N LEU D 309 -0.09 38.10 17.30
CA LEU D 309 -0.63 37.76 18.62
C LEU D 309 0.28 38.30 19.72
N ASN D 310 1.59 38.29 19.48
CA ASN D 310 2.52 38.86 20.45
C ASN D 310 2.27 40.35 20.64
N ILE D 311 2.05 41.07 19.53
CA ILE D 311 1.79 42.51 19.61
C ILE D 311 0.45 42.78 20.28
N HIS D 312 -0.54 41.92 20.01
CA HIS D 312 -1.90 42.19 20.48
C HIS D 312 -1.99 42.12 22.01
N PHE D 313 -1.26 41.19 22.63
CA PHE D 313 -1.38 40.91 24.05
C PHE D 313 -0.30 41.62 24.88
N ARG D 314 0.13 42.80 24.45
CA ARG D 314 1.07 43.61 25.20
C ARG D 314 0.33 44.51 26.18
N THR D 315 1.02 44.88 27.26
CA THR D 315 0.45 45.61 28.38
C THR D 315 1.38 46.74 28.80
N PRO D 316 0.87 47.76 29.49
CA PRO D 316 1.77 48.75 30.11
C PRO D 316 2.74 48.14 31.10
N SER D 317 2.36 47.07 31.79
CA SER D 317 3.21 46.43 32.77
C SER D 317 4.24 45.50 32.14
N THR D 318 4.20 45.29 30.82
CA THR D 318 5.10 44.38 30.10
C THR D 318 5.89 45.06 29.01
N HIS D 319 5.28 46.02 28.30
CA HIS D 319 5.93 46.70 27.19
C HIS D 319 5.52 48.16 27.20
N VAL D 320 6.36 48.98 26.56
CA VAL D 320 6.14 50.42 26.46
C VAL D 320 5.79 50.72 25.00
N LEU D 321 4.65 51.39 24.80
CA LEU D 321 4.18 51.74 23.45
C LEU D 321 4.77 53.10 23.10
N SER D 322 5.90 53.06 22.41
CA SER D 322 6.63 54.28 22.09
C SER D 322 5.85 55.12 21.07
N GLU D 323 6.08 56.43 21.12
CA GLU D 323 5.42 57.34 20.19
C GLU D 323 5.67 57.06 18.72
N PRO D 324 6.88 56.75 18.25
CA PRO D 324 7.04 56.55 16.79
C PRO D 324 6.26 55.35 16.26
N VAL D 325 6.29 54.22 16.96
CA VAL D 325 5.49 53.08 16.52
C VAL D 325 4.01 53.40 16.61
N LYS D 326 3.62 54.18 17.62
CA LYS D 326 2.22 54.59 17.76
C LYS D 326 1.76 55.38 16.54
N LYS D 327 2.50 56.42 16.17
CA LYS D 327 2.14 57.21 15.00
C LYS D 327 2.20 56.38 13.73
N LEU D 328 3.21 55.51 13.61
CA LEU D 328 3.39 54.74 12.39
C LEU D 328 2.22 53.77 12.18
N PHE D 329 1.78 53.10 13.24
CA PHE D 329 0.83 52.01 13.14
C PHE D 329 -0.61 52.41 13.49
N LEU D 330 -0.86 53.67 13.86
CA LEU D 330 -2.21 54.13 14.14
C LEU D 330 -2.65 55.34 13.33
N GLU D 331 -1.74 56.03 12.63
CA GLU D 331 -2.08 57.20 11.83
C GLU D 331 -1.69 57.05 10.37
N THR D 332 -0.49 56.57 10.06
CA THR D 332 -0.02 56.51 8.69
C THR D 332 -0.54 55.28 7.96
N LEU D 333 -0.19 54.10 8.46
CA LEU D 333 -0.56 52.85 7.80
C LEU D 333 -2.07 52.67 7.69
N PRO D 334 -2.88 52.90 8.73
CA PRO D 334 -4.33 52.76 8.52
C PRO D 334 -4.88 53.74 7.50
N GLU D 335 -4.29 54.92 7.38
CA GLU D 335 -4.74 55.87 6.37
C GLU D 335 -4.46 55.34 4.97
N ILE D 336 -3.23 54.91 4.70
CA ILE D 336 -2.92 54.47 3.34
C ILE D 336 -3.65 53.16 3.02
N LEU D 337 -3.74 52.25 4.00
CA LEU D 337 -4.33 50.94 3.74
C LEU D 337 -5.82 51.03 3.42
N HIS D 338 -6.55 51.85 4.18
CA HIS D 338 -8.00 51.97 3.96
C HIS D 338 -8.29 52.64 2.63
N GLN D 407 -13.90 70.88 61.18
CA GLN D 407 -12.66 70.38 61.80
C GLN D 407 -12.88 68.99 62.38
N GLU D 408 -13.73 68.90 63.41
CA GLU D 408 -14.13 67.59 63.91
C GLU D 408 -14.87 66.81 62.83
N LEU D 409 -15.83 67.47 62.16
CA LEU D 409 -16.50 66.86 61.02
C LEU D 409 -15.49 66.59 59.90
N PHE D 410 -14.57 67.54 59.67
CA PHE D 410 -13.54 67.32 58.66
C PHE D 410 -12.63 66.16 59.06
N SER D 411 -12.38 65.98 60.35
CA SER D 411 -11.57 64.84 60.78
C SER D 411 -12.31 63.51 60.58
N GLU D 412 -13.63 63.50 60.82
CA GLU D 412 -14.41 62.28 60.61
C GLU D 412 -14.63 61.96 59.13
N LEU D 413 -14.58 62.97 58.25
CA LEU D 413 -14.75 62.76 56.82
C LEU D 413 -13.44 62.81 56.04
N LYS D 414 -12.30 62.99 56.70
CA LYS D 414 -11.02 62.74 56.05
C LYS D 414 -10.93 61.32 55.49
N PRO D 415 -11.39 60.27 56.18
CA PRO D 415 -11.48 58.96 55.52
C PRO D 415 -12.31 58.98 54.24
N ALA D 416 -13.42 59.73 54.23
CA ALA D 416 -14.26 59.78 53.04
C ALA D 416 -13.50 60.35 51.85
N VAL D 417 -12.86 61.51 52.06
CA VAL D 417 -12.15 62.16 50.95
C VAL D 417 -10.95 61.32 50.53
N ASP D 418 -10.25 60.72 51.49
CA ASP D 418 -9.11 59.87 51.14
C ASP D 418 -9.55 58.68 50.31
N GLY D 419 -10.64 58.02 50.72
CA GLY D 419 -11.14 56.89 49.96
C GLY D 419 -11.62 57.28 48.58
N ALA D 420 -12.31 58.43 48.48
CA ALA D 420 -12.77 58.89 47.17
C ALA D 420 -11.58 59.17 46.25
N ASN D 421 -10.55 59.83 46.77
CA ASN D 421 -9.37 60.12 45.94
C ASN D 421 -8.69 58.83 45.51
N PHE D 422 -8.55 57.87 46.42
CA PHE D 422 -7.90 56.60 46.07
C PHE D 422 -8.70 55.85 45.01
N ILE D 423 -10.03 55.85 45.15
CA ILE D 423 -10.89 55.18 44.18
C ILE D 423 -10.76 55.85 42.82
N VAL D 424 -10.76 57.18 42.80
CA VAL D 424 -10.67 57.90 41.54
C VAL D 424 -9.34 57.64 40.86
N ASN D 425 -8.25 57.60 41.64
CA ASN D 425 -6.95 57.31 41.06
C ASN D 425 -6.88 55.88 40.52
N HIS D 426 -7.48 54.92 41.24
CA HIS D 426 -7.54 53.55 40.74
C HIS D 426 -8.26 53.49 39.40
N MET D 427 -9.44 54.10 39.32
CA MET D 427 -10.21 54.08 38.08
C MET D 427 -9.48 54.81 36.95
N LYS D 428 -8.78 55.90 37.25
CA LYS D 428 -8.00 56.59 36.21
C LYS D 428 -6.89 55.69 35.69
N ASP D 429 -6.17 55.02 36.60
CA ASP D 429 -5.11 54.12 36.18
C ASP D 429 -5.65 52.97 35.33
N GLN D 430 -6.80 52.42 35.73
CA GLN D 430 -7.41 51.35 34.95
C GLN D 430 -7.82 51.83 33.57
N ASN D 431 -8.36 53.06 33.49
CA ASN D 431 -8.72 53.61 32.17
C ASN D 431 -7.49 53.76 31.29
N ASN D 432 -6.38 54.25 31.84
CA ASN D 432 -5.16 54.37 31.05
C ASN D 432 -4.67 52.99 30.60
N TYR D 433 -4.74 52.00 31.49
CA TYR D 433 -4.36 50.64 31.14
C TYR D 433 -5.19 50.12 29.97
N ASN D 434 -6.51 50.32 30.04
CA ASN D 434 -7.40 49.85 28.99
C ASN D 434 -7.13 50.56 27.67
N GLU D 435 -6.85 51.87 27.73
CA GLU D 435 -6.56 52.60 26.50
C GLU D 435 -5.27 52.10 25.86
N GLU D 436 -4.25 51.81 26.66
CA GLU D 436 -3.02 51.28 26.08
C GLU D 436 -3.26 49.89 25.48
N LYS D 437 -4.09 49.07 26.14
CA LYS D 437 -4.44 47.77 25.58
C LYS D 437 -5.13 47.92 24.23
N ASP D 438 -6.08 48.86 24.14
CA ASP D 438 -6.78 49.08 22.88
C ASP D 438 -5.83 49.58 21.80
N CYS D 439 -4.87 50.44 22.16
CA CYS D 439 -3.90 50.90 21.19
C CYS D 439 -3.04 49.75 20.67
N TRP D 440 -2.62 48.84 21.56
CA TRP D 440 -1.85 47.68 21.12
C TRP D 440 -2.69 46.80 20.20
N ASN D 441 -3.97 46.62 20.52
CA ASN D 441 -4.85 45.85 19.64
C ASN D 441 -4.95 46.48 18.27
N ARG D 442 -5.07 47.81 18.22
CA ARG D 442 -5.17 48.51 16.94
C ARG D 442 -3.87 48.36 16.14
N VAL D 443 -2.73 48.42 16.81
CA VAL D 443 -1.46 48.23 16.12
C VAL D 443 -1.39 46.82 15.53
N ALA D 444 -1.83 45.82 16.30
CA ALA D 444 -1.85 44.45 15.80
C ALA D 444 -2.75 44.32 14.58
N ARG D 445 -3.92 44.96 14.61
CA ARG D 445 -4.83 44.90 13.47
C ARG D 445 -4.21 45.56 12.23
N THR D 446 -3.52 46.68 12.43
CA THR D 446 -2.82 47.33 11.32
C THR D 446 -1.78 46.42 10.72
N VAL D 447 -0.99 45.75 11.57
CA VAL D 447 0.03 44.84 11.06
C VAL D 447 -0.63 43.69 10.30
N ASP D 448 -1.78 43.22 10.80
CA ASP D 448 -2.50 42.14 10.12
C ASP D 448 -2.95 42.57 8.73
N ARG D 449 -3.50 43.79 8.62
CA ARG D 449 -3.95 44.27 7.31
C ARG D 449 -2.78 44.45 6.35
N LEU D 450 -1.67 45.01 6.84
CA LEU D 450 -0.49 45.19 6.00
C LEU D 450 0.04 43.84 5.51
N CYS D 451 0.09 42.86 6.40
CA CYS D 451 0.59 41.54 6.00
C CYS D 451 -0.37 40.86 5.04
N LEU D 452 -1.68 41.09 5.18
CA LEU D 452 -2.62 40.58 4.18
C LEU D 452 -2.31 41.16 2.81
N PHE D 453 -2.21 42.49 2.72
CA PHE D 453 -1.97 43.13 1.43
C PHE D 453 -0.59 42.79 0.87
N VAL D 454 0.35 42.37 1.71
CA VAL D 454 1.66 41.94 1.21
C VAL D 454 1.64 40.48 0.77
N VAL D 455 0.91 39.62 1.47
CA VAL D 455 1.03 38.19 1.27
C VAL D 455 0.08 37.68 0.19
N THR D 456 -1.16 38.17 0.15
CA THR D 456 -2.10 37.66 -0.84
C THR D 456 -1.66 37.89 -2.29
N PRO D 457 -1.15 39.08 -2.68
CA PRO D 457 -0.64 39.20 -4.05
C PRO D 457 0.48 38.23 -4.38
N ILE D 458 1.39 38.00 -3.41
CA ILE D 458 2.55 37.07 -3.60
C ILE D 458 2.01 35.65 -3.76
N MET D 459 0.94 35.30 -3.04
CA MET D 459 0.35 33.95 -3.10
C MET D 459 -0.40 33.77 -4.41
N VAL D 460 -1.04 34.83 -4.93
CA VAL D 460 -1.88 34.75 -6.16
C VAL D 460 -0.97 34.79 -7.40
N VAL D 461 0.14 35.54 -7.36
CA VAL D 461 1.07 35.62 -8.48
C VAL D 461 1.86 34.33 -8.64
N GLY D 462 2.34 33.77 -7.53
CA GLY D 462 3.08 32.52 -7.61
C GLY D 462 2.24 31.38 -8.13
N THR D 463 0.99 31.27 -7.64
CA THR D 463 0.10 30.22 -8.12
C THR D 463 -0.18 30.38 -9.60
N ALA D 464 -0.46 31.60 -10.03
CA ALA D 464 -0.74 31.84 -11.45
C ALA D 464 0.46 31.52 -12.31
N TRP D 465 1.65 31.92 -11.88
CA TRP D 465 2.86 31.64 -12.65
C TRP D 465 3.09 30.13 -12.79
N ILE D 466 2.98 29.41 -11.68
CA ILE D 466 3.26 27.97 -11.71
C ILE D 466 2.25 27.25 -12.60
N PHE D 467 0.95 27.56 -12.42
CA PHE D 467 -0.05 26.85 -13.21
C PHE D 467 -0.13 27.33 -14.66
N LEU D 468 0.36 28.54 -14.96
CA LEU D 468 0.49 28.92 -16.37
C LEU D 468 1.64 28.18 -17.02
N GLN D 469 2.75 28.00 -16.30
CA GLN D 469 3.82 27.13 -16.79
C GLN D 469 3.28 25.73 -17.06
N GLY D 470 2.43 25.23 -16.16
CA GLY D 470 1.84 23.91 -16.37
C GLY D 470 0.92 23.88 -17.58
N ALA D 471 0.05 24.88 -17.72
CA ALA D 471 -0.97 24.84 -18.77
C ALA D 471 -0.38 25.04 -20.15
N TYR D 472 0.60 25.93 -20.29
CA TYR D 472 1.14 26.25 -21.59
C TYR D 472 2.12 25.20 -22.11
N ASN D 473 2.45 24.18 -21.32
CA ASN D 473 3.29 23.10 -21.82
C ASN D 473 2.51 22.26 -22.82
N GLN D 474 3.13 22.00 -23.98
CA GLN D 474 2.53 21.20 -25.02
C GLN D 474 3.63 20.49 -25.78
N PRO D 475 3.32 19.39 -26.48
CA PRO D 475 4.37 18.64 -27.17
C PRO D 475 4.89 19.41 -28.37
N PRO D 476 6.05 19.05 -28.90
CA PRO D 476 6.59 19.79 -30.04
C PRO D 476 5.72 19.59 -31.27
N PRO D 477 5.72 20.54 -32.22
CA PRO D 477 4.91 20.34 -33.43
C PRO D 477 5.34 19.13 -34.24
N GLN D 478 6.64 18.78 -34.23
CA GLN D 478 7.21 17.68 -34.98
C GLN D 478 7.66 16.57 -34.03
N PRO D 479 7.62 15.30 -34.44
CA PRO D 479 8.06 14.23 -33.52
C PRO D 479 9.53 14.33 -33.14
N PHE D 480 10.38 14.75 -34.06
CA PHE D 480 11.83 14.85 -33.85
C PHE D 480 12.24 16.29 -34.07
N PRO D 481 12.74 17.03 -33.07
CA PRO D 481 13.27 18.37 -33.34
C PRO D 481 14.42 18.32 -34.34
N GLY D 482 14.42 19.28 -35.27
CA GLY D 482 15.40 19.33 -36.32
C GLY D 482 15.04 18.57 -37.57
N ASP D 483 13.97 17.76 -37.54
CA ASP D 483 13.50 17.00 -38.69
C ASP D 483 12.16 17.57 -39.16
N PRO D 484 12.07 18.18 -40.34
CA PRO D 484 10.78 18.79 -40.73
C PRO D 484 9.69 17.80 -41.04
N PHE D 485 10.01 16.52 -41.28
CA PHE D 485 8.99 15.56 -41.68
C PHE D 485 8.01 15.30 -40.55
N SER D 486 6.72 15.25 -40.89
CA SER D 486 5.66 15.13 -39.90
C SER D 486 5.36 13.70 -39.49
N TYR D 487 5.79 12.71 -40.27
CA TYR D 487 5.53 11.30 -39.99
C TYR D 487 4.03 11.02 -39.87
N LEU D 488 3.25 11.65 -40.76
CA LEU D 488 1.81 11.45 -40.83
C LEU D 488 1.46 10.70 -42.12
N GLU D 489 0.35 9.95 -42.06
CA GLU D 489 -0.05 9.17 -43.22
C GLU D 489 -0.39 10.06 -44.41
N LYS D 490 -0.98 11.23 -44.16
CA LYS D 490 -1.29 12.16 -45.24
C LYS D 490 -0.02 12.63 -45.96
N ASP D 491 1.10 12.71 -45.24
CA ASP D 491 2.37 13.14 -45.79
C ASP D 491 3.26 11.97 -46.20
N LYS D 492 2.66 10.87 -46.66
CA LYS D 492 3.43 9.71 -47.09
C LYS D 492 4.39 10.09 -48.20
N ARG D 493 5.64 9.64 -48.06
CA ARG D 493 6.73 10.00 -48.98
C ARG D 493 6.94 8.85 -49.95
N PHE D 494 6.41 9.00 -51.16
CA PHE D 494 6.51 7.95 -52.16
C PHE D 494 7.95 7.78 -52.60
N ILE D 495 8.33 6.53 -52.87
CA ILE D 495 9.71 6.20 -53.20
C ILE D 495 9.96 6.50 -54.67
N LYS E 1 18.84 -53.90 -7.88
CA LYS E 1 17.87 -53.42 -8.91
C LYS E 1 17.72 -54.40 -10.07
N ASN E 2 18.45 -55.52 -10.04
CA ASN E 2 18.31 -56.53 -11.08
C ASN E 2 16.87 -57.01 -11.16
N GLU E 3 16.28 -57.37 -10.02
CA GLU E 3 14.88 -57.78 -10.00
C GLU E 3 13.95 -56.61 -10.30
N GLU E 4 14.26 -55.42 -9.77
CA GLU E 4 13.43 -54.26 -10.03
C GLU E 4 13.47 -53.87 -11.51
N LEU E 5 14.66 -53.95 -12.13
CA LEU E 5 14.76 -53.64 -13.55
C LEU E 5 14.06 -54.72 -14.39
N ARG E 6 14.18 -55.98 -13.98
CA ARG E 6 13.44 -57.05 -14.64
C ARG E 6 11.94 -56.78 -14.60
N LEU E 7 11.44 -56.41 -13.42
CA LEU E 7 10.01 -56.12 -13.28
C LEU E 7 9.60 -54.90 -14.10
N TYR E 8 10.44 -53.86 -14.12
CA TYR E 8 10.13 -52.68 -14.90
C TYR E 8 10.02 -53.02 -16.38
N HIS E 9 10.94 -53.84 -16.88
CA HIS E 9 10.85 -54.29 -18.27
C HIS E 9 9.60 -55.13 -18.49
N TYR E 10 9.30 -56.04 -17.55
CA TYR E 10 8.17 -56.95 -17.74
C TYR E 10 6.85 -56.20 -17.77
N LEU E 11 6.75 -55.12 -16.97
CA LEU E 11 5.52 -54.34 -16.93
C LEU E 11 5.41 -53.37 -18.09
N PHE E 12 6.44 -52.54 -18.30
CA PHE E 12 6.33 -51.38 -19.17
C PHE E 12 6.95 -51.60 -20.56
N ASP E 13 7.29 -52.85 -20.92
CA ASP E 13 7.74 -53.09 -22.29
C ASP E 13 6.58 -52.93 -23.26
N THR E 14 5.39 -53.32 -22.85
CA THR E 14 4.15 -53.06 -23.59
C THR E 14 3.14 -52.49 -22.60
N TYR E 15 2.87 -51.18 -22.74
CA TYR E 15 1.96 -50.46 -21.86
C TYR E 15 1.67 -49.09 -22.45
N ASP E 16 0.41 -48.68 -22.45
CA ASP E 16 0.00 -47.38 -23.00
C ASP E 16 -0.64 -46.54 -21.89
N PRO E 17 0.06 -45.55 -21.32
CA PRO E 17 -0.56 -44.74 -20.26
C PRO E 17 -1.77 -43.93 -20.72
N GLY E 18 -1.94 -43.68 -22.02
CA GLY E 18 -3.09 -42.95 -22.50
C GLY E 18 -4.43 -43.62 -22.24
N ARG E 19 -4.46 -44.94 -22.05
CA ARG E 19 -5.68 -45.72 -22.03
C ARG E 19 -6.06 -46.07 -20.59
N ARG E 20 -7.36 -46.10 -20.34
CA ARG E 20 -7.85 -46.54 -19.04
C ARG E 20 -7.54 -48.03 -18.83
N PRO E 21 -7.25 -48.45 -17.58
CA PRO E 21 -7.03 -49.90 -17.37
C PRO E 21 -8.34 -50.69 -17.24
N VAL E 22 -8.92 -51.00 -18.40
CA VAL E 22 -10.19 -51.73 -18.47
C VAL E 22 -10.10 -52.76 -19.59
N GLN E 23 -10.69 -53.93 -19.35
CA GLN E 23 -10.70 -54.98 -20.37
C GLN E 23 -11.63 -54.61 -21.52
N GLU E 24 -12.84 -54.16 -21.20
CA GLU E 24 -13.83 -53.70 -22.16
C GLU E 24 -14.06 -52.19 -21.97
N PRO E 25 -14.60 -51.51 -22.99
CA PRO E 25 -14.87 -50.06 -22.80
C PRO E 25 -15.86 -49.74 -21.70
N GLU E 26 -16.93 -50.52 -21.55
CA GLU E 26 -18.00 -50.16 -20.62
C GLU E 26 -17.74 -50.58 -19.18
N ASP E 27 -16.53 -51.04 -18.87
CA ASP E 27 -16.11 -51.13 -17.48
C ASP E 27 -15.91 -49.73 -16.92
N THR E 28 -15.78 -49.65 -15.59
CA THR E 28 -15.51 -48.40 -14.90
C THR E 28 -14.35 -48.62 -13.94
N VAL E 29 -13.46 -47.63 -13.84
CA VAL E 29 -12.27 -47.72 -13.00
C VAL E 29 -12.61 -47.07 -11.67
N THR E 30 -12.82 -47.89 -10.64
CA THR E 30 -13.12 -47.38 -9.31
C THR E 30 -11.83 -46.86 -8.69
N ILE E 31 -11.89 -45.65 -8.13
CA ILE E 31 -10.73 -44.95 -7.58
C ILE E 31 -11.09 -44.49 -6.18
N SER E 32 -10.32 -44.94 -5.20
CA SER E 32 -10.50 -44.57 -3.80
C SER E 32 -9.74 -43.29 -3.52
N LEU E 33 -10.45 -42.26 -3.06
CA LEU E 33 -9.89 -40.95 -2.81
C LEU E 33 -9.86 -40.68 -1.30
N LYS E 34 -8.73 -40.19 -0.82
CA LYS E 34 -8.59 -39.68 0.54
C LYS E 34 -7.76 -38.41 0.47
N VAL E 35 -7.99 -37.50 1.40
CA VAL E 35 -7.30 -36.22 1.46
C VAL E 35 -6.83 -36.01 2.88
N THR E 36 -5.52 -35.84 3.06
CA THR E 36 -4.92 -35.57 4.35
C THR E 36 -4.51 -34.11 4.39
N LEU E 37 -4.80 -33.42 5.49
CA LEU E 37 -4.59 -31.99 5.61
C LEU E 37 -3.36 -31.75 6.49
N THR E 38 -2.24 -31.41 5.86
CA THR E 38 -1.01 -31.14 6.61
C THR E 38 -1.07 -29.78 7.29
N ASN E 39 -1.68 -28.79 6.64
CA ASN E 39 -1.68 -27.43 7.13
C ASN E 39 -2.82 -26.66 6.46
N LEU E 40 -3.43 -25.77 7.22
CA LEU E 40 -4.40 -24.79 6.70
C LEU E 40 -3.63 -23.48 6.64
N ILE E 41 -3.03 -23.21 5.48
CA ILE E 41 -2.03 -22.14 5.39
C ILE E 41 -2.65 -20.79 5.71
N SER E 42 -3.77 -20.46 5.07
CA SER E 42 -4.39 -19.17 5.33
C SER E 42 -5.78 -19.14 4.72
N LEU E 43 -6.54 -18.10 5.08
CA LEU E 43 -7.81 -17.77 4.44
C LEU E 43 -7.76 -16.26 4.16
N ASN E 44 -7.24 -15.91 2.99
CA ASN E 44 -7.25 -14.53 2.54
C ASN E 44 -8.69 -14.05 2.39
N GLU E 45 -9.12 -13.15 3.27
CA GLU E 45 -10.48 -12.62 3.19
C GLU E 45 -10.63 -11.67 2.02
N LYS E 46 -9.64 -10.81 1.78
CA LYS E 46 -9.71 -9.86 0.67
C LYS E 46 -9.83 -10.58 -0.66
N GLU E 47 -9.02 -11.62 -0.87
CA GLU E 47 -9.03 -12.39 -2.10
C GLU E 47 -10.02 -13.55 -2.06
N GLU E 48 -10.60 -13.86 -0.90
CA GLU E 48 -11.54 -14.98 -0.75
C GLU E 48 -10.90 -16.30 -1.16
N THR E 49 -9.69 -16.53 -0.65
CA THR E 49 -8.86 -17.67 -1.07
C THR E 49 -8.45 -18.46 0.17
N LEU E 50 -8.85 -19.73 0.22
CA LEU E 50 -8.34 -20.65 1.22
C LEU E 50 -7.11 -21.34 0.67
N THR E 51 -5.96 -21.11 1.29
CA THR E 51 -4.71 -21.76 0.93
C THR E 51 -4.47 -22.89 1.93
N THR E 52 -4.30 -24.11 1.42
CA THR E 52 -4.14 -25.30 2.24
C THR E 52 -3.04 -26.18 1.66
N SER E 53 -2.42 -26.94 2.55
CA SER E 53 -1.41 -27.94 2.20
C SER E 53 -2.00 -29.31 2.45
N VAL E 54 -2.04 -30.15 1.41
CA VAL E 54 -2.75 -31.42 1.44
C VAL E 54 -1.90 -32.50 0.81
N TRP E 55 -2.20 -33.75 1.17
CA TRP E 55 -1.73 -34.93 0.47
C TRP E 55 -2.96 -35.59 -0.13
N ILE E 56 -2.87 -36.01 -1.39
CA ILE E 56 -4.04 -36.53 -2.09
C ILE E 56 -3.86 -38.01 -2.37
N GLY E 57 -4.30 -38.86 -1.44
CA GLY E 57 -4.19 -40.29 -1.63
C GLY E 57 -5.19 -40.82 -2.62
N ILE E 58 -4.70 -41.31 -3.77
CA ILE E 58 -5.53 -41.88 -4.82
C ILE E 58 -5.08 -43.31 -5.01
N ASP E 59 -6.00 -44.26 -4.82
CA ASP E 59 -5.72 -45.68 -5.00
C ASP E 59 -6.62 -46.24 -6.09
N TRP E 60 -6.10 -47.17 -6.88
CA TRP E 60 -6.91 -47.83 -7.89
C TRP E 60 -6.21 -49.11 -8.32
N GLN E 61 -6.81 -49.81 -9.28
CA GLN E 61 -6.28 -51.12 -9.76
C GLN E 61 -6.03 -51.05 -11.27
N ASP E 62 -4.90 -51.57 -11.73
CA ASP E 62 -4.53 -51.61 -13.14
C ASP E 62 -4.12 -53.05 -13.43
N TYR E 63 -4.99 -53.78 -14.16
CA TYR E 63 -4.71 -55.17 -14.48
C TYR E 63 -3.46 -55.32 -15.33
N ARG E 64 -3.12 -54.30 -16.13
CA ARG E 64 -1.94 -54.41 -16.98
C ARG E 64 -0.65 -54.45 -16.18
N LEU E 65 -0.65 -53.93 -14.95
CA LEU E 65 0.53 -53.89 -14.10
C LEU E 65 0.47 -54.94 -12.99
N ASN E 66 -0.21 -56.06 -13.24
CA ASN E 66 -0.31 -57.17 -12.27
C ASN E 66 0.94 -58.05 -12.40
N TYR E 67 1.46 -58.57 -11.29
CA TYR E 67 2.64 -59.44 -11.27
C TYR E 67 2.67 -60.15 -9.92
N SER E 68 3.54 -61.16 -9.84
CA SER E 68 3.67 -62.00 -8.66
C SER E 68 5.02 -61.78 -8.00
N LYS E 69 5.02 -61.79 -6.68
CA LYS E 69 6.25 -61.62 -5.91
C LYS E 69 7.25 -62.75 -6.18
N GLY E 70 6.76 -63.97 -6.38
CA GLY E 70 7.66 -65.11 -6.52
C GLY E 70 8.51 -65.05 -7.78
N ASP E 71 7.93 -64.60 -8.88
CA ASP E 71 8.65 -64.60 -10.16
C ASP E 71 9.74 -63.54 -10.25
N PHE E 72 9.84 -62.64 -9.27
CA PHE E 72 10.77 -61.52 -9.33
C PHE E 72 11.59 -61.40 -8.04
N GLY E 73 11.80 -62.51 -7.35
CA GLY E 73 12.76 -62.53 -6.26
C GLY E 73 12.41 -61.66 -5.07
N GLY E 74 11.14 -61.37 -4.84
CA GLY E 74 10.70 -60.70 -3.64
C GLY E 74 10.37 -59.24 -3.75
N VAL E 75 10.30 -58.68 -4.96
CA VAL E 75 9.95 -57.27 -5.11
C VAL E 75 8.48 -57.09 -4.78
N GLU E 76 8.20 -56.55 -3.60
CA GLU E 76 6.83 -56.36 -3.16
C GLU E 76 6.18 -55.13 -3.81
N THR E 77 6.97 -54.09 -4.05
CA THR E 77 6.45 -52.83 -4.57
C THR E 77 7.52 -52.18 -5.44
N LEU E 78 7.08 -51.30 -6.33
CA LEU E 78 7.95 -50.64 -7.29
C LEU E 78 7.53 -49.19 -7.45
N ARG E 79 8.48 -48.27 -7.30
CA ARG E 79 8.24 -46.85 -7.45
C ARG E 79 8.60 -46.44 -8.86
N VAL E 80 7.61 -45.94 -9.61
CA VAL E 80 7.82 -45.49 -10.99
C VAL E 80 7.43 -44.02 -11.07
N PRO E 81 7.91 -43.29 -12.07
CA PRO E 81 7.41 -41.93 -12.25
C PRO E 81 5.94 -41.95 -12.65
N SER E 82 5.22 -40.91 -12.24
CA SER E 82 3.78 -40.89 -12.46
C SER E 82 3.40 -40.68 -13.92
N GLU E 83 4.36 -40.28 -14.77
CA GLU E 83 4.07 -40.10 -16.18
C GLU E 83 4.10 -41.42 -16.95
N LEU E 84 4.66 -42.48 -16.37
CA LEU E 84 4.72 -43.78 -17.04
C LEU E 84 3.44 -44.59 -16.91
N VAL E 85 2.58 -44.26 -15.95
CA VAL E 85 1.35 -45.00 -15.71
C VAL E 85 0.16 -44.11 -16.03
N TRP E 86 -0.92 -44.73 -16.48
CA TRP E 86 -2.20 -44.03 -16.57
C TRP E 86 -2.61 -43.52 -15.20
N LEU E 87 -3.12 -42.29 -15.17
CA LEU E 87 -3.64 -41.66 -13.97
C LEU E 87 -5.07 -41.21 -14.21
N PRO E 88 -5.90 -41.15 -13.17
CA PRO E 88 -7.13 -40.34 -13.28
C PRO E 88 -6.78 -38.89 -12.99
N GLU E 89 -7.09 -38.01 -13.94
CA GLU E 89 -6.63 -36.63 -13.86
C GLU E 89 -7.51 -35.87 -12.86
N ILE E 90 -7.27 -36.15 -11.59
CA ILE E 90 -8.01 -35.52 -10.51
C ILE E 90 -7.54 -34.08 -10.37
N VAL E 91 -8.45 -33.13 -10.52
CA VAL E 91 -8.19 -31.71 -10.39
C VAL E 91 -9.11 -31.14 -9.32
N LEU E 92 -8.64 -30.09 -8.67
CA LEU E 92 -9.47 -29.27 -7.80
C LEU E 92 -10.28 -28.32 -8.68
N GLU E 93 -11.59 -28.55 -8.78
CA GLU E 93 -12.41 -27.73 -9.67
C GLU E 93 -12.49 -26.30 -9.17
N ASN E 94 -12.74 -26.10 -7.89
CA ASN E 94 -12.92 -24.74 -7.35
C ASN E 94 -11.59 -24.10 -6.95
N ASN E 95 -10.63 -24.11 -7.87
CA ASN E 95 -9.38 -23.39 -7.69
C ASN E 95 -9.52 -21.98 -8.22
N ILE E 96 -8.79 -21.05 -7.61
CA ILE E 96 -8.88 -19.64 -7.95
C ILE E 96 -7.64 -19.14 -8.70
N ASP E 97 -6.47 -19.74 -8.47
CA ASP E 97 -5.22 -19.30 -9.07
C ASP E 97 -4.94 -19.94 -10.43
N GLY E 98 -5.81 -20.81 -10.92
CA GLY E 98 -5.62 -21.48 -12.19
C GLY E 98 -4.90 -22.81 -12.12
N GLN E 99 -4.33 -23.17 -10.98
CA GLN E 99 -3.67 -24.46 -10.81
C GLN E 99 -4.73 -25.53 -10.56
N PHE E 100 -4.78 -26.52 -11.45
CA PHE E 100 -5.74 -27.62 -11.36
C PHE E 100 -5.12 -28.90 -10.80
N GLY E 101 -4.02 -29.37 -11.38
CA GLY E 101 -3.36 -30.57 -10.91
C GLY E 101 -2.45 -30.31 -9.73
N VAL E 102 -1.85 -31.40 -9.25
CA VAL E 102 -0.91 -31.31 -8.14
C VAL E 102 0.36 -30.58 -8.58
N ALA E 103 0.99 -29.89 -7.64
CA ALA E 103 2.21 -29.15 -7.96
C ALA E 103 3.37 -30.09 -8.24
N TYR E 104 3.57 -31.08 -7.37
CA TYR E 104 4.67 -32.03 -7.48
C TYR E 104 4.15 -33.38 -7.96
N GLU E 105 4.79 -33.94 -8.98
CA GLU E 105 4.36 -35.19 -9.59
C GLU E 105 5.16 -36.33 -8.97
N ALA E 106 4.72 -36.75 -7.79
CA ALA E 106 5.41 -37.80 -7.05
C ALA E 106 5.39 -39.12 -7.80
N ASN E 107 6.22 -40.05 -7.35
CA ASN E 107 6.22 -41.38 -7.92
C ASN E 107 4.95 -42.15 -7.52
N VAL E 108 4.56 -43.08 -8.38
CA VAL E 108 3.46 -43.99 -8.13
C VAL E 108 4.03 -45.31 -7.64
N LEU E 109 3.40 -45.89 -6.61
CA LEU E 109 3.77 -47.19 -6.07
C LEU E 109 2.88 -48.26 -6.72
N VAL E 110 3.51 -49.22 -7.38
CA VAL E 110 2.81 -50.36 -7.98
C VAL E 110 3.11 -51.57 -7.11
N SER E 111 2.06 -52.20 -6.60
CA SER E 111 2.17 -53.35 -5.71
C SER E 111 1.89 -54.64 -6.49
N GLU E 112 2.03 -55.77 -5.78
CA GLU E 112 1.92 -57.09 -6.39
C GLU E 112 0.65 -57.24 -7.24
N GLY E 113 -0.50 -57.06 -6.61
CA GLY E 113 -1.76 -57.37 -7.26
C GLY E 113 -2.30 -56.32 -8.20
N GLY E 114 -1.43 -55.53 -8.82
CA GLY E 114 -1.89 -54.45 -9.68
C GLY E 114 -2.44 -53.25 -8.96
N TYR E 115 -2.26 -53.16 -7.65
CA TYR E 115 -2.73 -52.02 -6.89
C TYR E 115 -1.78 -50.84 -7.07
N LEU E 116 -2.31 -49.71 -7.53
CA LEU E 116 -1.55 -48.49 -7.72
C LEU E 116 -2.00 -47.47 -6.68
N SER E 117 -1.02 -46.81 -6.07
CA SER E 117 -1.25 -45.86 -4.98
C SER E 117 -0.39 -44.63 -5.23
N TRP E 118 -1.01 -43.46 -5.16
CA TRP E 118 -0.38 -42.18 -5.47
C TRP E 118 -0.73 -41.18 -4.38
N LEU E 119 0.29 -40.65 -3.71
CA LEU E 119 0.11 -39.76 -2.57
C LEU E 119 0.94 -38.49 -2.74
N PRO E 120 0.69 -37.72 -3.79
CA PRO E 120 1.44 -36.48 -3.99
C PRO E 120 0.95 -35.39 -3.05
N PRO E 121 1.81 -34.40 -2.74
CA PRO E 121 1.36 -33.25 -1.97
C PRO E 121 0.85 -32.16 -2.88
N ALA E 122 0.33 -31.10 -2.27
CA ALA E 122 -0.21 -29.99 -3.05
C ALA E 122 -0.48 -28.80 -2.14
N ILE E 123 -0.14 -27.62 -2.64
CA ILE E 123 -0.61 -26.35 -2.09
C ILE E 123 -1.77 -25.90 -2.98
N TYR E 124 -2.98 -25.95 -2.44
CA TYR E 124 -4.19 -25.62 -3.16
C TYR E 124 -4.75 -24.30 -2.68
N ARG E 125 -5.08 -23.42 -3.62
CA ARG E 125 -5.70 -22.13 -3.36
C ARG E 125 -7.13 -22.20 -3.91
N SER E 126 -8.06 -22.60 -3.05
CA SER E 126 -9.44 -22.78 -3.44
C SER E 126 -10.25 -21.53 -3.15
N THR E 127 -11.40 -21.43 -3.80
CA THR E 127 -12.32 -20.32 -3.59
C THR E 127 -13.21 -20.60 -2.38
N CYS E 128 -13.32 -19.62 -1.49
CA CYS E 128 -14.17 -19.72 -0.31
C CYS E 128 -14.90 -18.40 -0.15
N ALA E 129 -16.20 -18.39 -0.45
CA ALA E 129 -17.01 -17.21 -0.18
C ALA E 129 -17.09 -16.98 1.32
N VAL E 130 -16.66 -15.80 1.75
CA VAL E 130 -16.55 -15.47 3.17
C VAL E 130 -17.86 -14.81 3.61
N GLU E 131 -18.52 -15.42 4.59
CA GLU E 131 -19.71 -14.84 5.20
C GLU E 131 -19.24 -13.94 6.34
N VAL E 132 -19.57 -12.64 6.25
CA VAL E 132 -18.91 -11.62 7.06
C VAL E 132 -19.80 -11.09 8.17
N THR E 133 -21.05 -11.56 8.30
CA THR E 133 -22.03 -10.91 9.17
C THR E 133 -21.57 -10.82 10.62
N TYR E 134 -20.76 -11.78 11.08
CA TYR E 134 -20.33 -11.87 12.47
C TYR E 134 -18.83 -11.74 12.63
N PHE E 135 -18.15 -11.09 11.69
CA PHE E 135 -16.72 -10.87 11.84
C PHE E 135 -16.47 -9.99 13.07
N PRO E 136 -15.45 -10.29 13.90
CA PRO E 136 -14.45 -11.38 13.86
C PRO E 136 -14.92 -12.68 14.51
N PHE E 137 -16.09 -12.72 15.13
CA PHE E 137 -16.59 -13.93 15.80
C PHE E 137 -17.42 -14.78 14.85
N ASP E 138 -16.82 -15.11 13.72
CA ASP E 138 -17.50 -15.79 12.63
C ASP E 138 -16.90 -17.18 12.41
N TRP E 139 -17.60 -17.97 11.61
CA TRP E 139 -17.12 -19.27 11.14
C TRP E 139 -17.43 -19.37 9.65
N GLN E 140 -16.68 -20.20 8.96
CA GLN E 140 -16.72 -20.31 7.51
C GLN E 140 -16.84 -21.75 7.07
N ASN E 141 -17.42 -21.92 5.88
CA ASN E 141 -17.64 -23.20 5.21
C ASN E 141 -16.88 -23.13 3.88
N CYS E 142 -15.68 -23.70 3.86
CA CYS E 142 -14.82 -23.68 2.68
C CYS E 142 -14.79 -25.07 2.06
N SER E 143 -15.18 -25.17 0.79
CA SER E 143 -15.29 -26.45 0.11
C SER E 143 -14.08 -26.70 -0.78
N LEU E 144 -13.67 -27.95 -0.87
CA LEU E 144 -12.68 -28.42 -1.83
C LEU E 144 -13.33 -29.49 -2.69
N VAL E 145 -13.47 -29.19 -3.99
CA VAL E 145 -14.18 -30.04 -4.93
C VAL E 145 -13.15 -30.68 -5.85
N PHE E 146 -13.10 -32.01 -5.82
CA PHE E 146 -12.18 -32.80 -6.64
C PHE E 146 -12.98 -33.57 -7.70
N ARG E 147 -12.47 -33.58 -8.92
CA ARG E 147 -13.14 -34.31 -10.00
C ARG E 147 -12.11 -34.69 -11.06
N SER E 148 -12.44 -35.70 -11.85
CA SER E 148 -11.60 -36.04 -12.99
C SER E 148 -11.76 -34.97 -14.07
N GLN E 149 -10.63 -34.58 -14.65
CA GLN E 149 -10.65 -33.47 -15.61
C GLN E 149 -11.23 -33.87 -16.96
N THR E 150 -11.22 -35.16 -17.30
CA THR E 150 -11.57 -35.63 -18.64
C THR E 150 -12.59 -36.75 -18.63
N TYR E 151 -12.54 -37.65 -17.66
CA TYR E 151 -13.40 -38.82 -17.64
C TYR E 151 -14.70 -38.52 -16.89
N ASN E 152 -15.76 -39.25 -17.25
CA ASN E 152 -17.08 -39.06 -16.68
C ASN E 152 -17.41 -40.25 -15.77
N ALA E 153 -18.61 -40.24 -15.21
CA ALA E 153 -18.97 -41.22 -14.18
C ALA E 153 -18.99 -42.65 -14.73
N GLU E 154 -19.20 -42.81 -16.04
CA GLU E 154 -19.24 -44.14 -16.64
C GLU E 154 -17.87 -44.67 -17.01
N GLU E 155 -16.80 -43.89 -16.81
CA GLU E 155 -15.43 -44.31 -17.05
C GLU E 155 -14.58 -44.30 -15.80
N VAL E 156 -14.76 -43.31 -14.92
CA VAL E 156 -14.00 -43.14 -13.69
C VAL E 156 -14.99 -42.93 -12.56
N GLU E 157 -14.91 -43.79 -11.54
CA GLU E 157 -15.81 -43.77 -10.39
C GLU E 157 -15.02 -43.43 -9.14
N PHE E 158 -15.63 -42.65 -8.26
CA PHE E 158 -15.02 -42.21 -7.01
C PHE E 158 -15.66 -42.93 -5.84
N VAL E 159 -14.84 -43.43 -4.93
CA VAL E 159 -15.28 -43.90 -3.62
C VAL E 159 -14.32 -43.36 -2.59
N PHE E 160 -14.74 -43.39 -1.33
CA PHE E 160 -13.89 -43.01 -0.22
C PHE E 160 -13.05 -44.20 0.23
N ALA E 161 -11.92 -43.90 0.84
CA ALA E 161 -11.04 -44.95 1.34
C ALA E 161 -11.55 -45.47 2.68
N VAL E 162 -11.20 -46.72 2.98
CA VAL E 162 -11.67 -47.44 4.15
C VAL E 162 -10.50 -47.67 5.09
N ASP E 163 -10.76 -47.62 6.39
CA ASP E 163 -9.73 -47.88 7.39
C ASP E 163 -9.55 -49.39 7.58
N ASP E 164 -8.84 -49.78 8.63
CA ASP E 164 -8.56 -51.19 8.85
C ASP E 164 -9.80 -51.96 9.28
N GLU E 165 -10.75 -51.29 9.94
CA GLU E 165 -11.99 -51.93 10.36
C GLU E 165 -13.01 -52.05 9.25
N GLY E 166 -12.77 -51.45 8.08
CA GLY E 166 -13.71 -51.47 6.98
C GLY E 166 -14.65 -50.28 6.93
N LYS E 167 -14.64 -49.41 7.95
CA LYS E 167 -15.50 -48.23 7.93
C LYS E 167 -15.03 -47.26 6.86
N THR E 168 -15.98 -46.67 6.14
CA THR E 168 -15.64 -45.69 5.12
C THR E 168 -15.21 -44.39 5.80
N ILE E 169 -14.18 -43.76 5.24
CA ILE E 169 -13.63 -42.51 5.76
C ILE E 169 -14.25 -41.38 4.96
N SER E 170 -15.40 -40.89 5.42
CA SER E 170 -16.11 -39.77 4.80
C SER E 170 -15.70 -38.44 5.41
N LYS E 171 -14.41 -38.13 5.43
CA LYS E 171 -13.95 -36.87 6.01
C LYS E 171 -12.50 -36.62 5.57
N ILE E 172 -12.07 -35.38 5.74
CA ILE E 172 -10.66 -35.07 5.56
C ILE E 172 -9.88 -35.77 6.66
N ASP E 173 -8.98 -36.66 6.28
CA ASP E 173 -8.12 -37.31 7.26
C ASP E 173 -7.13 -36.31 7.81
N ILE E 174 -6.74 -36.49 9.06
CA ILE E 174 -5.72 -35.66 9.69
C ILE E 174 -4.77 -36.60 10.42
N ASP E 175 -3.50 -36.57 10.03
CA ASP E 175 -2.45 -37.33 10.71
C ASP E 175 -1.83 -36.42 11.75
N THR E 176 -2.00 -36.79 13.03
CA THR E 176 -1.38 -36.01 14.11
C THR E 176 0.12 -35.93 13.95
N GLU E 177 0.73 -36.96 13.38
CA GLU E 177 2.16 -36.97 13.13
C GLU E 177 2.58 -36.02 12.02
N ALA E 178 1.62 -35.46 11.26
CA ALA E 178 1.94 -34.54 10.18
C ALA E 178 0.98 -33.36 10.11
N TYR E 179 0.37 -32.98 11.23
CA TYR E 179 -0.55 -31.85 11.30
C TYR E 179 0.04 -30.74 12.15
N THR E 180 -0.18 -29.49 11.72
CA THR E 180 0.23 -28.31 12.47
C THR E 180 -0.99 -27.42 12.65
N GLU E 181 -1.30 -27.08 13.89
CA GLU E 181 -2.48 -26.27 14.18
C GLU E 181 -2.30 -24.87 13.63
N ASN E 182 -3.36 -24.33 13.03
CA ASN E 182 -3.36 -22.97 12.55
C ASN E 182 -3.64 -22.02 13.70
N GLY E 183 -2.84 -20.96 13.79
CA GLY E 183 -2.94 -20.05 14.92
C GLY E 183 -4.22 -19.24 14.96
N GLU E 184 -4.89 -19.07 13.82
CA GLU E 184 -6.08 -18.24 13.73
C GLU E 184 -7.38 -19.03 13.59
N TRP E 185 -7.35 -20.18 12.91
CA TRP E 185 -8.56 -20.94 12.58
C TRP E 185 -8.50 -22.33 13.20
N ALA E 186 -9.56 -22.70 13.90
CA ALA E 186 -9.75 -24.06 14.41
C ALA E 186 -10.73 -24.79 13.52
N ILE E 187 -10.36 -25.99 13.07
CA ILE E 187 -11.25 -26.82 12.26
C ILE E 187 -12.15 -27.61 13.19
N ASP E 188 -13.46 -27.54 12.96
CA ASP E 188 -14.45 -28.21 13.81
C ASP E 188 -15.06 -29.44 13.14
N PHE E 189 -15.40 -29.32 11.86
CA PHE E 189 -15.90 -30.45 11.09
C PHE E 189 -15.23 -30.45 9.71
N CYS E 190 -15.13 -31.63 9.12
CA CYS E 190 -14.60 -31.76 7.77
C CYS E 190 -15.20 -32.97 7.08
N PRO E 191 -16.52 -33.03 6.90
CA PRO E 191 -17.12 -34.17 6.20
C PRO E 191 -16.75 -34.20 4.73
N GLY E 192 -16.94 -35.37 4.14
CA GLY E 192 -16.77 -35.54 2.71
C GLY E 192 -17.97 -36.25 2.13
N VAL E 193 -18.31 -35.86 0.89
CA VAL E 193 -19.50 -36.37 0.22
C VAL E 193 -19.17 -36.57 -1.24
N ILE E 194 -19.67 -37.66 -1.82
CA ILE E 194 -19.53 -37.96 -3.24
C ILE E 194 -20.85 -37.59 -3.91
N ARG E 195 -20.83 -36.58 -4.76
CA ARG E 195 -22.01 -36.15 -5.49
C ARG E 195 -21.98 -36.71 -6.90
N ARG E 196 -23.16 -37.06 -7.41
CA ARG E 196 -23.34 -37.57 -8.76
C ARG E 196 -24.53 -36.86 -9.39
N HIS E 197 -24.31 -36.31 -10.58
CA HIS E 197 -25.32 -35.57 -11.32
C HIS E 197 -25.51 -36.18 -12.70
N ASP E 198 -26.65 -35.88 -13.31
CA ASP E 198 -26.92 -36.34 -14.66
C ASP E 198 -26.17 -35.47 -15.68
N GLY E 199 -25.99 -36.03 -16.86
CA GLY E 199 -25.28 -35.31 -17.91
C GLY E 199 -26.08 -34.13 -18.45
N ASP E 200 -25.42 -33.32 -19.27
CA ASP E 200 -26.09 -32.19 -19.88
C ASP E 200 -27.21 -32.65 -20.81
N SER E 201 -26.97 -33.72 -21.56
CA SER E 201 -28.00 -34.35 -22.38
C SER E 201 -28.65 -35.48 -21.59
N ALA E 202 -29.97 -35.55 -21.69
CA ALA E 202 -30.71 -36.59 -20.95
C ALA E 202 -30.33 -37.96 -21.47
N GLY E 203 -30.16 -38.91 -20.54
CA GLY E 203 -29.69 -40.23 -20.88
C GLY E 203 -28.23 -40.31 -21.27
N GLY E 204 -27.46 -39.24 -21.08
CA GLY E 204 -26.06 -39.22 -21.42
C GLY E 204 -25.19 -39.65 -20.27
N PRO E 205 -23.85 -39.53 -20.41
CA PRO E 205 -22.92 -39.88 -19.33
C PRO E 205 -22.96 -38.81 -18.23
N GLY E 206 -23.29 -39.19 -16.99
CA GLY E 206 -23.35 -38.27 -15.88
C GLY E 206 -21.98 -37.88 -15.39
N GLU E 207 -21.97 -37.06 -14.34
CA GLU E 207 -20.75 -36.53 -13.76
C GLU E 207 -20.71 -36.85 -12.27
N THR E 208 -19.50 -36.87 -11.71
CA THR E 208 -19.31 -37.20 -10.31
C THR E 208 -18.15 -36.36 -9.76
N ASP E 209 -18.22 -36.06 -8.48
CA ASP E 209 -17.12 -35.37 -7.81
C ASP E 209 -17.16 -35.68 -6.32
N VAL E 210 -16.06 -35.35 -5.65
CA VAL E 210 -15.92 -35.51 -4.21
C VAL E 210 -15.71 -34.13 -3.61
N ILE E 211 -16.60 -33.75 -2.68
CA ILE E 211 -16.57 -32.44 -2.05
C ILE E 211 -16.25 -32.61 -0.58
N TYR E 212 -15.24 -31.89 -0.10
CA TYR E 212 -14.85 -31.87 1.30
C TYR E 212 -15.14 -30.48 1.86
N SER E 213 -16.02 -30.41 2.85
CA SER E 213 -16.49 -29.14 3.41
C SER E 213 -15.80 -28.90 4.75
N LEU E 214 -14.90 -27.92 4.79
CA LEU E 214 -14.20 -27.54 6.01
C LEU E 214 -15.02 -26.49 6.75
N ILE E 215 -15.49 -26.84 7.95
CA ILE E 215 -16.07 -25.89 8.89
C ILE E 215 -14.95 -25.39 9.79
N ILE E 216 -14.66 -24.09 9.69
CA ILE E 216 -13.53 -23.49 10.38
C ILE E 216 -14.02 -22.29 11.18
N ARG E 217 -13.43 -22.09 12.36
CA ARG E 217 -13.89 -21.11 13.33
C ARG E 217 -12.71 -20.19 13.67
N ARG E 218 -12.95 -18.88 13.63
CA ARG E 218 -11.90 -17.93 13.93
C ARG E 218 -11.70 -17.80 15.43
N LYS E 219 -10.43 -17.68 15.82
CA LYS E 219 -10.05 -17.37 17.20
C LYS E 219 -9.96 -15.86 17.34
N PRO E 220 -10.95 -15.18 17.92
CA PRO E 220 -11.01 -13.72 17.82
C PRO E 220 -10.23 -12.95 18.88
N LEU E 221 -9.32 -13.61 19.61
CA LEU E 221 -8.60 -12.93 20.69
C LEU E 221 -7.78 -11.76 20.17
N PHE E 222 -7.14 -11.93 19.00
CA PHE E 222 -6.35 -10.85 18.42
C PHE E 222 -7.20 -9.63 18.14
N TYR E 223 -8.36 -9.84 17.50
CA TYR E 223 -9.22 -8.71 17.14
C TYR E 223 -9.92 -8.14 18.37
N VAL E 224 -10.23 -8.98 19.36
CA VAL E 224 -10.81 -8.46 20.60
C VAL E 224 -9.81 -7.56 21.31
N ILE E 225 -8.56 -8.01 21.40
CA ILE E 225 -7.56 -7.25 22.15
C ILE E 225 -7.21 -5.96 21.42
N ASN E 226 -7.00 -6.03 20.10
CA ASN E 226 -6.37 -4.95 19.38
C ASN E 226 -7.34 -4.01 18.66
N ILE E 227 -8.55 -4.47 18.32
CA ILE E 227 -9.50 -3.69 17.54
C ILE E 227 -10.74 -3.33 18.38
N ILE E 228 -11.35 -4.32 19.03
CA ILE E 228 -12.65 -4.09 19.65
C ILE E 228 -12.52 -3.27 20.93
N VAL E 229 -11.64 -3.68 21.83
CA VAL E 229 -11.51 -3.03 23.14
C VAL E 229 -11.06 -1.58 23.00
N PRO E 230 -10.00 -1.28 22.22
CA PRO E 230 -9.66 0.13 22.02
C PRO E 230 -10.77 0.94 21.39
N CYS E 231 -11.53 0.36 20.46
CA CYS E 231 -12.63 1.07 19.85
C CYS E 231 -13.72 1.36 20.87
N VAL E 232 -14.01 0.40 21.74
CA VAL E 232 -15.04 0.60 22.76
C VAL E 232 -14.61 1.70 23.72
N LEU E 233 -13.35 1.70 24.14
CA LEU E 233 -12.91 2.71 25.10
C LEU E 233 -12.89 4.11 24.47
N ILE E 234 -12.33 4.23 23.26
CA ILE E 234 -12.27 5.52 22.61
C ILE E 234 -13.67 6.01 22.25
N SER E 235 -14.60 5.09 21.98
CA SER E 235 -15.99 5.49 21.77
C SER E 235 -16.61 5.99 23.06
N GLY E 236 -16.44 5.25 24.15
CA GLY E 236 -16.96 5.68 25.44
C GLY E 236 -16.42 7.01 25.91
N LEU E 237 -15.23 7.40 25.44
CA LEU E 237 -14.71 8.73 25.77
C LEU E 237 -15.62 9.85 25.27
N VAL E 238 -16.47 9.59 24.28
CA VAL E 238 -17.35 10.64 23.75
C VAL E 238 -18.32 11.11 24.84
N LEU E 239 -18.73 10.22 25.74
CA LEU E 239 -19.69 10.60 26.77
C LEU E 239 -19.11 11.59 27.78
N LEU E 240 -17.78 11.67 27.89
CA LEU E 240 -17.18 12.62 28.82
C LEU E 240 -17.39 14.07 28.40
N ALA E 241 -17.76 14.31 27.13
CA ALA E 241 -18.06 15.68 26.70
C ALA E 241 -19.17 16.31 27.53
N TYR E 242 -20.12 15.50 28.02
CA TYR E 242 -21.24 16.02 28.78
C TYR E 242 -20.81 16.67 30.10
N PHE E 243 -19.69 16.26 30.67
CA PHE E 243 -19.23 16.80 31.93
C PHE E 243 -18.34 18.04 31.80
N LEU E 244 -17.84 18.32 30.60
CA LEU E 244 -17.04 19.52 30.43
C LEU E 244 -17.94 20.75 30.50
N PRO E 245 -17.42 21.90 30.93
CA PRO E 245 -18.26 23.09 31.03
C PRO E 245 -18.63 23.64 29.67
N ALA E 246 -19.78 24.30 29.62
CA ALA E 246 -20.32 24.84 28.38
C ALA E 246 -19.98 26.33 28.26
N GLN E 247 -18.69 26.59 28.11
CA GLN E 247 -18.20 27.97 28.01
C GLN E 247 -16.84 27.94 27.30
N ALA E 248 -16.29 29.13 27.09
CA ALA E 248 -15.01 29.25 26.42
C ALA E 248 -13.92 28.56 27.22
N GLY E 249 -13.02 27.88 26.51
CA GLY E 249 -12.01 27.07 27.15
C GLY E 249 -12.48 25.73 27.65
N GLY E 250 -13.77 25.40 27.50
CA GLY E 250 -14.26 24.10 27.90
C GLY E 250 -13.84 22.98 26.98
N GLN E 251 -13.56 23.28 25.71
CA GLN E 251 -13.13 22.28 24.72
C GLN E 251 -14.17 21.17 24.59
N LYS E 252 -15.45 21.54 24.64
CA LYS E 252 -16.52 20.56 24.61
C LYS E 252 -16.61 19.89 23.25
N CYS E 253 -16.61 20.69 22.17
CA CYS E 253 -16.74 20.13 20.84
C CYS E 253 -15.44 19.48 20.37
N THR E 254 -14.30 19.90 20.90
CA THR E 254 -13.01 19.34 20.49
C THR E 254 -12.95 17.84 20.79
N VAL E 255 -13.35 17.45 22.00
CA VAL E 255 -13.32 16.04 22.39
C VAL E 255 -14.22 15.23 21.46
N SER E 256 -15.43 15.72 21.22
CA SER E 256 -16.39 14.96 20.42
C SER E 256 -15.91 14.82 18.98
N ILE E 257 -15.45 15.91 18.37
CA ILE E 257 -15.06 15.85 16.96
C ILE E 257 -13.81 15.00 16.78
N ASN E 258 -12.83 15.09 17.70
CA ASN E 258 -11.66 14.23 17.55
C ASN E 258 -11.97 12.77 17.87
N VAL E 259 -12.92 12.49 18.77
CA VAL E 259 -13.33 11.10 18.98
C VAL E 259 -13.96 10.56 17.71
N LEU E 260 -14.81 11.35 17.04
CA LEU E 260 -15.33 10.95 15.74
C LEU E 260 -14.21 10.67 14.75
N LEU E 261 -13.17 11.52 14.76
CA LEU E 261 -12.06 11.34 13.84
C LEU E 261 -11.35 10.00 14.09
N ALA E 262 -11.06 9.70 15.35
CA ALA E 262 -10.43 8.42 15.69
C ALA E 262 -11.35 7.26 15.34
N GLN E 263 -12.66 7.45 15.48
CA GLN E 263 -13.60 6.39 15.10
C GLN E 263 -13.53 6.11 13.61
N THR E 264 -13.33 7.15 12.80
CA THR E 264 -13.12 6.93 11.36
C THR E 264 -11.78 6.26 11.07
N VAL E 265 -10.74 6.59 11.84
CA VAL E 265 -9.48 5.87 11.73
C VAL E 265 -9.69 4.38 11.95
N PHE E 266 -10.51 4.03 12.94
CA PHE E 266 -10.76 2.63 13.23
C PHE E 266 -11.61 2.01 12.13
N LEU E 267 -12.55 2.76 11.58
CA LEU E 267 -13.28 2.32 10.39
C LEU E 267 -12.32 1.90 9.28
N PHE E 268 -11.32 2.75 9.00
CA PHE E 268 -10.34 2.40 7.98
C PHE E 268 -9.56 1.14 8.37
N LEU E 269 -9.26 0.99 9.66
CA LEU E 269 -8.53 -0.21 10.11
C LEU E 269 -9.34 -1.47 9.80
N ILE E 270 -10.62 -1.49 10.17
CA ILE E 270 -11.43 -2.68 9.88
C ILE E 270 -11.60 -2.83 8.37
N ALA E 271 -11.66 -1.72 7.64
CA ALA E 271 -11.77 -1.79 6.19
C ALA E 271 -10.57 -2.49 5.58
N GLN E 272 -9.39 -2.36 6.19
CA GLN E 272 -8.21 -3.05 5.68
C GLN E 272 -8.39 -4.57 5.76
N LYS E 273 -9.08 -5.07 6.78
CA LYS E 273 -9.10 -6.50 7.09
C LYS E 273 -10.29 -7.24 6.47
N THR E 274 -11.49 -6.67 6.51
CA THR E 274 -12.67 -7.37 6.03
C THR E 274 -12.66 -7.42 4.50
N PRO E 275 -13.39 -8.36 3.89
CA PRO E 275 -13.44 -8.38 2.42
C PRO E 275 -14.22 -7.18 1.88
N GLU E 276 -14.18 -7.07 0.55
CA GLU E 276 -14.86 -6.00 -0.17
C GLU E 276 -16.25 -6.41 -0.66
N THR E 277 -16.73 -7.60 -0.31
CA THR E 277 -18.03 -8.04 -0.77
C THR E 277 -19.13 -7.18 -0.16
N SER E 278 -20.28 -7.17 -0.85
CA SER E 278 -21.43 -6.34 -0.48
C SER E 278 -22.66 -7.17 -0.18
N LEU E 279 -22.51 -8.46 0.09
CA LEU E 279 -23.66 -9.29 0.44
C LEU E 279 -24.18 -8.96 1.83
N SER E 280 -23.31 -8.54 2.75
CA SER E 280 -23.72 -8.17 4.09
C SER E 280 -22.70 -7.23 4.69
N VAL E 281 -23.12 -6.51 5.73
CA VAL E 281 -22.25 -5.61 6.47
C VAL E 281 -21.58 -6.39 7.61
N PRO E 282 -20.29 -6.22 7.88
CA PRO E 282 -19.71 -6.93 9.04
C PRO E 282 -20.22 -6.39 10.36
N LEU E 283 -20.18 -7.25 11.38
CA LEU E 283 -20.64 -6.86 12.70
C LEU E 283 -19.85 -5.68 13.24
N LEU E 284 -18.53 -5.73 13.10
CA LEU E 284 -17.71 -4.58 13.49
C LEU E 284 -18.06 -3.36 12.65
N GLY E 285 -18.46 -3.56 11.39
CA GLY E 285 -18.89 -2.44 10.57
C GLY E 285 -20.14 -1.78 11.11
N ARG E 286 -21.16 -2.58 11.45
CA ARG E 286 -22.36 -2.01 12.03
C ARG E 286 -22.07 -1.33 13.36
N TYR E 287 -21.24 -1.94 14.19
CA TYR E 287 -20.93 -1.36 15.49
C TYR E 287 -20.22 -0.02 15.30
N LEU E 288 -19.25 0.03 14.38
CA LEU E 288 -18.54 1.27 14.11
C LEU E 288 -19.50 2.34 13.61
N ILE E 289 -20.36 2.01 12.65
CA ILE E 289 -21.23 3.03 12.07
C ILE E 289 -22.24 3.53 13.10
N PHE E 290 -22.79 2.61 13.91
CA PHE E 290 -23.66 3.01 15.02
C PHE E 290 -22.94 3.98 15.95
N VAL E 291 -21.69 3.66 16.29
CA VAL E 291 -20.99 4.50 17.26
C VAL E 291 -20.58 5.84 16.65
N MET E 292 -20.25 5.87 15.35
CA MET E 292 -20.04 7.16 14.68
C MET E 292 -21.30 8.00 14.69
N VAL E 293 -22.45 7.39 14.43
CA VAL E 293 -23.70 8.16 14.45
C VAL E 293 -23.97 8.68 15.86
N VAL E 294 -23.70 7.86 16.87
CA VAL E 294 -23.86 8.30 18.26
C VAL E 294 -22.96 9.49 18.54
N ALA E 295 -21.69 9.44 18.09
CA ALA E 295 -20.78 10.54 18.34
C ALA E 295 -21.19 11.79 17.58
N THR E 296 -21.73 11.64 16.37
CA THR E 296 -22.21 12.79 15.63
C THR E 296 -23.40 13.44 16.33
N LEU E 297 -24.31 12.62 16.84
CA LEU E 297 -25.45 13.15 17.58
C LEU E 297 -24.99 13.86 18.86
N ILE E 298 -23.94 13.33 19.49
CA ILE E 298 -23.40 14.00 20.67
C ILE E 298 -22.72 15.32 20.29
N VAL E 299 -22.08 15.39 19.12
CA VAL E 299 -21.53 16.66 18.65
C VAL E 299 -22.65 17.68 18.47
N MET E 300 -23.75 17.25 17.84
CA MET E 300 -24.93 18.12 17.72
C MET E 300 -25.41 18.57 19.09
N ASN E 301 -25.47 17.65 20.04
CA ASN E 301 -26.01 17.98 21.35
C ASN E 301 -25.10 18.95 22.09
N CYS E 302 -23.78 18.78 21.93
CA CYS E 302 -22.85 19.71 22.54
C CYS E 302 -22.99 21.10 21.92
N VAL E 303 -23.23 21.16 20.60
CA VAL E 303 -23.49 22.45 19.97
C VAL E 303 -24.75 23.09 20.53
N ILE E 304 -25.80 22.30 20.73
CA ILE E 304 -27.05 22.83 21.28
C ILE E 304 -26.84 23.33 22.71
N VAL E 305 -26.12 22.54 23.52
CA VAL E 305 -25.87 22.93 24.91
C VAL E 305 -25.05 24.22 24.96
N LEU E 306 -24.03 24.32 24.12
CA LEU E 306 -23.22 25.54 24.09
C LEU E 306 -24.04 26.72 23.62
N ASN E 307 -24.96 26.51 22.68
CA ASN E 307 -25.85 27.57 22.24
C ASN E 307 -26.75 28.03 23.38
N VAL E 308 -27.35 27.09 24.09
CA VAL E 308 -28.30 27.44 25.15
C VAL E 308 -27.57 28.14 26.30
N SER E 309 -26.35 27.69 26.61
CA SER E 309 -25.64 28.24 27.76
C SER E 309 -25.15 29.67 27.51
N LEU E 310 -24.81 30.00 26.26
CA LEU E 310 -24.20 31.28 25.91
C LEU E 310 -25.22 32.27 25.34
N ARG E 311 -26.47 32.21 25.81
CA ARG E 311 -27.50 33.17 25.41
C ARG E 311 -27.42 34.36 26.37
N THR E 312 -26.93 35.49 25.88
CA THR E 312 -26.86 36.68 26.73
C THR E 312 -28.22 37.36 26.82
N PRO E 313 -28.51 38.05 27.93
CA PRO E 313 -29.85 38.63 28.08
C PRO E 313 -30.16 39.75 27.12
N THR E 314 -29.15 40.52 26.70
CA THR E 314 -29.39 41.70 25.87
C THR E 314 -29.99 41.33 24.52
N THR E 315 -29.65 40.15 23.99
CA THR E 315 -30.14 39.70 22.68
C THR E 315 -31.24 38.66 22.77
N HIS E 316 -31.16 37.73 23.73
CA HIS E 316 -32.07 36.60 23.83
C HIS E 316 -32.99 36.79 25.03
N ALA E 317 -34.27 37.03 24.77
CA ALA E 317 -35.26 37.14 25.84
C ALA E 317 -35.47 35.78 26.50
N MET E 318 -35.99 35.82 27.73
CA MET E 318 -36.05 34.61 28.56
C MET E 318 -37.28 33.79 28.21
N SER E 319 -37.08 32.52 27.86
CA SER E 319 -38.17 31.64 27.47
C SER E 319 -38.84 31.07 28.72
N PRO E 320 -40.12 31.37 28.99
CA PRO E 320 -40.71 30.87 30.25
C PRO E 320 -40.94 29.37 30.25
N ARG E 321 -41.31 28.78 29.11
CA ARG E 321 -41.54 27.34 29.06
C ARG E 321 -40.27 26.56 29.37
N LEU E 322 -39.11 27.07 28.92
CA LEU E 322 -37.85 26.40 29.24
C LEU E 322 -37.58 26.43 30.75
N ARG E 323 -37.82 27.57 31.39
CA ARG E 323 -37.65 27.66 32.84
C ARG E 323 -38.64 26.77 33.56
N TYR E 324 -39.86 26.66 33.04
CA TYR E 324 -40.85 25.74 33.62
C TYR E 324 -40.39 24.30 33.53
N VAL E 325 -39.80 23.91 32.40
CA VAL E 325 -39.26 22.57 32.24
C VAL E 325 -38.09 22.36 33.20
N LEU E 326 -37.26 23.39 33.39
CA LEU E 326 -36.16 23.29 34.35
C LEU E 326 -36.68 23.04 35.75
N LEU E 327 -37.70 23.80 36.17
CA LEU E 327 -38.27 23.60 37.50
C LEU E 327 -38.93 22.23 37.61
N GLU E 328 -39.49 21.71 36.51
CA GLU E 328 -40.01 20.35 36.53
C GLU E 328 -38.90 19.33 36.78
N LEU E 329 -37.77 19.48 36.08
CA LEU E 329 -36.71 18.50 36.14
C LEU E 329 -35.80 18.64 37.37
N LEU E 330 -35.87 19.75 38.09
CA LEU E 330 -34.99 19.93 39.25
C LEU E 330 -35.19 18.89 40.34
N PRO E 331 -36.41 18.69 40.89
CA PRO E 331 -36.54 17.75 42.02
C PRO E 331 -36.26 16.30 41.67
N GLN E 332 -36.34 15.92 40.39
CA GLN E 332 -36.05 14.53 40.03
C GLN E 332 -34.58 14.19 40.26
N LEU E 333 -33.68 15.12 39.97
CA LEU E 333 -32.25 14.92 40.13
C LEU E 333 -31.66 15.99 41.06
N ALA E 397 -28.72 73.64 46.66
CA ALA E 397 -27.70 72.60 46.70
C ALA E 397 -27.47 71.99 45.32
N PRO E 398 -27.03 72.82 44.35
CA PRO E 398 -26.88 72.33 42.98
C PRO E 398 -25.72 71.35 42.82
N GLU E 399 -24.57 71.68 43.41
CA GLU E 399 -23.42 70.79 43.33
C GLU E 399 -23.69 69.45 43.99
N ILE E 400 -24.30 69.47 45.17
CA ILE E 400 -24.68 68.24 45.84
C ILE E 400 -25.71 67.50 45.01
N ARG E 401 -26.59 68.22 44.31
CA ARG E 401 -27.54 67.56 43.42
C ARG E 401 -26.82 66.82 42.29
N CYS E 402 -25.79 67.44 41.71
CA CYS E 402 -25.01 66.77 40.68
C CYS E 402 -24.36 65.51 41.24
N CYS E 403 -23.76 65.61 42.42
CA CYS E 403 -23.13 64.45 43.04
C CYS E 403 -24.14 63.35 43.30
N VAL E 404 -25.35 63.72 43.75
CA VAL E 404 -26.38 62.73 44.04
C VAL E 404 -26.84 62.05 42.76
N ASP E 405 -27.01 62.83 41.68
CA ASP E 405 -27.39 62.23 40.40
C ASP E 405 -26.31 61.27 39.91
N ALA E 406 -25.05 61.63 40.09
CA ALA E 406 -23.96 60.73 39.71
C ALA E 406 -24.02 59.43 40.50
N VAL E 407 -24.22 59.53 41.81
CA VAL E 407 -24.26 58.32 42.64
C VAL E 407 -25.46 57.46 42.28
N ASN E 408 -26.59 58.10 41.97
CA ASN E 408 -27.77 57.35 41.54
C ASN E 408 -27.49 56.62 40.23
N PHE E 409 -26.76 57.26 39.30
CA PHE E 409 -26.38 56.59 38.07
C PHE E 409 -25.49 55.39 38.36
N VAL E 410 -24.55 55.53 39.28
CA VAL E 410 -23.70 54.40 39.69
C VAL E 410 -24.57 53.25 40.18
N ALA E 411 -25.50 53.55 41.08
CA ALA E 411 -26.35 52.52 41.65
C ALA E 411 -27.18 51.82 40.57
N SER E 412 -27.80 52.59 39.68
CA SER E 412 -28.62 52.00 38.63
C SER E 412 -27.78 51.12 37.72
N SER E 413 -26.57 51.58 37.35
CA SER E 413 -25.70 50.78 36.50
C SER E 413 -25.35 49.45 37.17
N THR E 414 -25.01 49.49 38.46
CA THR E 414 -24.64 48.24 39.13
C THR E 414 -25.84 47.31 39.28
N ARG E 415 -27.04 47.86 39.51
CA ARG E 415 -28.21 47.00 39.60
C ARG E 415 -28.50 46.33 38.26
N ASP E 416 -28.37 47.07 37.16
CA ASP E 416 -28.57 46.48 35.84
C ASP E 416 -27.53 45.40 35.57
N GLN E 417 -26.27 45.65 35.93
CA GLN E 417 -25.23 44.64 35.74
C GLN E 417 -25.52 43.37 36.55
N GLU E 418 -25.99 43.54 37.79
CA GLU E 418 -26.30 42.38 38.61
C GLU E 418 -27.46 41.58 38.02
N ALA E 419 -28.49 42.26 37.51
CA ALA E 419 -29.59 41.55 36.87
C ALA E 419 -29.11 40.79 35.62
N THR E 420 -28.23 41.42 34.84
CA THR E 420 -27.64 40.76 33.69
C THR E 420 -26.90 39.49 34.09
N GLY E 421 -26.09 39.58 35.14
CA GLY E 421 -25.38 38.40 35.62
C GLY E 421 -26.33 37.32 36.11
N GLU E 422 -27.43 37.71 36.76
CA GLU E 422 -28.42 36.75 37.22
C GLU E 422 -29.03 35.98 36.05
N GLU E 423 -29.39 36.70 34.98
CA GLU E 423 -30.02 36.07 33.79
C GLU E 423 -29.00 35.19 33.08
N VAL E 424 -27.71 35.54 33.09
CA VAL E 424 -26.65 34.71 32.53
C VAL E 424 -26.52 33.42 33.32
N SER E 425 -26.55 33.52 34.66
CA SER E 425 -26.46 32.33 35.50
C SER E 425 -27.66 31.42 35.28
N ASP E 426 -28.85 32.00 35.09
CA ASP E 426 -30.03 31.18 34.81
C ASP E 426 -29.85 30.38 33.52
N TRP E 427 -29.38 31.03 32.46
CA TRP E 427 -29.12 30.32 31.20
C TRP E 427 -28.08 29.22 31.39
N VAL E 428 -27.04 29.50 32.18
CA VAL E 428 -26.00 28.50 32.43
C VAL E 428 -26.60 27.29 33.14
N ARG E 429 -27.46 27.52 34.13
CA ARG E 429 -28.12 26.42 34.81
C ARG E 429 -29.02 25.62 33.88
N MET E 430 -29.71 26.29 32.95
CA MET E 430 -30.48 25.57 31.94
C MET E 430 -29.59 24.63 31.13
N GLY E 431 -28.46 25.15 30.66
CA GLY E 431 -27.52 24.31 29.94
C GLY E 431 -27.05 23.12 30.76
N LYS E 432 -26.77 23.35 32.04
CA LYS E 432 -26.34 22.28 32.92
C LYS E 432 -27.40 21.20 33.06
N ALA E 433 -28.67 21.59 33.24
CA ALA E 433 -29.74 20.61 33.38
C ALA E 433 -29.92 19.81 32.09
N LEU E 434 -29.89 20.51 30.94
CA LEU E 434 -30.02 19.82 29.66
C LEU E 434 -28.90 18.82 29.44
N ASP E 435 -27.67 19.22 29.80
CA ASP E 435 -26.53 18.31 29.68
C ASP E 435 -26.70 17.11 30.60
N SER E 436 -27.21 17.35 31.82
CA SER E 436 -27.46 16.25 32.75
C SER E 436 -28.42 15.22 32.16
N ILE E 437 -29.55 15.68 31.63
CA ILE E 437 -30.54 14.75 31.06
C ILE E 437 -29.91 14.00 29.88
N CYS E 438 -29.29 14.74 28.97
CA CYS E 438 -28.80 14.11 27.74
C CYS E 438 -27.62 13.19 28.00
N PHE E 439 -26.87 13.38 29.09
CA PHE E 439 -25.82 12.41 29.41
C PHE E 439 -26.41 11.03 29.67
N TRP E 440 -27.46 10.96 30.49
CA TRP E 440 -28.10 9.67 30.74
C TRP E 440 -28.71 9.11 29.46
N ALA E 441 -29.32 9.98 28.65
CA ALA E 441 -29.88 9.50 27.39
C ALA E 441 -28.82 8.86 26.51
N ALA E 442 -27.69 9.55 26.32
CA ALA E 442 -26.63 9.04 25.45
C ALA E 442 -25.97 7.80 26.05
N LEU E 443 -25.80 7.75 27.37
CA LEU E 443 -25.21 6.59 28.00
C LEU E 443 -26.07 5.36 27.79
N VAL E 444 -27.39 5.50 28.00
CA VAL E 444 -28.29 4.37 27.79
C VAL E 444 -28.25 3.94 26.33
N LEU E 445 -28.26 4.90 25.40
CA LEU E 445 -28.23 4.55 23.98
C LEU E 445 -26.95 3.79 23.63
N PHE E 446 -25.81 4.30 24.07
CA PHE E 446 -24.52 3.69 23.75
C PHE E 446 -24.42 2.28 24.33
N LEU E 447 -24.76 2.11 25.60
CA LEU E 447 -24.65 0.80 26.22
C LEU E 447 -25.62 -0.20 25.59
N VAL E 448 -26.87 0.22 25.35
CA VAL E 448 -27.85 -0.69 24.76
C VAL E 448 -27.40 -1.11 23.37
N GLY E 449 -26.94 -0.17 22.56
CA GLY E 449 -26.51 -0.52 21.21
C GLY E 449 -25.30 -1.42 21.20
N SER E 450 -24.32 -1.15 22.08
CA SER E 450 -23.15 -2.02 22.15
C SER E 450 -23.56 -3.44 22.55
N SER E 451 -24.38 -3.57 23.59
CA SER E 451 -24.84 -4.88 24.02
C SER E 451 -25.59 -5.60 22.91
N LEU E 452 -26.50 -4.89 22.23
CA LEU E 452 -27.32 -5.53 21.21
C LEU E 452 -26.48 -5.97 20.02
N ILE E 453 -25.50 -5.17 19.62
CA ILE E 453 -24.66 -5.56 18.49
C ILE E 453 -23.79 -6.76 18.86
N PHE E 454 -23.16 -6.73 20.05
CA PHE E 454 -22.24 -7.80 20.40
C PHE E 454 -22.94 -9.09 20.84
N LEU E 455 -24.22 -9.03 21.22
CA LEU E 455 -24.92 -10.26 21.56
C LEU E 455 -25.11 -11.16 20.34
N GLY E 456 -25.27 -10.56 19.15
CA GLY E 456 -25.32 -11.37 17.94
C GLY E 456 -24.02 -12.12 17.70
N ALA E 457 -22.89 -11.48 17.99
CA ALA E 457 -21.61 -12.17 17.92
C ALA E 457 -21.52 -13.26 18.98
N TYR E 458 -22.06 -13.01 20.17
CA TYR E 458 -21.99 -14.00 21.24
C TYR E 458 -22.72 -15.29 20.87
N PHE E 459 -23.91 -15.17 20.26
CA PHE E 459 -24.74 -16.32 19.95
C PHE E 459 -24.38 -16.99 18.62
N ASN E 460 -23.42 -16.46 17.87
CA ASN E 460 -22.98 -17.09 16.63
C ASN E 460 -21.96 -18.17 16.98
N ARG E 461 -22.49 -19.36 17.29
CA ARG E 461 -21.69 -20.55 17.53
C ARG E 461 -21.77 -21.45 16.30
N VAL E 462 -20.78 -22.33 16.17
CA VAL E 462 -20.81 -23.26 15.04
C VAL E 462 -21.94 -24.26 15.25
N PRO E 463 -22.74 -24.59 14.23
CA PRO E 463 -23.84 -25.54 14.47
C PRO E 463 -23.35 -26.92 14.86
N GLN E 464 -24.17 -27.61 15.65
CA GLN E 464 -23.86 -28.96 16.10
C GLN E 464 -24.30 -29.92 14.99
N LEU E 465 -23.46 -30.03 13.97
CA LEU E 465 -23.80 -30.82 12.80
C LEU E 465 -23.74 -32.31 13.15
N PRO E 466 -24.47 -33.17 12.41
CA PRO E 466 -24.41 -34.63 12.68
C PRO E 466 -23.19 -35.28 12.03
N TYR E 467 -22.00 -34.85 12.43
CA TYR E 467 -20.74 -35.39 11.92
C TYR E 467 -19.79 -35.60 13.10
N PRO E 468 -18.75 -36.42 12.91
CA PRO E 468 -17.73 -36.52 13.96
C PRO E 468 -16.88 -35.26 14.00
N PRO E 469 -16.11 -35.03 15.06
CA PRO E 469 -15.15 -33.93 15.05
C PRO E 469 -14.08 -34.15 13.98
N CYS E 470 -13.43 -33.05 13.61
CA CYS E 470 -12.37 -33.10 12.60
C CYS E 470 -10.98 -33.27 13.19
N MET E 471 -10.81 -32.87 14.46
CA MET E 471 -9.54 -32.95 15.20
C MET E 471 -8.31 -32.53 14.36
C1 NAG F . 13.75 -25.69 17.91
C2 NAG F . 14.65 -26.21 19.03
C3 NAG F . 15.31 -27.52 18.59
C4 NAG F . 14.24 -28.51 18.15
C5 NAG F . 13.36 -27.90 17.06
C6 NAG F . 12.20 -28.77 16.68
C7 NAG F . 15.63 -24.51 20.48
C8 NAG F . 16.96 -24.00 20.97
N2 NAG F . 15.67 -25.23 19.36
O3 NAG F . 16.09 -28.03 19.65
O4 NAG F . 14.85 -29.68 17.60
O5 NAG F . 12.79 -26.65 17.53
O6 NAG F . 11.37 -29.04 17.81
O7 NAG F . 14.59 -24.28 21.06
H2 NAG F . 14.12 -26.36 19.83
H3 NAG F . 15.88 -27.35 17.82
H4 NAG F . 13.71 -28.74 18.92
H5 NAG F . 13.94 -27.77 16.30
H61 NAG F . 11.68 -28.34 15.99
H62 NAG F . 12.53 -29.62 16.31
H81 NAG F . 16.81 -23.50 21.78
H82 NAG F . 17.54 -24.75 21.15
H83 NAG F . 17.35 -23.43 20.29
HN2 NAG F . 16.32 -25.11 18.81
HO3 NAG F . 16.45 -28.75 19.41
HO4 NAG F . 14.26 -30.22 17.36
HO6 NAG F . 10.73 -29.53 17.57
C1 NAG F . 14.75 -30.78 18.51
C2 NAG F . 14.41 -32.05 17.75
C3 NAG F . 14.36 -33.22 18.74
C4 NAG F . 15.69 -33.33 19.45
C5 NAG F . 15.99 -32.00 20.15
C6 NAG F . 17.34 -32.00 20.83
C7 NAG F . 13.05 -31.77 15.72
C8 NAG F . 14.28 -31.24 15.02
N2 NAG F . 13.16 -31.93 17.04
O3 NAG F . 14.02 -34.44 18.11
O4 NAG F . 15.63 -34.37 20.41
O5 NAG F . 15.99 -30.93 19.19
O6 NAG F . 17.59 -30.74 21.45
O7 NAG F . 12.02 -32.02 15.11
H2 NAG F . 15.09 -32.22 17.08
H3 NAG F . 13.66 -33.04 19.38
H4 NAG F . 16.40 -33.52 18.82
H5 NAG F . 15.29 -31.89 20.82
H61 NAG F . 17.38 -32.70 21.49
H62 NAG F . 18.03 -32.17 20.17
H81 NAG F . 14.09 -31.15 14.07
H82 NAG F . 14.49 -30.36 15.39
H83 NAG F . 15.01 -31.84 15.17
HN2 NAG F . 12.43 -31.96 17.49
HO3 NAG F . 14.01 -35.06 18.68
HO4 NAG F . 16.37 -34.43 20.81
HO6 NAG F . 18.35 -30.75 21.81
C1 BMA F . 16.53 -35.44 20.09
C2 BMA F . 16.58 -36.34 21.30
C3 BMA F . 17.42 -37.56 21.04
C4 BMA F . 16.92 -38.29 19.81
C5 BMA F . 16.87 -37.33 18.61
C6 BMA F . 16.24 -37.97 17.40
O2 BMA F . 15.25 -36.72 21.67
O3 BMA F . 17.34 -38.43 22.16
O4 BMA F . 17.80 -39.36 19.50
O5 BMA F . 16.08 -36.18 18.94
O6 BMA F . 14.89 -38.36 17.68
H2 BMA F . 16.99 -35.85 22.03
H3 BMA F . 18.34 -37.28 20.90
H4 BMA F . 16.04 -38.62 19.99
H5 BMA F . 17.79 -37.11 18.41
H61 BMA F . 16.25 -37.33 16.67
H62 BMA F . 16.76 -38.73 17.12
HO2 BMA F . 14.79 -36.03 21.81
HO4 BMA F . 17.84 -39.90 20.15
HO6 BMA F . 14.56 -38.71 16.99
C1 MAN F . 14.45 -39.19 16.59
C2 MAN F . 12.95 -39.38 16.64
C3 MAN F . 12.54 -40.30 17.76
C4 MAN F . 13.32 -41.59 17.69
C5 MAN F . 14.83 -41.34 17.62
C6 MAN F . 15.60 -42.61 17.37
O2 MAN F . 12.47 -39.89 15.40
O3 MAN F . 11.16 -40.61 17.61
O4 MAN F . 13.03 -42.39 18.83
O5 MAN F . 15.14 -40.43 16.55
O6 MAN F . 14.94 -43.37 16.36
H2 MAN F . 12.54 -38.51 16.80
H3 MAN F . 12.72 -39.86 18.61
H4 MAN F . 13.05 -42.05 16.88
H5 MAN F . 15.06 -40.96 18.48
H61 MAN F . 16.50 -42.39 17.09
H62 MAN F . 15.67 -43.12 18.19
HO2 MAN F . 11.65 -40.00 15.43
HO4 MAN F . 13.46 -43.11 18.79
HO6 MAN F . 15.37 -44.07 16.22
C1 MAN F . 10.28 -39.60 18.12
C2 MAN F . 9.01 -40.32 18.52
C3 MAN F . 8.30 -40.89 17.32
C4 MAN F . 8.04 -39.79 16.31
C5 MAN F . 9.35 -39.08 15.95
C6 MAN F . 9.12 -37.88 15.08
O2 MAN F . 8.15 -39.40 19.18
O3 MAN F . 7.08 -41.48 17.73
O4 MAN F . 7.48 -40.34 15.12
O5 MAN F . 9.99 -38.59 17.15
O6 MAN F . 10.25 -37.02 15.06
H2 MAN F . 9.25 -41.04 19.12
H3 MAN F . 8.87 -41.56 16.90
H4 MAN F . 7.42 -39.15 16.70
H5 MAN F . 9.89 -39.73 15.49
H61 MAN F . 8.92 -38.17 14.17
H62 MAN F . 8.34 -37.39 15.38
HO2 MAN F . 7.44 -39.79 19.41
HO3 MAN F . 6.69 -41.81 17.06
HO4 MAN F . 7.34 -39.73 14.57
HO6 MAN F . 10.10 -36.37 14.56
C1 MAN F . 8.23 -39.57 20.61
C2 MAN F . 7.08 -38.82 21.22
C3 MAN F . 7.22 -37.34 20.95
C4 MAN F . 8.56 -36.85 21.48
C5 MAN F . 9.69 -37.66 20.85
C6 MAN F . 11.04 -37.31 21.42
O2 MAN F . 7.02 -39.08 22.62
O3 MAN F . 6.16 -36.63 21.57
O4 MAN F . 8.75 -35.48 21.16
O5 MAN F . 9.48 -39.07 21.13
O6 MAN F . 11.11 -37.60 22.82
H2 MAN F . 6.26 -39.12 20.82
H3 MAN F . 7.19 -37.18 20.00
H4 MAN F . 8.57 -36.96 22.44
H5 MAN F . 9.68 -37.47 19.91
H61 MAN F . 11.74 -37.81 20.96
H62 MAN F . 11.23 -36.37 21.28
HO2 MAN F . 6.37 -38.66 22.96
HO3 MAN F . 6.23 -35.81 21.41
HO4 MAN F . 9.49 -35.22 21.47
HO6 MAN F . 11.87 -37.40 23.11
C1 MAN F . 15.53 -44.66 16.26
C2 MAN F . 14.94 -45.33 15.04
C3 MAN F . 13.46 -45.53 15.21
C4 MAN F . 13.22 -46.35 16.45
C5 MAN F . 13.85 -45.67 17.66
C6 MAN F . 13.74 -46.49 18.92
O2 MAN F . 15.57 -46.58 14.83
O3 MAN F . 12.94 -46.19 14.06
O4 MAN F . 11.81 -46.49 16.68
O5 MAN F . 15.26 -45.46 17.42
O6 MAN F . 14.55 -45.94 19.96
H2 MAN F . 15.09 -44.74 14.28
H3 MAN F . 13.02 -44.67 15.30
H4 MAN F . 13.61 -47.23 16.32
H5 MAN F . 13.37 -44.83 17.78
H61 MAN F . 12.82 -46.52 19.21
H62 MAN F . 14.02 -47.40 18.73
HO2 MAN F . 15.24 -46.95 14.15
HO3 MAN F . 12.11 -46.31 14.15
HO4 MAN F . 11.69 -46.95 17.37
HO6 MAN F . 14.47 -46.42 20.65
C1 MAN F . 16.54 -46.48 13.77
C2 MAN F . 16.95 -47.87 13.40
C3 MAN F . 17.66 -48.54 14.55
C4 MAN F . 18.85 -47.69 14.98
C5 MAN F . 18.38 -46.28 15.32
C6 MAN F . 19.52 -45.34 15.63
O2 MAN F . 17.79 -47.83 12.24
O3 MAN F . 18.08 -49.84 14.19
O4 MAN F . 19.47 -48.26 16.12
O5 MAN F . 17.69 -45.72 14.19
O6 MAN F . 20.30 -45.09 14.47
H2 MAN F . 16.17 -48.39 13.17
H3 MAN F . 17.04 -48.61 15.30
H4 MAN F . 19.48 -47.65 14.25
H5 MAN F . 17.81 -46.36 16.10
H61 MAN F . 19.16 -44.51 15.99
H62 MAN F . 20.08 -45.72 16.32
HO2 MAN F . 18.02 -48.61 12.03
HO3 MAN F . 18.47 -50.21 14.83
HO4 MAN F . 20.13 -47.79 16.35
HO6 MAN F . 20.92 -44.56 14.66
C1 MAN F . 18.39 -38.10 23.08
C2 MAN F . 18.78 -39.35 23.82
C3 MAN F . 17.65 -39.85 24.66
C4 MAN F . 17.22 -38.75 25.62
C5 MAN F . 16.86 -37.48 24.83
C6 MAN F . 16.54 -36.31 25.71
O2 MAN F . 19.92 -39.11 24.63
O3 MAN F . 18.06 -40.99 25.39
O4 MAN F . 16.09 -39.17 26.38
O5 MAN F . 17.98 -37.10 24.01
O6 MAN F . 15.23 -36.41 26.27
H2 MAN F . 18.99 -40.04 23.16
H3 MAN F . 16.88 -40.09 24.11
H4 MAN F . 17.96 -38.55 26.23
H5 MAN F . 16.08 -37.72 24.31
H61 MAN F . 17.20 -36.25 26.43
H62 MAN F . 16.61 -35.49 25.20
HO2 MAN F . 20.13 -39.80 25.04
HO3 MAN F . 17.42 -41.27 25.87
HO4 MAN F . 15.86 -38.56 26.90
HO6 MAN F . 15.08 -35.75 26.76
C1 MAN F . 21.08 -39.64 23.99
C2 MAN F . 22.23 -39.58 24.96
C3 MAN F . 22.60 -38.13 25.25
C4 MAN F . 22.90 -37.41 23.95
C5 MAN F . 21.71 -37.53 23.00
C6 MAN F . 21.97 -36.92 21.64
O2 MAN F . 23.35 -40.28 24.42
O3 MAN F . 23.72 -38.09 26.12
O4 MAN F . 23.15 -36.03 24.21
O5 MAN F . 21.39 -38.93 22.79
O6 MAN F . 20.83 -37.06 20.79
H2 MAN F . 21.98 -40.00 25.79
H3 MAN F . 21.84 -37.70 25.68
H4 MAN F . 23.68 -37.82 23.55
H5 MAN F . 20.98 -37.06 23.42
H61 MAN F . 22.19 -35.99 21.74
H62 MAN F . 22.73 -37.36 21.23
HO2 MAN F . 23.98 -40.24 24.97
HO3 MAN F . 23.92 -37.29 26.28
HO4 MAN F . 23.32 -35.64 23.48
HO6 MAN F . 21.00 -36.72 20.04
C1 NAG G . 33.07 -2.74 -2.57
C2 NAG G . 34.30 -1.92 -2.16
C3 NAG G . 35.57 -2.66 -2.56
C4 NAG G . 35.57 -4.08 -1.99
C5 NAG G . 34.30 -4.80 -2.42
C6 NAG G . 34.17 -6.15 -1.76
C7 NAG G . 34.31 0.53 -2.05
C8 NAG G . 33.87 0.42 -0.62
N2 NAG G . 34.30 -0.60 -2.76
O3 NAG G . 36.70 -1.93 -2.11
O4 NAG G . 36.70 -4.79 -2.47
O5 NAG G . 33.13 -4.04 -2.03
O6 NAG G . 32.93 -6.76 -2.11
O7 NAG G . 34.68 1.59 -2.54
H2 NAG G . 34.28 -1.82 -1.20
H3 NAG G . 35.61 -2.75 -3.53
H4 NAG G . 35.62 -4.01 -1.02
H5 NAG G . 34.36 -4.90 -3.37
H61 NAG G . 34.90 -6.72 -2.04
H62 NAG G . 34.22 -6.06 -0.80
H81 NAG G . 33.92 1.30 -0.21
H82 NAG G . 32.95 0.10 -0.60
H83 NAG G . 34.46 -0.20 -0.16
HN2 NAG G . 34.29 -0.55 -3.62
HO3 NAG G . 37.40 -2.33 -2.33
HO4 NAG G . 36.69 -5.57 -2.15
HO6 NAG G . 32.88 -7.52 -1.73
C1 NAG G . 37.64 -5.02 -1.41
C2 NAG G . 38.47 -6.26 -1.75
C3 NAG G . 39.47 -6.52 -0.63
C4 NAG G . 40.33 -5.28 -0.41
C5 NAG G . 39.44 -4.08 -0.12
C6 NAG G . 40.21 -2.79 -0.01
C7 NAG G . 37.53 -8.00 -3.18
C8 NAG G . 36.85 -9.33 -3.21
N2 NAG G . 37.63 -7.41 -1.99
O3 NAG G . 40.27 -7.64 -0.96
O4 NAG G . 41.18 -5.50 0.71
O5 NAG G . 38.49 -3.90 -1.19
O6 NAG G . 40.84 -2.47 -1.24
O7 NAG G . 37.98 -7.47 -4.20
H2 NAG G . 38.94 -6.09 -2.57
H3 NAG G . 39.01 -6.71 0.19
H4 NAG G . 40.86 -5.11 -1.20
H5 NAG G . 39.01 -4.28 0.73
H61 NAG G . 39.61 -2.07 0.24
H62 NAG G . 40.88 -2.86 0.69
H81 NAG G . 36.83 -9.66 -4.12
H82 NAG G . 37.33 -9.95 -2.64
H83 NAG G . 35.94 -9.22 -2.88
HN2 NAG G . 37.18 -7.74 -1.33
HO3 NAG G . 40.83 -7.79 -0.34
HO4 NAG G . 41.66 -4.82 0.84
HO6 NAG G . 41.27 -1.75 -1.16
C1 BMA G . 42.56 -5.57 0.29
C2 BMA G . 43.43 -4.93 1.35
C3 BMA G . 44.89 -5.02 0.97
C4 BMA G . 45.26 -6.47 0.73
C5 BMA G . 44.33 -7.08 -0.32
C6 BMA G . 44.56 -8.56 -0.53
O2 BMA G . 43.18 -5.53 2.62
O3 BMA G . 45.70 -4.47 2.01
O4 BMA G . 46.61 -6.57 0.28
O5 BMA G . 42.96 -6.93 0.08
O6 BMA G . 44.33 -9.29 0.67
H2 BMA G . 43.21 -3.99 1.42
H3 BMA G . 45.05 -4.52 0.15
H4 BMA G . 45.16 -6.95 1.56
H5 BMA G . 44.52 -6.62 -1.15
H61 BMA G . 43.97 -8.88 -1.22
H62 BMA G . 45.47 -8.71 -0.83
HO2 BMA G . 42.37 -5.46 2.81
HO3 BMA G . 45.49 -3.66 2.13
HO4 BMA G . 47.11 -6.24 0.85
HO6 BMA G . 44.47 -10.11 0.53
C1 MAN G . 45.08 -10.53 0.62
C2 MAN G . 44.49 -11.44 -0.43
C3 MAN G . 43.11 -11.90 -0.02
C4 MAN G . 43.18 -12.56 1.35
C5 MAN G . 43.80 -11.60 2.36
C6 MAN G . 44.02 -12.24 3.72
O2 MAN G . 45.34 -12.55 -0.64
O3 MAN G . 42.59 -12.81 -0.99
O4 MAN G . 41.88 -12.91 1.79
O5 MAN G . 45.11 -11.18 1.89
O6 MAN G . 44.60 -11.32 4.64
H2 MAN G . 44.41 -10.95 -1.26
H3 MAN G . 42.51 -11.14 0.03
H4 MAN G . 43.72 -13.35 1.28
H5 MAN G . 43.18 -10.86 2.45
H61 MAN G . 43.17 -12.56 4.06
H62 MAN G . 44.59 -13.02 3.62
HO2 MAN G . 45.02 -13.05 -1.23
HO3 MAN G . 41.82 -13.06 -0.75
HO4 MAN G . 41.92 -13.28 2.55
HO6 MAN G . 44.70 -11.70 5.38
C1 NAG H . -22.42 -4.12 -24.08
C2 NAG H . -23.82 -3.94 -24.66
C3 NAG H . -24.02 -4.92 -25.81
C4 NAG H . -22.92 -4.78 -26.84
C5 NAG H . -21.55 -4.94 -26.17
C6 NAG H . -20.41 -4.67 -27.11
C7 NAG H . -25.61 -3.12 -23.22
C8 NAG H . -26.85 -3.51 -22.48
N2 NAG H . -24.83 -4.11 -23.66
O3 NAG H . -25.30 -4.70 -26.39
O4 NAG H . -23.01 -5.82 -27.82
O5 NAG H . -21.42 -4.00 -25.08
O6 NAG H . -19.16 -4.94 -26.48
O7 NAG H . -25.32 -1.94 -23.43
H2 NAG H . -23.89 -3.03 -25.00
H3 NAG H . -23.99 -5.83 -25.47
H4 NAG H . -23.01 -3.90 -27.26
H5 NAG H . -21.53 -5.86 -25.86
H61 NAG H . -20.49 -5.22 -27.91
H62 NAG H . -20.43 -3.74 -27.40
H81 NAG H . -27.33 -2.72 -22.23
H82 NAG H . -27.40 -4.07 -23.07
H83 NAG H . -26.59 -4.02 -21.69
HN2 NAG H . -24.94 -4.89 -23.30
HO3 NAG H . -25.42 -5.23 -27.02
HO4 NAG H . -22.40 -5.73 -28.38
HO6 NAG H . -18.54 -4.78 -27.02
C1 NAG H . -23.57 -5.34 -29.05
C2 NAG H . -22.79 -5.97 -30.21
C3 NAG H . -23.43 -5.60 -31.53
C4 NAG H . -24.90 -5.97 -31.52
C5 NAG H . -25.60 -5.35 -30.32
C6 NAG H . -27.04 -5.79 -30.19
C7 NAG H . -20.39 -6.35 -29.84
C8 NAG H . -20.76 -7.60 -29.10
N2 NAG H . -21.40 -5.55 -30.19
O3 NAG H . -22.75 -6.23 -32.60
O4 NAG H . -25.51 -5.48 -32.71
O5 NAG H . -24.94 -5.71 -29.10
O6 NAG H . -27.70 -5.08 -29.15
O7 NAG H . -19.22 -6.07 -30.11
H2 NAG H . -22.81 -6.93 -30.10
H3 NAG H . -23.37 -4.64 -31.66
H4 NAG H . -24.99 -6.94 -31.48
H5 NAG H . -25.58 -4.39 -30.48
H61 NAG H . -27.50 -5.66 -31.02
H62 NAG H . -27.06 -6.74 -30.00
H81 NAG H . -19.96 -8.09 -28.90
H82 NAG H . -21.21 -7.35 -28.28
H83 NAG H . -21.35 -8.14 -29.65
HN2 NAG H . -21.22 -4.75 -30.42
HO3 NAG H . -23.11 -6.02 -33.33
HO4 NAG H . -26.33 -5.69 -32.72
HO6 NAG H . -28.50 -5.35 -29.08
C1 BMA H . -25.99 -6.56 -33.53
C2 BMA H . -27.01 -5.97 -34.48
C3 BMA H . -27.51 -7.01 -35.44
C4 BMA H . -26.35 -7.65 -36.17
C5 BMA H . -25.34 -8.21 -35.18
C6 BMA H . -24.09 -8.73 -35.84
O2 BMA H . -26.43 -4.86 -35.17
O3 BMA H . -28.38 -6.40 -36.39
O4 BMA H . -26.82 -8.72 -37.00
O5 BMA H . -24.92 -7.17 -34.26
O6 BMA H . -23.44 -7.69 -36.56
H2 BMA H . -27.76 -5.65 -33.96
H3 BMA H . -28.00 -7.69 -34.95
H4 BMA H . -25.92 -6.98 -36.72
H5 BMA H . -25.79 -8.94 -34.72
H61 BMA H . -23.49 -9.10 -35.18
H62 BMA H . -24.32 -9.45 -36.45
HO2 BMA H . -26.16 -4.30 -34.62
HO4 BMA H . -27.38 -8.41 -37.55
HO6 BMA H . -22.74 -7.99 -36.93
C1 MAN H . -22.29 -8.23 -37.26
C2 MAN H . -21.43 -7.08 -37.75
C3 MAN H . -22.17 -6.28 -38.80
C4 MAN H . -22.60 -7.20 -39.93
C5 MAN H . -23.44 -8.34 -39.39
C6 MAN H . -23.77 -9.36 -40.45
O2 MAN H . -20.20 -7.58 -38.25
O3 MAN H . -21.32 -5.25 -39.31
O4 MAN H . -23.37 -6.46 -40.88
O5 MAN H . -22.69 -9.04 -38.36
O6 MAN H . -22.60 -9.76 -41.14
H2 MAN H . -21.25 -6.49 -37.00
H3 MAN H . -22.95 -5.88 -38.40
H4 MAN H . -21.80 -7.54 -40.36
H5 MAN H . -24.25 -7.95 -39.05
H61 MAN H . -24.19 -10.14 -40.04
H62 MAN H . -24.42 -8.99 -41.08
HO2 MAN H . -19.73 -6.93 -38.51
HO4 MAN H . -23.60 -6.97 -41.50
HO6 MAN H . -22.80 -10.33 -41.73
C1 MAN H . -22.95 -10.55 -42.29
C2 MAN H . -21.67 -11.12 -42.86
C3 MAN H . -20.77 -10.03 -43.37
C4 MAN H . -21.51 -9.21 -44.40
C5 MAN H . -22.80 -8.67 -43.79
C6 MAN H . -23.66 -7.93 -44.80
O2 MAN H . -22.00 -12.01 -43.92
O3 MAN H . -19.60 -10.60 -43.93
O4 MAN H . -20.71 -8.11 -44.82
O5 MAN H . -23.60 -9.76 -43.29
O6 MAN H . -24.95 -7.64 -44.27
H2 MAN H . -21.22 -11.60 -42.15
H3 MAN H . -20.51 -9.46 -42.63
H4 MAN H . -21.72 -9.77 -45.16
H5 MAN H . -22.54 -8.05 -43.09
H61 MAN H . -23.22 -7.10 -45.06
H62 MAN H . -23.75 -8.47 -45.60
HO2 MAN H . -21.29 -12.33 -44.24
HO3 MAN H . -19.10 -9.99 -44.21
HO4 MAN H . -21.13 -7.67 -45.39
HO6 MAN H . -25.41 -7.24 -44.84
C1 MAN H . -21.92 -13.37 -43.48
C2 MAN H . -21.90 -14.23 -44.72
C3 MAN H . -23.21 -14.09 -45.48
C4 MAN H . -24.37 -14.44 -44.56
C5 MAN H . -24.32 -13.58 -43.31
C6 MAN H . -25.37 -13.95 -42.29
O2 MAN H . -21.66 -15.59 -44.38
O3 MAN H . -23.21 -14.93 -46.63
O4 MAN H . -25.60 -14.23 -45.23
O5 MAN H . -23.04 -13.73 -42.66
O6 MAN H . -25.27 -13.15 -41.12
H2 MAN H . -21.19 -13.94 -45.31
H3 MAN H . -23.32 -13.17 -45.77
H4 MAN H . -24.29 -15.38 -44.31
H5 MAN H . -24.48 -12.66 -43.60
H61 MAN H . -26.25 -13.84 -42.68
H62 MAN H . -25.28 -14.88 -42.05
HO2 MAN H . -21.65 -16.06 -45.07
HO3 MAN H . -23.93 -14.86 -47.04
HO4 MAN H . -26.23 -14.43 -44.70
HO6 MAN H . -25.86 -13.38 -40.57
C1 MAN H . -21.18 -4.20 -38.34
C2 MAN H . -21.21 -2.88 -39.07
C3 MAN H . -20.01 -2.76 -39.98
C4 MAN H . -18.73 -2.96 -39.19
C5 MAN H . -18.77 -4.29 -38.45
C6 MAN H . -17.58 -4.51 -37.55
O2 MAN H . -21.24 -1.81 -38.12
O3 MAN H . -20.01 -1.49 -40.63
O4 MAN H . -17.60 -2.94 -40.05
O5 MAN H . -19.95 -4.35 -37.62
O6 MAN H . -17.72 -5.71 -36.80
H2 MAN H . -22.01 -2.83 -39.61
H3 MAN H . -20.06 -3.46 -40.67
H4 MAN H . -18.66 -2.24 -38.54
H5 MAN H . -18.77 -4.97 -39.14
H61 MAN H . -16.77 -4.54 -38.08
H62 MAN H . -17.49 -3.75 -36.94
HO2 MAN H . -21.24 -1.08 -38.53
HO3 MAN H . -19.35 -1.43 -41.14
HO4 MAN H . -16.90 -3.04 -39.60
HO6 MAN H . -17.04 -5.81 -36.31
C1 MAN H . -29.73 -6.41 -35.90
C2 MAN H . -30.65 -6.42 -37.09
C3 MAN H . -30.48 -5.16 -37.89
C4 MAN H . -30.75 -3.96 -37.00
C5 MAN H . -29.82 -4.00 -35.80
C6 MAN H . -30.09 -2.89 -34.81
O2 MAN H . -32.00 -6.57 -36.68
O3 MAN H . -31.40 -5.17 -38.99
O4 MAN H . -30.53 -2.75 -37.72
O5 MAN H . -29.99 -5.25 -35.09
O6 MAN H . -31.43 -2.93 -34.33
H2 MAN H . -30.40 -7.17 -37.66
H3 MAN H . -29.57 -5.10 -38.24
H4 MAN H . -31.67 -3.99 -36.71
H5 MAN H . -28.92 -3.90 -36.14
H61 MAN H . -29.47 -2.97 -34.06
H62 MAN H . -29.92 -2.03 -35.23
HO2 MAN H . -32.50 -6.57 -37.35
HO3 MAN H . -31.30 -4.47 -39.44
HO4 MAN H . -30.68 -2.09 -37.23
HO6 MAN H . -31.55 -2.31 -33.79
C1 MAN H . -32.43 -7.89 -37.04
C2 MAN H . -33.93 -7.96 -36.90
C3 MAN H . -34.34 -7.81 -35.46
C4 MAN H . -33.65 -8.87 -34.62
C5 MAN H . -32.14 -8.78 -34.81
C6 MAN H . -31.38 -9.88 -34.11
O2 MAN H . -34.39 -9.21 -37.40
O3 MAN H . -35.76 -7.93 -35.35
O4 MAN H . -33.98 -8.69 -33.25
O5 MAN H . -31.82 -8.89 -36.21
O6 MAN H . -31.47 -9.76 -32.70
H2 MAN H . -34.32 -7.24 -37.41
H3 MAN H . -34.08 -6.93 -35.14
H4 MAN H . -33.95 -9.75 -34.91
H5 MAN H . -31.87 -7.92 -34.44
H61 MAN H . -31.73 -10.74 -34.39
H62 MAN H . -30.45 -9.85 -34.38
HO2 MAN H . -35.23 -9.25 -37.32
HO3 MAN H . -35.98 -7.85 -34.55
HO4 MAN H . -33.59 -9.27 -32.79
HO6 MAN H . -31.04 -10.39 -32.34
C1 NAG I . 11.66 11.28 -28.32
C2 NAG I . 12.06 12.59 -29.01
C3 NAG I . 12.85 12.28 -30.27
C4 NAG I . 14.05 11.40 -29.97
C5 NAG I . 13.58 10.14 -29.25
C6 NAG I . 14.72 9.27 -28.79
C7 NAG I . 10.63 14.58 -28.87
C8 NAG I . 11.37 14.99 -27.63
N2 NAG I . 10.88 13.36 -29.34
O3 NAG I . 13.26 13.51 -30.86
O4 NAG I . 14.70 11.01 -31.17
O5 NAG I . 12.82 10.48 -28.08
O6 NAG I . 14.25 8.11 -28.11
O7 NAG I . 9.83 15.32 -29.42
H2 NAG I . 12.61 13.10 -28.40
H3 NAG I . 12.29 11.80 -30.90
H4 NAG I . 14.66 11.90 -29.41
H5 NAG I . 13.04 9.65 -29.89
H61 NAG I . 15.26 9.01 -29.54
H62 NAG I . 15.29 9.78 -28.19
H81 NAG I . 11.10 15.89 -27.38
H82 NAG I . 11.16 14.37 -26.92
H83 NAG I . 12.32 14.97 -27.82
HN2 NAG I . 10.31 13.02 -29.88
HO3 NAG I . 13.70 13.36 -31.56
HO4 NAG I . 15.36 10.53 -30.99
HO6 NAG I . 14.90 7.64 -27.86
C1 NAG I . 15.98 11.67 -31.30
C2 NAG I . 16.97 10.72 -31.98
C3 NAG I . 18.31 11.42 -32.15
C4 NAG I . 18.15 12.74 -32.88
C5 NAG I . 17.12 13.60 -32.15
C6 NAG I . 16.81 14.88 -32.89
C7 NAG I . 16.83 8.30 -31.75
C8 NAG I . 16.46 8.28 -33.20
N2 NAG I . 17.14 9.50 -31.24
O3 NAG I . 19.21 10.56 -32.84
O4 NAG I . 19.40 13.42 -32.86
O5 NAG I . 15.88 12.89 -32.00
O6 NAG I . 15.94 15.71 -32.13
O7 NAG I . 16.87 7.28 -31.06
H2 NAG I . 16.61 10.50 -32.86
H3 NAG I . 18.69 11.60 -31.27
H4 NAG I . 17.84 12.58 -33.79
H5 NAG I . 17.51 13.81 -31.29
H61 NAG I . 17.63 15.36 -33.08
H62 NAG I . 16.40 14.66 -33.75
H81 NAG I . 16.27 7.36 -33.46
H82 NAG I . 15.68 8.83 -33.33
H83 NAG I . 17.20 8.62 -33.72
HN2 NAG I . 17.44 9.54 -30.44
HO3 NAG I . 19.95 10.95 -32.94
HO4 NAG I . 19.33 14.15 -33.26
HO6 NAG I . 15.78 16.41 -32.57
C1 BMA I . 19.88 13.69 -34.19
C2 BMA I . 20.97 14.73 -34.06
C3 BMA I . 21.56 15.07 -35.41
C4 BMA I . 22.04 13.79 -36.09
C5 BMA I . 20.91 12.78 -36.16
C6 BMA I . 21.36 11.44 -36.72
O2 BMA I . 21.98 14.25 -33.18
O3 BMA I . 22.64 15.97 -35.24
O4 BMA I . 22.50 14.09 -37.40
O5 BMA I . 20.37 12.52 -34.85
O6 BMA I . 22.61 11.06 -36.17
H2 BMA I . 20.59 15.54 -33.70
H3 BMA I . 20.87 15.48 -35.96
H4 BMA I . 22.77 13.43 -35.57
H5 BMA I . 20.24 13.16 -36.76
H61 BMA I . 20.69 10.77 -36.53
H62 BMA I . 21.42 11.50 -37.69
HO2 BMA I . 21.64 14.07 -32.43
HO4 BMA I . 23.12 14.66 -37.36
HO6 BMA I . 22.83 10.31 -36.50
C1 MAN I . 22.24 17.30 -35.61
C2 MAN I . 23.49 18.12 -35.83
C3 MAN I . 24.27 18.27 -34.55
C4 MAN I . 23.39 18.89 -33.50
C5 MAN I . 22.13 18.06 -33.33
C6 MAN I . 21.14 18.67 -32.37
O2 MAN I . 23.12 19.41 -36.31
O3 MAN I . 25.42 19.08 -34.77
O4 MAN I . 24.07 18.99 -32.26
O5 MAN I . 21.45 17.92 -34.59
O6 MAN I . 19.94 17.90 -32.30
H2 MAN I . 24.05 17.67 -36.49
H3 MAN I . 24.57 17.40 -34.25
H4 MAN I . 23.13 19.79 -33.79
H5 MAN I . 22.42 17.20 -32.98
H61 MAN I . 21.53 18.74 -31.48
H62 MAN I . 20.92 19.57 -32.66
HO2 MAN I . 23.81 19.87 -36.43
HO3 MAN I . 25.85 19.16 -34.06
HO4 MAN I . 23.57 19.33 -31.68
HO6 MAN I . 19.40 18.26 -31.76
C1 MAN I . 23.93 19.78 -37.43
C2 MAN I . 23.63 21.23 -37.76
C3 MAN I . 22.20 21.38 -38.23
C4 MAN I . 21.96 20.47 -39.42
C5 MAN I . 22.30 19.03 -39.05
C6 MAN I . 22.19 18.07 -40.22
O2 MAN I . 24.55 21.69 -38.74
O3 MAN I . 21.96 22.74 -38.59
O4 MAN I . 20.59 20.55 -39.82
O5 MAN I . 23.66 18.96 -38.57
O6 MAN I . 20.83 17.85 -40.59
H2 MAN I . 23.74 21.76 -36.96
H3 MAN I . 21.60 21.13 -37.52
H4 MAN I . 22.52 20.75 -40.16
H5 MAN I . 21.65 18.77 -38.37
H61 MAN I . 22.69 18.42 -40.97
H62 MAN I . 22.61 17.22 -39.97
HO2 MAN I . 24.38 22.51 -38.92
HO3 MAN I . 21.16 22.82 -38.85
HO4 MAN I . 20.46 20.05 -40.48
HO6 MAN I . 20.80 17.31 -41.23
C1 MAN I . 22.53 9.74 -35.60
C2 MAN I . 23.61 9.64 -34.56
C3 MAN I . 24.98 9.77 -35.21
C4 MAN I . 25.13 8.68 -36.27
C5 MAN I . 23.98 8.81 -37.27
C6 MAN I . 24.00 7.70 -38.31
O2 MAN I . 23.51 8.42 -33.84
O3 MAN I . 26.01 9.65 -34.24
O4 MAN I . 26.36 8.84 -36.95
O5 MAN I . 22.72 8.72 -36.59
O6 MAN I . 22.92 7.84 -39.22
H2 MAN I . 23.52 10.37 -33.92
H3 MAN I . 25.04 10.63 -35.64
H4 MAN I . 25.09 7.81 -35.84
H5 MAN I . 24.10 9.66 -37.72
H61 MAN I . 24.84 7.73 -38.80
H62 MAN I . 23.96 6.85 -37.87
HO2 MAN I . 24.12 8.37 -33.27
HO3 MAN I . 26.76 9.73 -34.61
HO4 MAN I . 26.44 8.24 -37.53
HO6 MAN I . 22.94 7.22 -39.78
C1 MAN I . 26.71 10.91 -34.23
C2 MAN I . 28.00 10.76 -33.46
C3 MAN I . 27.71 10.51 -31.99
C4 MAN I . 26.84 11.62 -31.44
C5 MAN I . 25.56 11.74 -32.28
C6 MAN I . 24.71 12.91 -31.87
O2 MAN I . 28.80 11.93 -33.62
O3 MAN I . 28.93 10.42 -31.27
O4 MAN I . 26.48 11.34 -30.09
O5 MAN I . 25.92 11.96 -33.66
O6 MAN I . 25.36 14.16 -32.10
H2 MAN I . 28.49 10.00 -33.80
H3 MAN I . 27.23 9.66 -31.90
H4 MAN I . 27.34 12.45 -31.49
H5 MAN I . 25.07 10.93 -32.15
H61 MAN I . 23.87 12.90 -32.36
H62 MAN I . 24.48 12.84 -30.93
HO2 MAN I . 29.51 11.85 -33.19
HO3 MAN I . 28.76 10.27 -30.46
HO4 MAN I . 26.01 11.97 -29.80
HO6 MAN I . 24.87 14.79 -31.85
C1 NAG J . -6.13 -23.83 -62.03
C2 NAG J . -7.50 -24.45 -62.34
C3 NAG J . -7.57 -24.74 -63.84
C4 NAG J . -7.32 -23.47 -64.63
C5 NAG J . -5.97 -22.90 -64.23
C6 NAG J . -5.66 -21.57 -64.88
C7 NAG J . -6.98 -26.26 -60.76
C8 NAG J . -7.45 -26.32 -59.32
N2 NAG J . -7.81 -25.65 -61.61
O3 NAG J . -8.84 -25.30 -64.11
O4 NAG J . -7.29 -23.77 -66.03
O5 NAG J . -5.93 -22.66 -62.81
O6 NAG J . -6.54 -20.55 -64.41
O7 NAG J . -5.93 -26.77 -61.12
H2 NAG J . -8.16 -23.79 -62.06
H3 NAG J . -6.88 -25.37 -64.09
H4 NAG J . -8.02 -22.83 -64.46
H5 NAG J . -5.31 -23.56 -64.52
H61 NAG J . -4.74 -21.32 -64.68
H62 NAG J . -5.74 -21.65 -65.84
H81 NAG J . -6.78 -26.77 -58.80
H82 NAG J . -7.56 -25.41 -59.01
H83 NAG J . -8.29 -26.79 -59.29
HN2 NAG J . -8.59 -26.00 -61.72
HO3 NAG J . -8.91 -25.47 -64.93
HO4 NAG J . -7.15 -23.07 -66.46
HO6 NAG J . -6.36 -19.82 -64.78
C1 NAG J . -8.60 -23.30 -66.54
C2 NAG J . -8.38 -22.70 -67.94
C3 NAG J . -9.71 -22.34 -68.57
C4 NAG J . -10.61 -23.56 -68.63
C5 NAG J . -10.77 -24.12 -67.22
C6 NAG J . -11.55 -25.42 -67.17
C7 NAG J . -7.71 -20.42 -67.29
C8 NAG J . -6.71 -19.33 -67.54
N2 NAG J . -7.47 -21.57 -67.92
O3 NAG J . -9.50 -21.82 -69.87
O4 NAG J . -11.88 -23.19 -69.15
O5 NAG J . -9.47 -24.41 -66.66
O6 NAG J . -11.52 -25.98 -65.86
O7 NAG J . -8.65 -20.26 -66.52
H2 NAG J . -7.94 -23.38 -68.48
H3 NAG J . -10.15 -21.67 -68.04
H4 NAG J . -10.22 -24.25 -69.19
H5 NAG J . -11.24 -23.44 -66.72
H61 NAG J . -12.47 -25.25 -67.44
H62 NAG J . -11.18 -26.05 -67.81
H81 NAG J . -6.97 -18.54 -67.04
H82 NAG J . -5.83 -19.64 -67.26
H83 NAG J . -6.70 -19.14 -68.49
HN2 NAG J . -6.73 -21.65 -68.35
HO3 NAG J . -10.24 -21.61 -70.22
HO4 NAG J . -12.38 -23.86 -69.18
HO6 NAG J . -11.97 -26.69 -65.86
C1 NAG K . -21.31 -26.20 4.10
C2 NAG K . -22.69 -26.42 4.71
C3 NAG K . -23.31 -27.71 4.17
C4 NAG K . -23.35 -27.68 2.66
C5 NAG K . -21.95 -27.42 2.11
C6 NAG K . -21.91 -27.25 0.61
C7 NAG K . -23.20 -25.67 7.00
C8 NAG K . -23.63 -24.35 6.44
N2 NAG K . -22.61 -26.51 6.15
O3 NAG K . -24.60 -27.89 4.71
O4 NAG K . -23.85 -28.93 2.18
O5 NAG K . -21.42 -26.21 2.68
O6 NAG K . -22.59 -26.04 0.22
O7 NAG K . -23.40 -25.98 8.17
H2 NAG K . -23.24 -25.67 4.47
H3 NAG K . -22.75 -28.47 4.43
H4 NAG K . -23.94 -26.97 2.36
H5 NAG K . -21.43 -28.21 2.35
H61 NAG K . -20.99 -27.21 0.30
H62 NAG K . -22.33 -28.00 0.18
H81 NAG K . -24.04 -23.84 7.15
H82 NAG K . -22.85 -23.89 6.11
H83 NAG K . -24.26 -24.50 5.72
HN2 NAG K . -22.15 -27.16 6.49
HO3 NAG K . -24.93 -28.60 4.41
HO4 NAG K . -23.88 -28.91 1.34
HO6 NAG K . -22.55 -25.96 -0.61
C1 NAG K . -24.74 -28.77 1.06
C2 NAG K . -25.20 -30.17 0.65
C3 NAG K . -26.12 -30.08 -0.57
C4 NAG K . -27.29 -29.16 -0.24
C5 NAG K . -26.75 -27.80 0.19
C6 NAG K . -27.86 -26.86 0.63
C7 NAG K . -23.15 -31.01 -0.52
C8 NAG K . -22.99 -29.68 -1.19
N2 NAG K . -24.10 -31.09 0.43
O3 NAG K . -26.57 -31.37 -0.93
O4 NAG K . -28.11 -29.00 -1.39
O5 NAG K . -25.87 -27.95 1.33
O6 NAG K . -27.33 -25.57 0.96
O7 NAG K . -22.45 -31.97 -0.81
H2 NAG K . -25.69 -30.55 1.39
H3 NAG K . -25.63 -29.70 -1.32
H4 NAG K . -27.81 -29.55 0.48
H5 NAG K . -26.30 -27.43 -0.57
H61 NAG K . -28.51 -26.77 -0.08
H62 NAG K . -28.31 -27.22 1.40
H81 NAG K . -22.28 -29.73 -1.84
H82 NAG K . -23.82 -29.43 -1.62
H83 NAG K . -22.77 -29.01 -0.51
HN2 NAG K . -24.05 -31.77 0.96
HO3 NAG K . -27.08 -31.31 -1.60
HO4 NAG K . -28.76 -28.49 -1.20
HO6 NAG K . -27.97 -25.07 1.20
C1 BMA K . -29.40 -29.60 -1.15
C2 BMA K . -30.48 -28.79 -1.84
C3 BMA K . -31.83 -29.43 -1.63
C4 BMA K . -31.81 -30.87 -2.08
C5 BMA K . -30.68 -31.62 -1.37
C6 BMA K . -30.52 -33.04 -1.87
O2 BMA K . -30.18 -28.67 -3.22
O3 BMA K . -32.84 -28.71 -2.33
O4 BMA K . -33.04 -31.50 -1.80
O5 BMA K . -29.43 -30.95 -1.59
O6 BMA K . -30.14 -33.08 -3.24
H2 BMA K . -30.51 -27.91 -1.45
H3 BMA K . -32.05 -29.41 -0.68
H4 BMA K . -31.65 -30.89 -3.04
H5 BMA K . -30.93 -31.65 -0.43
H61 BMA K . -29.84 -33.49 -1.34
H62 BMA K . -31.34 -33.52 -1.75
HO2 BMA K . -29.42 -28.31 -3.32
HO3 BMA K . -32.85 -27.91 -2.08
HO4 BMA K . -33.66 -31.09 -2.19
C1 MAN K . -33.34 -27.67 -1.49
C2 MAN K . -34.81 -27.48 -1.80
C3 MAN K . -35.00 -26.98 -3.21
C4 MAN K . -34.20 -25.70 -3.41
C5 MAN K . -32.74 -25.94 -3.06
C6 MAN K . -31.91 -24.68 -3.11
O2 MAN K . -35.40 -26.58 -0.86
O3 MAN K . -36.38 -26.76 -3.48
O4 MAN K . -34.29 -25.27 -4.76
O5 MAN K . -32.64 -26.44 -1.70
O6 MAN K . -32.36 -23.73 -2.15
H2 MAN K . -35.27 -28.33 -1.72
H3 MAN K . -34.67 -27.65 -3.84
H4 MAN K . -34.57 -25.02 -2.83
H5 MAN K . -32.40 -26.56 -3.71
H61 MAN K . -30.98 -24.88 -2.94
H62 MAN K . -31.96 -24.29 -3.99
HO2 MAN K . -36.22 -26.48 -1.03
HO3 MAN K . -36.47 -26.47 -4.26
HO4 MAN K . -33.86 -24.55 -4.85
HO6 MAN K . -31.90 -23.03 -2.19
C1 MAN K . -30.17 -34.45 -3.67
C2 MAN K . -28.75 -34.98 -3.76
C3 MAN K . -28.00 -34.29 -4.88
C4 MAN K . -28.75 -34.44 -6.19
C5 MAN K . -30.18 -33.91 -6.02
C6 MAN K . -31.04 -34.15 -7.25
O2 MAN K . -28.77 -36.39 -3.97
O3 MAN K . -26.69 -34.84 -4.99
O4 MAN K . -28.10 -33.72 -7.21
O5 MAN K . -30.84 -34.59 -4.93
O6 MAN K . -30.64 -33.32 -8.34
H2 MAN K . -28.29 -34.80 -2.93
H3 MAN K . -27.92 -33.34 -4.67
H4 MAN K . -28.78 -35.38 -6.42
H5 MAN K . -30.10 -32.96 -5.87
H61 MAN K . -30.99 -35.08 -7.51
H62 MAN K . -31.97 -33.97 -7.03
HO2 MAN K . -27.99 -36.68 -4.02
HO3 MAN K . -26.27 -34.45 -5.62
HO4 MAN K . -28.53 -33.80 -7.94
HO6 MAN K . -31.14 -33.47 -9.00
C1 NAG L . -4.16 -60.41 -10.62
C2 NAG L . -5.62 -60.19 -10.99
C3 NAG L . -6.48 -61.21 -10.24
C4 NAG L . -6.00 -62.62 -10.52
C5 NAG L . -4.51 -62.74 -10.16
C6 NAG L . -3.92 -64.08 -10.53
C7 NAG L . -5.92 -57.83 -11.54
C8 NAG L . -4.86 -56.84 -11.16
N2 NAG L . -6.09 -58.85 -10.71
O3 NAG L . -7.84 -61.06 -10.63
O4 NAG L . -6.76 -63.51 -9.71
O5 NAG L . -3.76 -61.75 -10.86
O6 NAG L . -2.50 -63.99 -10.61
O7 NAG L . -6.60 -57.70 -12.56
H2 NAG L . -5.70 -60.32 -11.95
H3 NAG L . -6.41 -61.04 -9.30
H4 NAG L . -6.10 -62.85 -11.45
H5 NAG L . -4.48 -62.63 -9.19
H61 NAG L . -4.17 -64.74 -9.89
H62 NAG L . -4.27 -64.36 -11.40
H81 NAG L . -4.83 -56.14 -11.83
H82 NAG L . -5.09 -56.47 -10.30
H83 NAG L . -4.01 -57.30 -11.12
HN2 NAG L . -6.49 -58.71 -9.96
HO3 NAG L . -8.31 -61.62 -10.22
HO4 NAG L . -6.50 -64.30 -9.84
HO6 NAG L . -2.19 -64.74 -10.81
C1 NAG L . -7.01 -64.68 -10.59
C2 NAG L . -7.20 -65.91 -9.71
C3 NAG L . -7.43 -67.12 -10.60
C4 NAG L . -8.62 -66.88 -11.51
C5 NAG L . -8.38 -65.62 -12.33
C6 NAG L . -9.55 -65.22 -13.19
C7 NAG L . -6.09 -65.75 -7.55
C8 NAG L . -5.06 -64.71 -7.18
N2 NAG L . -6.09 -66.14 -8.82
O3 NAG L . -7.64 -68.27 -9.78
O4 NAG L . -8.77 -67.99 -12.39
O5 NAG L . -8.14 -64.50 -11.45
O6 NAG L . -10.64 -64.78 -12.40
O7 NAG L . -6.87 -66.21 -6.72
H2 NAG L . -7.98 -65.76 -9.15
H3 NAG L . -6.65 -67.28 -11.16
H4 NAG L . -9.43 -66.78 -10.98
H5 NAG L . -7.61 -65.81 -12.89
H61 NAG L . -9.28 -64.53 -13.81
H62 NAG L . -9.83 -65.99 -13.72
H81 NAG L . -5.15 -64.51 -6.23
H82 NAG L . -4.18 -65.06 -7.37
H83 NAG L . -5.23 -63.92 -7.71
HN2 NAG L . -5.39 -66.54 -9.13
HO3 NAG L . -7.76 -68.95 -10.28
HO4 NAG L . -9.42 -67.86 -12.91
HO6 NAG L . -11.29 -64.56 -12.90
N1 ACH M . 4.70 -39.63 3.20
C2 ACH M . 3.84 -39.64 1.95
C3 ACH M . 4.40 -40.29 0.71
O4 ACH M . 3.44 -41.22 0.20
C5 ACH M . 3.84 -42.03 -0.77
O7 ACH M . 4.01 -41.67 -1.89
C6 ACH M . 4.03 -43.43 -0.26
C8 ACH M . 6.00 -38.97 2.97
C9 ACH M . 3.96 -38.83 4.22
C10 ACH M . 4.93 -40.99 3.76
H21 ACH M . 3.01 -40.07 2.17
H22 ACH M . 3.64 -38.72 1.73
H31 ACH M . 4.59 -39.62 0.04
H32 ACH M . 5.23 -40.75 0.92
H61 ACH M . 4.32 -44.00 -0.99
H62 ACH M . 4.70 -43.43 0.44
H63 ACH M . 3.19 -43.75 0.10
H81 ACH M . 6.52 -38.98 3.79
H82 ACH M . 6.48 -39.45 2.27
H83 ACH M . 5.85 -38.05 2.69
H91 ACH M . 4.48 -38.81 5.04
H92 ACH M . 3.83 -37.92 3.89
H93 ACH M . 3.11 -39.25 4.39
H101 ACH M . 5.48 -40.92 4.55
H102 ACH M . 4.07 -41.40 3.98
H103 ACH M . 5.39 -41.54 3.09
N POV N . 4.83 19.63 45.52
P POV N . 4.35 24.02 45.32
C1 POV N . 5.98 24.21 43.26
C2 POV N . 6.70 23.42 42.19
C3 POV N . 7.44 24.29 41.21
C310 POV N . 14.57 26.46 34.24
C11 POV N . 3.41 21.67 46.09
O11 POV N . 5.08 23.37 44.05
C311 POV N . 15.26 27.71 33.76
C12 POV N . 4.40 21.03 45.15
O12 POV N . 3.13 23.03 45.64
C13 POV N . 3.82 19.01 46.42
O13 POV N . 3.77 25.34 44.90
C14 POV N . 6.14 19.67 46.23
O14 POV N . 5.31 23.95 46.47
C15 POV N . 4.98 18.79 44.30
C21 POV N . 5.69 21.29 41.71
O21 POV N . 5.75 22.60 41.44
C22 POV N . 7.02 20.59 41.72
O22 POV N . 4.65 20.73 41.92
C23 POV N . 7.70 20.59 40.38
C24 POV N . 6.83 20.00 39.30
C25 POV N . 7.43 20.07 37.90
C26 POV N . 6.48 19.69 36.80
C27 POV N . 7.06 19.78 35.41
C28 POV N . 8.12 18.77 35.11
C31 POV N . 8.57 26.20 42.03
O31 POV N . 8.59 24.88 41.87
C32 POV N . 9.45 26.90 41.03
O32 POV N . 7.93 26.75 42.89
C33 POV N . 8.99 26.72 39.62
C34 POV N . 10.08 27.03 38.61
C35 POV N . 10.43 28.49 38.50
C36 POV N . 11.64 28.75 37.64
C37 POV N . 11.69 27.86 36.41
C38 POV N . 13.06 27.73 35.81
C39 POV N . 13.17 26.69 34.73
H1 POV N . 6.63 24.62 43.85
H1A POV N . 5.47 24.93 42.84
H2 POV N . 7.34 22.87 42.67
H3 POV N . 7.73 23.76 40.45
H3A POV N . 6.86 24.98 40.86
H310 POV N . 14.55 25.82 33.51
H31A POV N . 15.10 26.06 34.95
H11 POV N . 2.59 21.15 46.13
H11A POV N . 3.77 21.70 47.00
H12 POV N . 5.19 21.59 45.10
H12A POV N . 4.01 21.00 44.27
H22 POV N . 7.60 21.03 42.36
H22A POV N . 6.91 19.67 42.01
H32 POV N . 9.47 27.84 41.24
H32A POV N . 10.35 26.56 41.12
H13 POV N . 4.11 18.11 46.66
H13A POV N . 3.74 19.54 47.22
H13B POV N . 2.98 18.96 45.96
H23 POV N . 7.94 21.50 40.14
H23A POV N . 8.53 20.09 40.44
H33 POV N . 8.69 25.80 39.49
H33A POV N . 8.23 27.29 39.45
H14 POV N . 6.41 18.77 46.46
H14A POV N . 6.81 20.08 45.64
H14B POV N . 6.05 20.21 47.03
H24 POV N . 6.65 19.07 39.51
H24A POV N . 5.98 20.46 39.28
H34 POV N . 10.88 26.53 38.85
H34A POV N . 9.81 26.71 37.74
H15 POV N . 5.26 17.90 44.56
H15A POV N . 4.12 18.75 43.85
H15B POV N . 5.64 19.19 43.72
H25 POV N . 7.75 20.96 37.75
H25A POV N . 8.21 19.48 37.87
H35 POV N . 9.68 28.98 38.14
H35A POV N . 10.60 28.86 39.39
H26 POV N . 6.17 18.78 36.95
H26A POV N . 5.70 20.25 36.86
H36 POV N . 11.63 29.67 37.35
H36A POV N . 12.44 28.61 38.16
H27 POV N . 6.35 19.68 34.75
H27A POV N . 7.43 20.67 35.28
H37 POV N . 11.37 26.98 36.66
H37A POV N . 11.09 28.21 35.74
H38 POV N . 13.33 28.59 35.45
H38A POV N . 13.70 27.52 36.52
H39 POV N . 12.61 26.96 33.99
H39A POV N . 12.81 25.85 35.07
N POV O . 22.68 19.65 -4.54
P POV O . 21.81 21.91 -0.93
C1 POV O . 21.38 20.47 1.23
C2 POV O . 20.27 20.62 2.26
C3 POV O . 19.66 22.00 2.27
C310 POV O . 19.08 22.12 -5.39
C11 POV O . 22.72 19.66 -1.98
O11 POV O . 20.89 20.91 -0.06
C311 POV O . 18.43 22.81 -6.57
C12 POV O . 23.48 19.48 -3.26
O12 POV O . 23.02 20.96 -1.41
C13 POV O . 21.23 19.52 -4.26
O13 POV O . 21.02 22.32 -2.14
C14 POV O . 23.08 18.62 -5.53
O14 POV O . 22.36 22.95 -0.01
C15 POV O . 22.94 21.00 -5.13
C21 POV O . 21.14 19.05 3.87
O21 POV O . 20.82 20.32 3.58
C22 POV O . 20.01 18.28 4.50
O22 POV O . 22.22 18.58 3.65
C23 POV O . 20.42 16.91 4.92
C24 POV O . 19.76 16.48 6.22
C25 POV O . 20.31 15.20 6.80
C26 POV O . 19.29 14.34 7.50
C31 POV O . 17.33 21.67 2.38
O31 POV O . 18.45 21.97 3.05
C32 POV O . 17.25 22.39 1.07
O32 POV O . 16.49 20.92 2.80
C33 POV O . 15.90 22.97 0.79
C34 POV O . 15.04 22.05 -0.06
C35 POV O . 15.59 21.77 -1.43
C36 POV O . 15.04 22.65 -2.50
C37 POV O . 16.09 23.24 -3.42
C38 POV O . 16.84 22.20 -4.23
C39 POV O . 18.33 22.27 -4.09
H1 POV O . 22.15 20.99 1.50
H1A POV O . 21.66 19.54 1.19
H2 POV O . 19.58 20.00 2.03
H3 POV O . 20.28 22.64 2.65
H3A POV O . 19.47 22.29 1.36
H310 POV O . 19.17 21.18 -5.60
H31A POV O . 19.99 22.47 -5.28
H11 POV O . 21.76 19.58 -2.15
H11A POV O . 22.96 18.96 -1.36
H12 POV O . 23.88 18.60 -3.27
H12A POV O . 24.22 20.12 -3.27
H22 POV O . 19.68 18.76 5.26
H22A POV O . 19.28 18.21 3.86
H32 POV O . 17.91 23.11 1.06
H32A POV O . 17.49 21.78 0.35
H13 POV O . 20.73 19.64 -5.08
H13A POV O . 21.06 18.64 -3.89
H13B POV O . 20.97 20.21 -3.62
H23 POV O . 20.20 16.27 4.23
H23A POV O . 21.39 16.89 5.03
H33 POV O . 15.46 23.15 1.63
H33A POV O . 16.01 23.82 0.33
H14 POV O . 22.56 18.75 -6.35
H14A POV O . 24.02 18.71 -5.72
H14B POV O . 22.90 17.73 -5.16
H24 POV O . 19.86 17.19 6.88
H24A POV O . 18.81 16.37 6.06
H34 POV O . 14.92 21.21 0.42
H34A POV O . 14.16 22.45 -0.15
H15 POV O . 22.42 21.10 -5.94
H15A POV O . 22.67 21.68 -4.48
H15B POV O . 23.88 21.09 -5.31
H25 POV O . 20.72 14.68 6.08
H25A POV O . 21.02 15.42 7.42
H35 POV O . 16.56 21.87 -1.40
H35A POV O . 15.41 20.84 -1.66
H36 POV O . 14.41 22.15 -3.04
H36A POV O . 14.55 23.39 -2.09
H37 POV O . 15.66 23.86 -4.04
H37A POV O . 16.72 23.74 -2.90
H38 POV O . 16.54 21.32 -3.96
H38A POV O . 16.60 22.31 -5.17
H39 POV O . 18.63 21.58 -3.48
H39A POV O . 18.58 23.12 -3.69
N1 ACH P . -5.81 -10.24 -37.27
C2 ACH P . -4.33 -10.38 -37.00
C3 ACH P . -3.62 -11.69 -37.29
O4 ACH P . -3.50 -11.90 -38.69
C5 ACH P . -2.68 -12.86 -39.12
O7 ACH P . -2.06 -13.58 -38.38
C6 ACH P . -2.66 -12.92 -40.61
C8 ACH P . -6.24 -8.87 -36.87
C9 ACH P . -6.07 -10.39 -38.73
C10 ACH P . -6.65 -11.21 -36.53
H21 ACH P . -3.88 -9.70 -37.52
H22 ACH P . -4.18 -10.18 -36.07
H31 ACH P . -2.74 -11.68 -36.88
H32 ACH P . -4.11 -12.43 -36.88
H61 ACH P . -2.06 -13.63 -40.89
H62 ACH P . -3.55 -13.10 -40.93
H63 ACH P . -2.35 -12.07 -40.96
H81 ACH P . -7.19 -8.78 -37.04
H82 ACH P . -6.07 -8.75 -35.92
H83 ACH P . -5.75 -8.22 -37.38
H91 ACH P . -7.02 -10.30 -38.90
H92 ACH P . -5.57 -9.71 -39.22
H93 ACH P . -5.77 -11.27 -39.01
H101 ACH P . -7.59 -11.06 -36.76
H102 ACH P . -6.40 -12.12 -36.80
H103 ACH P . -6.51 -11.11 -35.58
#